data_5U8Z
#
_entry.id   5U8Z
#
_cell.length_a   101.037
_cell.length_b   101.037
_cell.length_c   448.622
_cell.angle_alpha   90.00
_cell.angle_beta   90.00
_cell.angle_gamma   120.00
#
_symmetry.space_group_name_H-M   'P 32 2 1'
#
loop_
_entity.id
_entity.type
_entity.pdbx_description
1 polymer 'Carotenoid oxygenase 1'
2 non-polymer 'FE (II) ION'
3 non-polymer 5-[(Z)-2-fluoro-2-(4-hydroxyphenyl)ethenyl]benzene-1,3-diol
4 non-polymer 'CHLORIDE ION'
5 non-polymer 'DIMETHYL SULFOXIDE'
6 water water
#
_entity_poly.entity_id   1
_entity_poly.type   'polypeptide(L)'
_entity_poly.pdbx_seq_one_letter_code
;MAEYVFSDAPKDSHGNGVKDAVPGKQPEELPPAPRYFQGENTAGFMRPVRFEGDITNLEVVGEIPKSIEGTFYRVMPEPH
LPSFIPNDPWFNGDGNISGFYFKDGHVDLKQRYVRTEKFVREAEARRSLLGKYRNRYTDLVEFKIRSTANTNIVYWRGQL
LALKEDSPPYAMDPETLETFGVYDFDGQLPSLTFTAHPKFDPVTREMVCFGYEAKGDGTRDICYYSFGPDGKIAETVWLV
SPVCGMIHDFAVTENFVIFPIIPLVCDVERMKQGGDHWQWDYSIPMYIGVLPRRGAQGSDVKWFEAPHGFAGHVANAFED
DKGHIQLQMAYAKDNVFFWWPDANGKGPRPGEVEAHFANFVLDYQSDKLPLAEPTYLVDDDMEFPRIDDRVATRKHKHTF
FCIFDRKPGVTDFEFVMPRAGGGAPMSNGLAHLNHETGDIQRYLPGPRKLTGECIFIPRNSEAAEGDGYVMVLLANYEDM
CSELAVLDTKDLTNEVALIKLPVRLRPGLHGNWVDKSDVDGHPAPL
;
_entity_poly.pdbx_strand_id   A,B,C,D
#
# COMPACT_ATOMS: atom_id res chain seq x y z
N LEU A 30 5.41 -29.75 20.52
CA LEU A 30 4.65 -29.97 19.26
C LEU A 30 5.42 -30.95 18.35
N PRO A 31 4.71 -31.71 17.45
CA PRO A 31 5.46 -32.54 16.44
C PRO A 31 6.39 -31.64 15.60
N PRO A 32 7.66 -32.06 15.38
CA PRO A 32 8.63 -31.10 14.83
C PRO A 32 8.22 -30.65 13.41
N ALA A 33 8.50 -29.38 13.11
CA ALA A 33 8.15 -28.76 11.81
C ALA A 33 9.29 -29.00 10.82
N PRO A 34 9.14 -29.89 9.83
CA PRO A 34 10.25 -30.01 8.85
C PRO A 34 10.51 -28.68 8.07
N ARG A 35 11.78 -28.45 7.70
CA ARG A 35 12.21 -27.21 7.01
C ARG A 35 12.39 -27.31 5.47
N TYR A 36 12.21 -28.51 4.94
CA TYR A 36 12.11 -28.76 3.51
C TYR A 36 11.14 -29.88 3.24
N PHE A 37 10.63 -29.96 2.00
CA PHE A 37 9.62 -30.93 1.65
C PHE A 37 10.28 -32.28 1.43
N GLN A 38 9.65 -33.33 1.96
CA GLN A 38 10.11 -34.73 1.84
C GLN A 38 8.91 -35.61 1.54
N GLY A 39 9.16 -36.72 0.87
CA GLY A 39 8.09 -37.64 0.49
C GLY A 39 7.65 -37.49 -0.94
N GLU A 40 7.09 -38.56 -1.46
CA GLU A 40 6.69 -38.67 -2.86
C GLU A 40 5.65 -37.59 -3.29
N ASN A 41 4.75 -37.21 -2.38
CA ASN A 41 3.69 -36.24 -2.71
C ASN A 41 4.19 -34.82 -2.91
N THR A 42 5.44 -34.55 -2.56
CA THR A 42 6.05 -33.27 -2.78
C THR A 42 7.37 -33.42 -3.52
N ALA A 43 7.56 -34.51 -4.26
CA ALA A 43 8.80 -34.71 -5.06
C ALA A 43 8.55 -34.41 -6.52
N GLY A 44 9.63 -34.11 -7.24
CA GLY A 44 9.58 -33.94 -8.68
C GLY A 44 8.67 -32.79 -9.08
N PHE A 45 7.81 -33.02 -10.06
CA PHE A 45 6.89 -32.01 -10.53
C PHE A 45 5.91 -31.61 -9.41
N MET A 46 5.74 -32.46 -8.39
CA MET A 46 4.86 -32.14 -7.25
C MET A 46 5.50 -31.27 -6.20
N ARG A 47 6.79 -30.95 -6.31
CA ARG A 47 7.44 -30.09 -5.36
C ARG A 47 6.79 -28.69 -5.34
N PRO A 48 6.33 -28.25 -4.14
CA PRO A 48 5.71 -26.92 -4.09
C PRO A 48 6.67 -25.83 -4.52
N VAL A 49 6.15 -24.85 -5.25
CA VAL A 49 6.92 -23.68 -5.63
C VAL A 49 6.60 -22.54 -4.67
N ARG A 50 5.31 -22.31 -4.47
CA ARG A 50 4.79 -21.44 -3.40
C ARG A 50 5.00 -19.95 -3.69
N PHE A 51 4.98 -19.63 -4.97
CA PHE A 51 5.19 -18.25 -5.36
C PHE A 51 3.83 -17.56 -5.48
N GLU A 52 3.82 -16.28 -5.15
CA GLU A 52 2.70 -15.38 -5.33
C GLU A 52 3.24 -14.13 -6.02
N GLY A 53 2.51 -13.59 -6.97
CA GLY A 53 2.89 -12.37 -7.65
C GLY A 53 2.45 -12.34 -9.08
N ASP A 54 3.28 -11.80 -9.97
CA ASP A 54 2.91 -11.58 -11.39
C ASP A 54 4.03 -12.01 -12.32
N ILE A 55 3.65 -12.50 -13.47
CA ILE A 55 4.52 -12.66 -14.62
C ILE A 55 3.69 -12.13 -15.78
N THR A 56 4.00 -10.93 -16.26
CA THR A 56 3.25 -10.35 -17.40
C THR A 56 3.87 -10.76 -18.74
N ASN A 57 3.09 -10.65 -19.80
CA ASN A 57 3.57 -10.84 -21.16
C ASN A 57 4.21 -12.20 -21.32
N LEU A 58 3.45 -13.24 -21.04
CA LEU A 58 4.00 -14.58 -21.15
C LEU A 58 4.49 -14.85 -22.56
N GLU A 59 5.56 -15.63 -22.66
CA GLU A 59 6.06 -16.09 -23.95
C GLU A 59 5.05 -16.95 -24.60
N VAL A 60 4.89 -16.78 -25.90
CA VAL A 60 3.92 -17.50 -26.72
C VAL A 60 4.56 -18.01 -28.00
N VAL A 61 4.37 -19.29 -28.26
CA VAL A 61 4.72 -19.95 -29.54
C VAL A 61 3.41 -20.11 -30.27
N GLY A 62 3.37 -19.74 -31.55
CA GLY A 62 2.14 -19.68 -32.32
C GLY A 62 1.49 -18.32 -32.08
N GLU A 63 0.16 -18.31 -32.06
CA GLU A 63 -0.59 -17.08 -31.99
C GLU A 63 -1.91 -17.27 -31.25
N ILE A 64 -2.10 -16.52 -30.17
CA ILE A 64 -3.35 -16.57 -29.42
C ILE A 64 -4.36 -15.81 -30.27
N PRO A 65 -5.53 -16.42 -30.59
CA PRO A 65 -6.57 -15.69 -31.33
C PRO A 65 -6.87 -14.35 -30.67
N LYS A 66 -6.79 -13.30 -31.47
CA LYS A 66 -6.87 -11.93 -30.94
C LYS A 66 -8.23 -11.54 -30.37
N SER A 67 -9.25 -12.24 -30.76
CA SER A 67 -10.59 -11.97 -30.26
C SER A 67 -10.87 -12.60 -28.88
N ILE A 68 -10.04 -13.52 -28.40
CA ILE A 68 -10.26 -14.08 -27.05
C ILE A 68 -10.03 -12.95 -26.04
N GLU A 69 -11.00 -12.71 -25.18
CA GLU A 69 -10.84 -11.72 -24.12
C GLU A 69 -11.53 -12.20 -22.82
N GLY A 70 -10.75 -12.34 -21.76
CA GLY A 70 -11.25 -12.82 -20.48
C GLY A 70 -10.15 -13.39 -19.62
N THR A 71 -10.55 -14.16 -18.61
CA THR A 71 -9.60 -14.71 -17.66
C THR A 71 -9.87 -16.18 -17.37
N PHE A 72 -8.82 -16.98 -17.39
CA PHE A 72 -8.83 -18.38 -16.99
C PHE A 72 -8.34 -18.40 -15.56
N TYR A 73 -9.23 -18.74 -14.62
CA TYR A 73 -8.84 -18.92 -13.22
C TYR A 73 -8.72 -20.41 -12.94
N ARG A 74 -7.68 -20.83 -12.21
CA ARG A 74 -7.54 -22.21 -11.80
C ARG A 74 -7.00 -22.23 -10.36
N VAL A 75 -7.27 -23.30 -9.64
CA VAL A 75 -6.77 -23.46 -8.27
C VAL A 75 -5.95 -24.74 -8.19
N MET A 76 -4.86 -24.67 -7.44
CA MET A 76 -4.08 -25.86 -7.14
C MET A 76 -3.88 -25.96 -5.64
N PRO A 77 -3.95 -27.19 -5.09
CA PRO A 77 -3.41 -27.38 -3.76
C PRO A 77 -1.91 -27.21 -3.80
N GLU A 78 -1.37 -26.44 -2.88
CA GLU A 78 0.08 -26.20 -2.84
C GLU A 78 0.53 -25.85 -1.43
N PRO A 79 0.98 -26.86 -0.67
CA PRO A 79 1.31 -26.60 0.72
C PRO A 79 2.27 -25.43 0.89
N HIS A 80 1.89 -24.46 1.70
CA HIS A 80 2.75 -23.32 1.91
C HIS A 80 3.92 -23.65 2.84
N LEU A 81 3.71 -24.60 3.74
CA LEU A 81 4.73 -25.03 4.73
C LEU A 81 4.76 -26.55 4.78
N PRO A 82 5.93 -27.16 5.01
CA PRO A 82 5.97 -28.62 5.11
C PRO A 82 5.04 -29.11 6.23
N SER A 83 4.24 -30.09 5.91
CA SER A 83 3.27 -30.65 6.83
C SER A 83 3.98 -31.47 7.92
N PHE A 84 3.41 -31.49 9.13
CA PHE A 84 3.89 -32.46 10.15
C PHE A 84 3.26 -33.85 9.99
N ILE A 85 2.33 -34.01 9.05
CA ILE A 85 1.72 -35.28 8.72
C ILE A 85 2.47 -35.95 7.58
N PRO A 86 3.02 -37.16 7.79
CA PRO A 86 3.68 -37.82 6.65
C PRO A 86 2.70 -38.18 5.53
N ASN A 87 3.16 -38.07 4.29
CA ASN A 87 2.35 -38.42 3.11
C ASN A 87 0.95 -37.78 3.12
N ASP A 88 0.91 -36.49 3.48
CA ASP A 88 -0.34 -35.73 3.55
C ASP A 88 -0.91 -35.75 2.14
N PRO A 89 -2.19 -36.12 1.97
CA PRO A 89 -2.71 -36.19 0.60
C PRO A 89 -2.73 -34.84 -0.13
N TRP A 90 -2.72 -34.95 -1.44
CA TRP A 90 -2.75 -33.81 -2.36
C TRP A 90 -3.92 -32.88 -2.06
N PHE A 91 -5.10 -33.46 -1.77
CA PHE A 91 -6.31 -32.71 -1.42
C PHE A 91 -6.17 -31.82 -0.19
N ASN A 92 -5.13 -31.99 0.62
CA ASN A 92 -5.02 -31.23 1.85
C ASN A 92 -4.12 -29.99 1.74
N GLY A 93 -3.68 -29.62 0.54
CA GLY A 93 -2.79 -28.48 0.36
C GLY A 93 -3.49 -27.12 0.22
N ASP A 94 -2.84 -26.07 0.74
CA ASP A 94 -3.34 -24.69 0.68
C ASP A 94 -3.68 -24.29 -0.77
N GLY A 95 -4.86 -23.74 -0.97
CA GLY A 95 -5.29 -23.31 -2.27
C GLY A 95 -4.52 -22.06 -2.79
N ASN A 96 -3.91 -22.20 -3.95
CA ASN A 96 -3.20 -21.09 -4.64
C ASN A 96 -3.90 -20.84 -5.99
N ILE A 97 -4.34 -19.60 -6.21
CA ILE A 97 -5.18 -19.23 -7.35
C ILE A 97 -4.28 -18.65 -8.46
N SER A 98 -4.41 -19.18 -9.68
CA SER A 98 -3.77 -18.57 -10.87
C SER A 98 -4.85 -17.93 -11.70
N GLY A 99 -4.57 -16.74 -12.18
CA GLY A 99 -5.41 -16.09 -13.22
C GLY A 99 -4.57 -15.78 -14.45
N PHE A 100 -5.03 -16.25 -15.60
CA PHE A 100 -4.40 -15.91 -16.88
C PHE A 100 -5.36 -14.94 -17.59
N TYR A 101 -4.90 -13.69 -17.73
CA TYR A 101 -5.71 -12.59 -18.22
C TYR A 101 -5.35 -12.37 -19.70
N PHE A 102 -6.31 -12.59 -20.60
CA PHE A 102 -6.12 -12.54 -22.04
C PHE A 102 -6.76 -11.29 -22.67
N LYS A 103 -6.00 -10.61 -23.54
CA LYS A 103 -6.51 -9.50 -24.34
C LYS A 103 -5.64 -9.26 -25.57
N ASP A 104 -6.26 -9.14 -26.75
CA ASP A 104 -5.56 -8.77 -27.99
C ASP A 104 -4.37 -9.67 -28.28
N GLY A 105 -4.48 -10.96 -27.93
CA GLY A 105 -3.43 -11.94 -28.21
C GLY A 105 -2.25 -11.92 -27.22
N HIS A 106 -2.37 -11.13 -26.16
CA HIS A 106 -1.40 -11.06 -25.08
C HIS A 106 -1.99 -11.70 -23.82
N VAL A 107 -1.13 -12.24 -22.97
CA VAL A 107 -1.60 -12.89 -21.73
C VAL A 107 -0.62 -12.61 -20.57
N ASP A 108 -1.19 -12.28 -19.42
CA ASP A 108 -0.47 -12.07 -18.16
C ASP A 108 -0.91 -13.10 -17.11
N LEU A 109 0.01 -13.49 -16.24
CA LEU A 109 -0.29 -14.38 -15.10
C LEU A 109 -0.28 -13.56 -13.82
N LYS A 110 -1.31 -13.75 -13.00
CA LYS A 110 -1.28 -13.32 -11.64
C LYS A 110 -1.54 -14.54 -10.75
N GLN A 111 -0.81 -14.63 -9.64
CA GLN A 111 -0.93 -15.77 -8.75
CA GLN A 111 -0.93 -15.77 -8.75
C GLN A 111 -0.94 -15.37 -7.28
N ARG A 112 -1.82 -15.97 -6.49
CA ARG A 112 -1.91 -15.64 -5.06
C ARG A 112 -2.64 -16.71 -4.25
N TYR A 113 -2.11 -17.03 -3.09
CA TYR A 113 -2.76 -17.91 -2.10
C TYR A 113 -4.04 -17.30 -1.54
N VAL A 114 -5.04 -18.15 -1.33
CA VAL A 114 -6.24 -17.74 -0.57
C VAL A 114 -5.82 -17.52 0.87
N ARG A 115 -6.24 -16.41 1.46
CA ARG A 115 -5.92 -16.12 2.86
C ARG A 115 -6.95 -16.81 3.77
N THR A 116 -6.90 -18.13 3.79
CA THR A 116 -7.74 -18.90 4.69
C THR A 116 -7.23 -18.71 6.14
N GLU A 117 -8.05 -19.10 7.10
CA GLU A 117 -7.62 -19.06 8.50
C GLU A 117 -6.37 -19.92 8.69
N LYS A 118 -6.36 -21.09 8.06
CA LYS A 118 -5.21 -21.97 8.08
C LYS A 118 -3.95 -21.24 7.53
N PHE A 119 -4.10 -20.67 6.34
CA PHE A 119 -2.93 -20.01 5.71
C PHE A 119 -2.36 -18.92 6.60
N VAL A 120 -3.25 -18.09 7.11
CA VAL A 120 -2.86 -16.92 7.91
C VAL A 120 -2.24 -17.31 9.23
N ARG A 121 -2.87 -18.22 9.96
CA ARG A 121 -2.29 -18.66 11.25
C ARG A 121 -0.97 -19.41 11.07
N GLU A 122 -0.89 -20.24 10.06
CA GLU A 122 0.39 -20.93 9.80
C GLU A 122 1.51 -19.98 9.32
N ALA A 123 1.16 -19.01 8.49
CA ALA A 123 2.15 -17.98 8.08
C ALA A 123 2.66 -17.18 9.28
N GLU A 124 1.77 -16.84 10.20
CA GLU A 124 2.15 -16.13 11.42
C GLU A 124 3.09 -16.97 12.26
N ALA A 125 2.81 -18.26 12.38
CA ALA A 125 3.64 -19.14 13.23
C ALA A 125 4.88 -19.64 12.52
N ARG A 126 4.91 -19.52 11.19
CA ARG A 126 5.98 -20.06 10.35
C ARG A 126 6.12 -21.56 10.51
N ARG A 127 4.99 -22.25 10.68
CA ARG A 127 4.99 -23.72 10.71
C ARG A 127 3.58 -24.26 10.50
N SER A 128 3.48 -25.50 10.09
CA SER A 128 2.20 -26.19 9.95
C SER A 128 1.52 -26.39 11.30
N LEU A 129 0.20 -26.19 11.30
CA LEU A 129 -0.63 -26.27 12.51
C LEU A 129 -1.85 -27.16 12.29
N LEU A 130 -2.44 -27.11 11.10
CA LEU A 130 -3.53 -27.98 10.73
C LEU A 130 -2.97 -29.36 10.44
N GLY A 131 -3.68 -30.40 10.89
CA GLY A 131 -3.18 -31.76 10.80
C GLY A 131 -3.76 -32.56 9.64
N LYS A 132 -4.29 -33.75 9.93
CA LYS A 132 -4.78 -34.65 8.88
C LYS A 132 -6.00 -34.08 8.18
N TYR A 133 -6.15 -34.51 6.95
CA TYR A 133 -7.27 -34.17 6.10
C TYR A 133 -8.61 -34.37 6.84
N ARG A 134 -9.34 -33.27 7.02
CA ARG A 134 -10.65 -33.27 7.64
C ARG A 134 -10.71 -33.97 9.02
N ASN A 135 -9.63 -33.89 9.79
CA ASN A 135 -9.63 -34.39 11.15
C ASN A 135 -9.10 -33.37 12.14
N ARG A 136 -10.01 -32.58 12.67
CA ARG A 136 -9.68 -31.51 13.62
C ARG A 136 -9.04 -32.01 14.91
N TYR A 137 -9.19 -33.29 15.22
CA TYR A 137 -8.60 -33.85 16.47
C TYR A 137 -7.12 -34.01 16.33
N THR A 138 -6.56 -33.83 15.13
CA THR A 138 -5.11 -33.82 14.94
C THR A 138 -4.48 -32.42 14.79
N ASP A 139 -5.27 -31.36 14.85
CA ASP A 139 -4.76 -29.99 14.72
C ASP A 139 -4.03 -29.57 15.96
N LEU A 140 -2.98 -28.76 15.82
CA LEU A 140 -2.21 -28.30 16.95
C LEU A 140 -2.84 -27.12 17.63
N VAL A 141 -3.79 -26.46 16.97
CA VAL A 141 -4.54 -25.37 17.58
C VAL A 141 -5.96 -25.56 17.13
N GLU A 142 -6.86 -24.86 17.77
CA GLU A 142 -8.25 -24.96 17.44
C GLU A 142 -8.59 -23.98 16.31
N PHE A 143 -9.03 -24.51 15.17
CA PHE A 143 -9.46 -23.71 14.03
C PHE A 143 -10.96 -23.54 14.04
N LYS A 144 -11.40 -22.32 13.73
CA LYS A 144 -12.79 -22.07 13.44
C LYS A 144 -13.17 -22.59 12.07
N ILE A 145 -12.36 -22.27 11.06
CA ILE A 145 -12.56 -22.69 9.68
C ILE A 145 -11.33 -23.47 9.24
N ARG A 146 -11.50 -24.66 8.72
CA ARG A 146 -10.36 -25.51 8.29
C ARG A 146 -10.12 -25.55 6.78
N SER A 147 -10.85 -24.74 6.04
CA SER A 147 -10.74 -24.72 4.59
C SER A 147 -9.30 -24.46 4.13
N THR A 148 -8.91 -25.21 3.12
CA THR A 148 -7.75 -24.89 2.27
C THR A 148 -8.19 -24.18 0.99
N ALA A 149 -9.51 -24.07 0.76
CA ALA A 149 -10.06 -23.36 -0.42
C ALA A 149 -9.33 -23.73 -1.70
N ASN A 150 -9.15 -25.03 -1.92
CA ASN A 150 -8.19 -25.52 -2.91
C ASN A 150 -8.80 -26.28 -4.04
N THR A 151 -10.13 -26.30 -4.16
CA THR A 151 -10.79 -27.25 -5.07
C THR A 151 -11.40 -26.65 -6.33
N ASN A 152 -12.10 -25.55 -6.20
CA ASN A 152 -12.64 -24.88 -7.38
C ASN A 152 -12.61 -23.36 -7.12
N ILE A 153 -12.70 -22.63 -8.21
CA ILE A 153 -12.66 -21.17 -8.13
C ILE A 153 -13.65 -20.65 -9.16
N VAL A 154 -14.76 -20.09 -8.69
CA VAL A 154 -15.84 -19.72 -9.58
C VAL A 154 -16.13 -18.24 -9.44
N TYR A 155 -16.87 -17.72 -10.41
CA TYR A 155 -17.24 -16.31 -10.45
C TYR A 155 -18.69 -16.16 -10.02
N TRP A 156 -18.96 -15.27 -9.09
CA TRP A 156 -20.35 -14.97 -8.71
C TRP A 156 -20.50 -13.53 -8.25
N ARG A 157 -21.36 -12.78 -8.96
CA ARG A 157 -21.74 -11.43 -8.57
C ARG A 157 -20.54 -10.56 -8.22
N GLY A 158 -19.60 -10.51 -9.14
CA GLY A 158 -18.45 -9.63 -9.03
C GLY A 158 -17.31 -10.07 -8.14
N GLN A 159 -17.38 -11.28 -7.56
CA GLN A 159 -16.29 -11.84 -6.75
C GLN A 159 -15.90 -13.21 -7.27
N LEU A 160 -14.70 -13.65 -6.91
CA LEU A 160 -14.36 -15.07 -7.04
C LEU A 160 -14.76 -15.75 -5.74
N LEU A 161 -15.17 -17.02 -5.84
CA LEU A 161 -15.42 -17.83 -4.67
C LEU A 161 -14.50 -19.02 -4.75
N ALA A 162 -13.62 -19.13 -3.75
CA ALA A 162 -12.68 -20.23 -3.68
C ALA A 162 -13.28 -21.27 -2.76
N LEU A 163 -13.45 -22.48 -3.30
CA LEU A 163 -14.39 -23.45 -2.73
C LEU A 163 -13.65 -24.64 -2.15
N LYS A 164 -14.17 -25.13 -1.04
CA LYS A 164 -13.69 -26.37 -0.43
C LYS A 164 -14.91 -26.96 0.32
N GLU A 165 -15.23 -28.22 0.01
CA GLU A 165 -16.51 -28.83 0.42
C GLU A 165 -16.72 -29.03 1.91
N ASP A 166 -15.71 -28.77 2.76
CA ASP A 166 -15.88 -28.84 4.22
C ASP A 166 -16.19 -27.50 4.86
N SER A 167 -16.42 -26.47 4.05
CA SER A 167 -16.41 -25.09 4.53
C SER A 167 -17.26 -24.17 3.67
N PRO A 168 -17.52 -22.96 4.18
CA PRO A 168 -18.10 -21.94 3.29
C PRO A 168 -17.02 -21.50 2.28
N PRO A 169 -17.43 -20.80 1.23
CA PRO A 169 -16.44 -20.25 0.32
C PRO A 169 -15.63 -19.11 0.94
N TYR A 170 -14.46 -18.83 0.34
CA TYR A 170 -13.71 -17.60 0.57
C TYR A 170 -13.88 -16.70 -0.67
N ALA A 171 -14.29 -15.46 -0.43
CA ALA A 171 -14.53 -14.50 -1.49
C ALA A 171 -13.19 -13.79 -1.77
N MET A 172 -12.97 -13.55 -3.06
CA MET A 172 -11.74 -12.90 -3.54
C MET A 172 -12.04 -11.89 -4.66
N ASP A 173 -11.13 -10.96 -4.83
CA ASP A 173 -11.19 -9.96 -5.90
C ASP A 173 -10.71 -10.58 -7.23
N PRO A 174 -11.53 -10.55 -8.29
CA PRO A 174 -11.12 -11.12 -9.59
C PRO A 174 -9.89 -10.45 -10.25
N GLU A 175 -9.67 -9.17 -9.93
CA GLU A 175 -8.61 -8.37 -10.54
C GLU A 175 -7.26 -8.55 -9.82
N THR A 176 -7.27 -8.47 -8.50
CA THR A 176 -6.08 -8.50 -7.68
C THR A 176 -5.82 -9.81 -6.97
N LEU A 177 -6.82 -10.68 -6.91
CA LEU A 177 -6.75 -11.94 -6.14
C LEU A 177 -6.60 -11.75 -4.63
N GLU A 178 -6.89 -10.55 -4.14
CA GLU A 178 -6.92 -10.27 -2.72
C GLU A 178 -8.08 -11.13 -2.15
N THR A 179 -7.90 -11.66 -0.95
CA THR A 179 -8.95 -12.38 -0.26
C THR A 179 -9.74 -11.40 0.62
N PHE A 180 -11.07 -11.34 0.43
CA PHE A 180 -11.91 -10.54 1.30
C PHE A 180 -12.20 -11.28 2.60
N GLY A 181 -12.40 -12.58 2.55
CA GLY A 181 -12.66 -13.37 3.77
C GLY A 181 -13.70 -14.43 3.50
N VAL A 182 -13.99 -15.21 4.55
CA VAL A 182 -14.99 -16.26 4.44
C VAL A 182 -16.32 -15.60 4.09
N TYR A 183 -17.06 -16.19 3.15
CA TYR A 183 -18.24 -15.57 2.60
C TYR A 183 -19.53 -16.28 3.02
N ASP A 184 -20.51 -15.53 3.54
CA ASP A 184 -21.79 -16.13 3.96
C ASP A 184 -23.03 -15.58 3.27
N PHE A 185 -22.86 -14.99 2.08
CA PHE A 185 -23.96 -14.54 1.26
C PHE A 185 -24.89 -13.56 2.00
N ASP A 186 -24.28 -12.54 2.60
CA ASP A 186 -24.99 -11.50 3.34
C ASP A 186 -25.76 -12.11 4.53
N GLY A 187 -25.17 -13.10 5.20
CA GLY A 187 -25.83 -13.77 6.33
C GLY A 187 -26.89 -14.78 5.96
N GLN A 188 -27.06 -15.10 4.68
CA GLN A 188 -28.06 -16.05 4.22
C GLN A 188 -27.60 -17.51 4.13
N LEU A 189 -26.29 -17.77 4.17
CA LEU A 189 -25.79 -19.14 3.97
C LEU A 189 -26.37 -20.04 5.08
N PRO A 190 -27.19 -21.03 4.73
CA PRO A 190 -27.84 -21.83 5.82
C PRO A 190 -27.04 -23.06 6.27
N SER A 191 -25.91 -23.35 5.62
CA SER A 191 -25.14 -24.58 5.79
C SER A 191 -23.73 -24.24 6.28
N LEU A 192 -23.13 -25.12 7.03
CA LEU A 192 -21.70 -25.04 7.35
C LEU A 192 -20.81 -25.35 6.15
N THR A 193 -21.37 -25.97 5.11
CA THR A 193 -20.56 -26.47 4.01
C THR A 193 -21.12 -25.99 2.69
N PHE A 194 -20.22 -25.69 1.76
CA PHE A 194 -20.62 -25.27 0.42
C PHE A 194 -19.84 -26.13 -0.57
N THR A 195 -20.55 -26.86 -1.41
CA THR A 195 -19.92 -27.74 -2.40
C THR A 195 -18.87 -27.02 -3.28
N ALA A 196 -17.88 -27.77 -3.74
CA ALA A 196 -16.97 -27.26 -4.77
C ALA A 196 -17.56 -27.25 -6.18
N HIS A 197 -18.76 -27.85 -6.36
CA HIS A 197 -19.37 -27.95 -7.66
C HIS A 197 -20.77 -27.36 -7.76
N PRO A 198 -20.91 -26.07 -7.45
CA PRO A 198 -22.22 -25.44 -7.74
C PRO A 198 -22.48 -25.42 -9.24
N LYS A 199 -23.73 -25.35 -9.66
CA LYS A 199 -24.08 -25.26 -11.08
C LYS A 199 -24.73 -23.92 -11.35
N PHE A 200 -24.42 -23.38 -12.54
CA PHE A 200 -24.95 -22.12 -12.99
C PHE A 200 -25.96 -22.33 -14.07
N ASP A 201 -27.24 -22.02 -13.77
CA ASP A 201 -28.30 -22.24 -14.71
C ASP A 201 -28.22 -21.11 -15.73
N PRO A 202 -27.98 -21.45 -17.01
CA PRO A 202 -27.83 -20.39 -18.00
C PRO A 202 -29.11 -19.63 -18.35
N VAL A 203 -30.29 -20.19 -18.07
CA VAL A 203 -31.56 -19.50 -18.35
C VAL A 203 -32.01 -18.65 -17.16
N THR A 204 -32.04 -19.21 -15.96
CA THR A 204 -32.53 -18.46 -14.81
C THR A 204 -31.47 -17.62 -14.14
N ARG A 205 -30.20 -17.88 -14.48
CA ARG A 205 -29.03 -17.20 -13.87
C ARG A 205 -28.88 -17.48 -12.37
N GLU A 206 -29.49 -18.57 -11.89
CA GLU A 206 -29.31 -18.99 -10.50
C GLU A 206 -27.99 -19.74 -10.33
N MET A 207 -27.43 -19.62 -9.14
CA MET A 207 -26.38 -20.52 -8.70
C MET A 207 -27.05 -21.57 -7.80
N VAL A 208 -26.95 -22.82 -8.19
CA VAL A 208 -27.58 -23.96 -7.49
C VAL A 208 -26.48 -24.70 -6.74
N CYS A 209 -26.67 -24.86 -5.44
CA CYS A 209 -25.68 -25.30 -4.51
C CYS A 209 -26.21 -26.38 -3.56
N PHE A 210 -25.27 -26.97 -2.85
CA PHE A 210 -25.57 -27.74 -1.66
C PHE A 210 -24.35 -27.83 -0.79
N GLY A 211 -24.56 -28.39 0.39
CA GLY A 211 -23.46 -28.84 1.25
C GLY A 211 -23.84 -30.18 1.89
N TYR A 212 -22.88 -31.12 2.01
CA TYR A 212 -23.10 -32.37 2.77
C TYR A 212 -22.30 -32.22 4.06
N GLU A 213 -22.49 -33.15 5.00
CA GLU A 213 -22.03 -32.94 6.38
C GLU A 213 -22.35 -31.51 6.84
N ALA A 214 -23.55 -31.08 6.50
CA ALA A 214 -23.94 -29.69 6.59
C ALA A 214 -24.15 -29.17 7.99
N LYS A 215 -24.19 -30.06 8.98
CA LYS A 215 -24.22 -29.68 10.39
C LYS A 215 -22.97 -30.06 11.15
N GLY A 216 -21.89 -30.40 10.44
CA GLY A 216 -20.64 -30.71 11.07
C GLY A 216 -20.16 -32.11 10.76
N ASP A 217 -18.99 -32.43 11.32
CA ASP A 217 -18.32 -33.71 11.10
C ASP A 217 -19.28 -34.88 11.38
N GLY A 218 -19.35 -35.79 10.43
CA GLY A 218 -20.11 -37.01 10.57
C GLY A 218 -21.60 -36.88 10.41
N THR A 219 -22.14 -35.68 10.20
CA THR A 219 -23.58 -35.53 10.06
C THR A 219 -24.06 -36.00 8.69
N ARG A 220 -25.26 -36.56 8.66
CA ARG A 220 -25.91 -37.03 7.43
C ARG A 220 -26.79 -35.94 6.80
N ASP A 221 -26.72 -34.73 7.35
CA ASP A 221 -27.48 -33.62 6.82
C ASP A 221 -26.89 -33.09 5.52
N ILE A 222 -27.73 -33.00 4.51
CA ILE A 222 -27.46 -32.34 3.27
C ILE A 222 -28.37 -31.11 3.23
N CYS A 223 -27.79 -29.93 2.98
CA CYS A 223 -28.57 -28.72 2.78
C CYS A 223 -28.49 -28.35 1.30
N TYR A 224 -29.65 -28.38 0.60
CA TYR A 224 -29.78 -28.00 -0.79
C TYR A 224 -30.24 -26.54 -0.78
N TYR A 225 -29.54 -25.68 -1.52
CA TYR A 225 -29.92 -24.27 -1.55
C TYR A 225 -29.46 -23.60 -2.82
N SER A 226 -30.13 -22.50 -3.15
CA SER A 226 -29.88 -21.80 -4.40
C SER A 226 -29.95 -20.28 -4.20
N PHE A 227 -29.28 -19.54 -5.09
CA PHE A 227 -29.32 -18.08 -5.06
C PHE A 227 -29.73 -17.56 -6.42
N GLY A 228 -30.65 -16.57 -6.41
CA GLY A 228 -31.02 -15.92 -7.63
C GLY A 228 -29.93 -14.97 -8.09
N PRO A 229 -30.02 -14.47 -9.33
CA PRO A 229 -28.97 -13.55 -9.86
C PRO A 229 -28.81 -12.24 -9.08
N ASP A 230 -29.86 -11.82 -8.37
CA ASP A 230 -29.75 -10.68 -7.44
C ASP A 230 -29.08 -11.00 -6.09
N GLY A 231 -28.67 -12.25 -5.88
CA GLY A 231 -28.01 -12.65 -4.64
C GLY A 231 -28.88 -13.16 -3.51
N LYS A 232 -30.20 -13.13 -3.69
CA LYS A 232 -31.13 -13.56 -2.64
C LYS A 232 -31.25 -15.05 -2.67
N ILE A 233 -31.25 -15.66 -1.48
CA ILE A 233 -31.48 -17.11 -1.37
C ILE A 233 -32.89 -17.44 -1.88
N ALA A 234 -33.01 -18.52 -2.65
CA ALA A 234 -34.28 -18.98 -3.20
C ALA A 234 -34.67 -20.30 -2.49
N GLU A 235 -34.11 -21.43 -2.92
CA GLU A 235 -34.36 -22.71 -2.26
C GLU A 235 -33.55 -22.85 -0.98
N THR A 236 -34.13 -23.56 -0.03
CA THR A 236 -33.38 -24.12 1.10
C THR A 236 -34.14 -25.35 1.58
N VAL A 237 -33.58 -26.54 1.34
CA VAL A 237 -34.22 -27.81 1.74
C VAL A 237 -33.18 -28.63 2.50
N TRP A 238 -33.55 -29.08 3.71
CA TRP A 238 -32.73 -29.98 4.52
C TRP A 238 -33.17 -31.42 4.28
N LEU A 239 -32.21 -32.27 3.92
CA LEU A 239 -32.49 -33.68 3.71
C LEU A 239 -31.44 -34.51 4.43
N VAL A 240 -31.68 -35.82 4.43
CA VAL A 240 -30.88 -36.78 5.19
C VAL A 240 -30.39 -37.85 4.22
N SER A 241 -29.07 -38.02 4.25
CA SER A 241 -28.36 -38.99 3.48
C SER A 241 -28.54 -40.35 4.20
N PRO A 242 -28.67 -41.49 3.47
CA PRO A 242 -28.78 -42.78 4.19
C PRO A 242 -27.51 -43.18 4.95
N VAL A 243 -26.34 -42.67 4.54
CA VAL A 243 -25.08 -42.85 5.28
C VAL A 243 -24.33 -41.51 5.24
N CYS A 244 -23.36 -41.31 6.13
CA CYS A 244 -22.49 -40.12 6.06
C CYS A 244 -21.43 -40.40 5.02
N GLY A 245 -21.80 -40.24 3.76
CA GLY A 245 -20.96 -40.52 2.63
C GLY A 245 -20.53 -39.26 1.89
N MET A 246 -19.44 -39.36 1.15
CA MET A 246 -18.88 -38.21 0.43
C MET A 246 -19.73 -37.87 -0.82
N ILE A 247 -20.24 -36.66 -0.87
CA ILE A 247 -21.01 -36.20 -2.04
C ILE A 247 -20.20 -35.06 -2.68
N HIS A 248 -19.25 -35.44 -3.53
CA HIS A 248 -18.29 -34.46 -4.07
C HIS A 248 -18.91 -33.53 -5.13
N ASP A 249 -19.79 -34.10 -5.95
CA ASP A 249 -20.37 -33.39 -7.08
C ASP A 249 -21.86 -33.65 -7.05
N PHE A 250 -22.62 -32.90 -7.85
CA PHE A 250 -24.05 -33.16 -7.98
C PHE A 250 -24.49 -32.70 -9.34
N ALA A 251 -25.75 -32.93 -9.65
CA ALA A 251 -26.27 -32.62 -10.98
C ALA A 251 -27.59 -31.90 -10.83
N VAL A 252 -27.90 -31.07 -11.81
CA VAL A 252 -29.08 -30.20 -11.78
C VAL A 252 -29.72 -30.26 -13.14
N THR A 253 -31.02 -30.50 -13.17
CA THR A 253 -31.79 -30.53 -14.43
C THR A 253 -32.85 -29.46 -14.28
N GLU A 254 -33.73 -29.36 -15.28
CA GLU A 254 -34.79 -28.33 -15.22
C GLU A 254 -35.64 -28.44 -13.96
N ASN A 255 -36.02 -29.67 -13.58
CA ASN A 255 -36.95 -29.91 -12.47
C ASN A 255 -36.40 -30.73 -11.31
N PHE A 256 -35.14 -31.19 -11.38
CA PHE A 256 -34.58 -32.01 -10.32
C PHE A 256 -33.14 -31.62 -9.97
N VAL A 257 -32.76 -31.93 -8.73
CA VAL A 257 -31.37 -31.98 -8.32
C VAL A 257 -31.02 -33.42 -7.87
N ILE A 258 -29.78 -33.83 -8.14
CA ILE A 258 -29.36 -35.21 -8.07
C ILE A 258 -28.04 -35.30 -7.29
N PHE A 259 -28.02 -36.13 -6.23
CA PHE A 259 -26.89 -36.27 -5.32
C PHE A 259 -26.27 -37.69 -5.36
N PRO A 260 -25.20 -37.88 -6.13
CA PRO A 260 -24.52 -39.20 -6.14
C PRO A 260 -23.53 -39.32 -4.98
N ILE A 261 -23.63 -40.39 -4.19
CA ILE A 261 -22.81 -40.58 -3.00
C ILE A 261 -21.68 -41.58 -3.28
N ILE A 262 -20.45 -41.12 -3.07
CA ILE A 262 -19.28 -41.98 -3.14
C ILE A 262 -19.34 -42.86 -1.87
N PRO A 263 -19.09 -44.18 -2.00
CA PRO A 263 -19.11 -45.06 -0.81
C PRO A 263 -17.93 -44.91 0.16
N LEU A 264 -17.47 -43.68 0.36
CA LEU A 264 -16.57 -43.36 1.46
C LEU A 264 -17.46 -42.88 2.58
N VAL A 265 -17.25 -43.40 3.78
CA VAL A 265 -18.10 -43.13 4.92
C VAL A 265 -17.31 -42.59 6.10
N CYS A 266 -17.92 -41.65 6.83
CA CYS A 266 -17.29 -40.98 7.97
C CYS A 266 -17.83 -41.48 9.32
N ASP A 267 -16.91 -41.79 10.23
CA ASP A 267 -17.19 -42.14 11.63
C ASP A 267 -16.35 -41.21 12.53
N VAL A 268 -17.01 -40.36 13.27
CA VAL A 268 -16.31 -39.38 14.09
C VAL A 268 -15.50 -40.05 15.21
N GLU A 269 -15.95 -41.20 15.69
CA GLU A 269 -15.22 -41.91 16.74
C GLU A 269 -13.87 -42.38 16.25
N ARG A 270 -13.83 -42.86 15.01
CA ARG A 270 -12.55 -43.20 14.38
C ARG A 270 -11.64 -41.96 14.32
N MET A 271 -12.22 -40.83 13.90
CA MET A 271 -11.46 -39.57 13.84
C MET A 271 -10.88 -39.18 15.21
N LYS A 272 -11.66 -39.31 16.27
CA LYS A 272 -11.18 -38.95 17.62
C LYS A 272 -10.00 -39.77 18.08
N GLN A 273 -9.85 -40.98 17.58
CA GLN A 273 -8.65 -41.76 17.82
C GLN A 273 -7.50 -41.51 16.85
N GLY A 274 -7.58 -40.48 16.01
CA GLY A 274 -6.51 -40.18 15.03
C GLY A 274 -6.68 -40.80 13.65
N GLY A 275 -7.81 -41.45 13.39
CA GLY A 275 -8.04 -42.14 12.12
C GLY A 275 -8.55 -41.22 11.02
N ASP A 276 -8.76 -41.80 9.85
CA ASP A 276 -9.16 -41.06 8.66
C ASP A 276 -10.61 -40.64 8.70
N HIS A 277 -10.88 -39.48 8.12
CA HIS A 277 -12.24 -39.01 7.96
C HIS A 277 -13.05 -39.99 7.10
N TRP A 278 -12.44 -40.45 6.03
CA TRP A 278 -13.14 -41.32 5.09
C TRP A 278 -12.60 -42.75 5.10
N GLN A 279 -13.52 -43.70 4.93
CA GLN A 279 -13.24 -45.13 4.88
C GLN A 279 -14.20 -45.77 3.92
N TRP A 280 -13.68 -46.48 2.93
CA TRP A 280 -14.51 -47.15 1.94
C TRP A 280 -15.40 -48.22 2.59
N ASP A 281 -16.59 -48.40 2.07
CA ASP A 281 -17.50 -49.44 2.52
C ASP A 281 -17.94 -50.22 1.30
N TYR A 282 -17.42 -51.44 1.16
CA TYR A 282 -17.79 -52.34 0.03
C TYR A 282 -19.23 -52.86 0.04
N SER A 283 -19.94 -52.68 1.14
CA SER A 283 -21.26 -53.32 1.34
C SER A 283 -22.43 -52.48 0.89
N ILE A 284 -22.20 -51.24 0.42
CA ILE A 284 -23.29 -50.33 0.09
C ILE A 284 -23.36 -50.04 -1.39
N PRO A 285 -24.54 -49.65 -1.88
CA PRO A 285 -24.61 -49.23 -3.26
C PRO A 285 -23.94 -47.85 -3.46
N MET A 286 -23.87 -47.40 -4.70
CA MET A 286 -23.61 -45.97 -4.97
C MET A 286 -24.99 -45.34 -4.95
N TYR A 287 -25.36 -44.74 -3.82
CA TYR A 287 -26.64 -44.08 -3.74
C TYR A 287 -26.72 -42.88 -4.70
N ILE A 288 -27.89 -42.65 -5.28
CA ILE A 288 -28.16 -41.47 -6.12
C ILE A 288 -29.50 -40.89 -5.68
N GLY A 289 -29.44 -39.79 -4.92
CA GLY A 289 -30.64 -39.11 -4.45
C GLY A 289 -31.21 -38.23 -5.54
N VAL A 290 -32.53 -38.23 -5.71
CA VAL A 290 -33.19 -37.30 -6.60
C VAL A 290 -34.22 -36.53 -5.78
N LEU A 291 -34.16 -35.20 -5.87
CA LEU A 291 -35.09 -34.30 -5.19
C LEU A 291 -35.73 -33.36 -6.22
N PRO A 292 -37.02 -33.00 -6.06
CA PRO A 292 -37.53 -31.94 -6.92
C PRO A 292 -36.79 -30.61 -6.66
N ARG A 293 -36.51 -29.91 -7.74
CA ARG A 293 -35.66 -28.71 -7.72
C ARG A 293 -36.29 -27.55 -6.97
N ARG A 294 -37.61 -27.41 -7.10
CA ARG A 294 -38.34 -26.30 -6.47
C ARG A 294 -39.48 -26.76 -5.56
N GLY A 295 -39.58 -26.17 -4.38
CA GLY A 295 -40.70 -26.35 -3.50
C GLY A 295 -40.74 -27.64 -2.70
N ALA A 296 -39.71 -28.47 -2.74
CA ALA A 296 -39.74 -29.75 -2.09
C ALA A 296 -39.55 -29.63 -0.58
N GLN A 297 -39.87 -30.72 0.12
CA GLN A 297 -39.42 -30.97 1.47
C GLN A 297 -38.37 -32.07 1.47
N GLY A 298 -37.68 -32.17 2.60
CA GLY A 298 -36.64 -33.20 2.78
C GLY A 298 -37.09 -34.63 2.47
N SER A 299 -38.33 -34.95 2.85
CA SER A 299 -38.87 -36.31 2.68
C SER A 299 -39.21 -36.65 1.21
N ASP A 300 -39.20 -35.65 0.32
CA ASP A 300 -39.40 -35.89 -1.12
C ASP A 300 -38.20 -36.52 -1.83
N VAL A 301 -37.04 -36.57 -1.19
CA VAL A 301 -35.88 -37.17 -1.84
C VAL A 301 -36.10 -38.69 -1.99
N LYS A 302 -35.75 -39.23 -3.15
CA LYS A 302 -35.73 -40.70 -3.37
C LYS A 302 -34.28 -41.14 -3.51
N TRP A 303 -33.84 -42.10 -2.69
CA TRP A 303 -32.49 -42.62 -2.73
C TRP A 303 -32.41 -43.88 -3.60
N PHE A 304 -32.19 -43.65 -4.90
CA PHE A 304 -31.91 -44.73 -5.84
C PHE A 304 -30.59 -45.37 -5.53
N GLU A 305 -30.41 -46.60 -6.03
CA GLU A 305 -29.30 -47.45 -5.62
C GLU A 305 -28.63 -47.95 -6.86
N ALA A 306 -27.54 -47.30 -7.25
CA ALA A 306 -26.79 -47.73 -8.40
C ALA A 306 -25.85 -48.83 -7.96
N PRO A 307 -25.38 -49.66 -8.91
CA PRO A 307 -24.40 -50.66 -8.55
C PRO A 307 -23.17 -50.02 -7.88
N HIS A 308 -22.64 -50.73 -6.90
CA HIS A 308 -21.51 -50.27 -6.15
C HIS A 308 -20.40 -49.72 -7.04
N GLY A 309 -19.96 -48.51 -6.72
CA GLY A 309 -18.90 -47.91 -7.51
C GLY A 309 -18.59 -46.51 -7.01
N PHE A 310 -17.67 -45.88 -7.72
CA PHE A 310 -17.19 -44.54 -7.38
C PHE A 310 -17.91 -43.49 -8.21
N ALA A 311 -18.58 -42.55 -7.54
CA ALA A 311 -19.22 -41.40 -8.19
C ALA A 311 -18.17 -40.33 -8.54
N GLY A 312 -17.76 -40.31 -9.81
CA GLY A 312 -16.81 -39.30 -10.32
C GLY A 312 -17.54 -38.00 -10.68
N HIS A 313 -16.82 -37.12 -11.35
CA HIS A 313 -17.38 -35.84 -11.73
C HIS A 313 -18.52 -35.94 -12.73
N VAL A 314 -19.50 -35.07 -12.54
CA VAL A 314 -20.63 -34.97 -13.42
C VAL A 314 -20.29 -34.11 -14.65
N ALA A 315 -20.58 -34.62 -15.84
CA ALA A 315 -20.47 -33.80 -17.05
C ALA A 315 -21.64 -32.83 -17.06
N ASN A 316 -22.84 -33.39 -17.06
CA ASN A 316 -24.07 -32.61 -17.05
C ASN A 316 -25.23 -33.59 -16.85
N ALA A 317 -26.36 -33.09 -16.39
CA ALA A 317 -27.60 -33.90 -16.45
C ALA A 317 -28.72 -33.10 -17.10
N PHE A 318 -29.67 -33.81 -17.68
CA PHE A 318 -30.84 -33.19 -18.30
C PHE A 318 -32.03 -34.15 -18.31
N GLU A 319 -33.22 -33.60 -18.43
CA GLU A 319 -34.45 -34.38 -18.68
C GLU A 319 -34.67 -34.57 -20.19
N ASP A 320 -34.90 -35.81 -20.62
CA ASP A 320 -35.18 -36.13 -22.03
C ASP A 320 -36.70 -35.90 -22.30
N ASP A 321 -37.15 -36.28 -23.52
CA ASP A 321 -38.58 -36.19 -23.92
C ASP A 321 -39.57 -36.79 -22.92
N LYS A 322 -39.21 -37.92 -22.34
CA LYS A 322 -40.05 -38.65 -21.38
C LYS A 322 -40.05 -38.09 -19.94
N GLY A 323 -39.25 -37.04 -19.68
CA GLY A 323 -39.09 -36.53 -18.32
C GLY A 323 -38.13 -37.35 -17.44
N HIS A 324 -37.42 -38.31 -18.04
CA HIS A 324 -36.42 -39.12 -17.34
C HIS A 324 -35.09 -38.36 -17.29
N ILE A 325 -34.37 -38.49 -16.18
CA ILE A 325 -33.07 -37.84 -16.00
C ILE A 325 -31.99 -38.67 -16.70
N GLN A 326 -31.25 -38.03 -17.61
CA GLN A 326 -30.03 -38.60 -18.17
C GLN A 326 -28.86 -37.96 -17.40
N LEU A 327 -28.15 -38.74 -16.61
CA LEU A 327 -27.07 -38.26 -15.73
C LEU A 327 -25.78 -38.81 -16.30
N GLN A 328 -24.92 -37.91 -16.81
CA GLN A 328 -23.70 -38.34 -17.46
C GLN A 328 -22.53 -37.93 -16.59
N MET A 329 -21.71 -38.91 -16.21
CA MET A 329 -20.70 -38.73 -15.18
C MET A 329 -19.62 -39.79 -15.31
N ALA A 330 -18.45 -39.48 -14.78
CA ALA A 330 -17.41 -40.45 -14.65
C ALA A 330 -17.81 -41.42 -13.53
N TYR A 331 -17.52 -42.70 -13.74
CA TYR A 331 -17.98 -43.78 -12.87
C TYR A 331 -16.98 -44.90 -12.91
N ALA A 332 -16.49 -45.28 -11.73
CA ALA A 332 -15.56 -46.39 -11.63
C ALA A 332 -16.19 -47.48 -10.78
N LYS A 333 -15.58 -48.66 -10.86
CA LYS A 333 -16.09 -49.86 -10.16
C LYS A 333 -15.41 -50.13 -8.83
N ASP A 334 -14.44 -49.32 -8.47
CA ASP A 334 -13.76 -49.48 -7.20
C ASP A 334 -13.34 -48.08 -6.72
N ASN A 335 -12.71 -48.06 -5.56
CA ASN A 335 -12.29 -46.87 -4.86
C ASN A 335 -11.12 -46.16 -5.56
N VAL A 336 -11.44 -45.07 -6.25
CA VAL A 336 -10.46 -44.19 -6.88
C VAL A 336 -9.51 -43.61 -5.83
N PHE A 337 -10.03 -43.30 -4.63
CA PHE A 337 -9.20 -42.76 -3.58
C PHE A 337 -8.64 -43.90 -2.71
N PHE A 338 -7.71 -44.65 -3.33
CA PHE A 338 -7.17 -45.92 -2.76
C PHE A 338 -6.47 -45.77 -1.41
N TRP A 339 -5.96 -44.58 -1.11
CA TRP A 339 -5.32 -44.26 0.18
C TRP A 339 -6.29 -44.22 1.35
N TRP A 340 -7.60 -44.22 1.07
CA TRP A 340 -8.65 -44.36 2.09
C TRP A 340 -9.41 -45.66 1.88
N PRO A 341 -8.78 -46.79 2.26
CA PRO A 341 -9.36 -48.11 1.95
C PRO A 341 -10.44 -48.47 2.96
N ASP A 342 -10.93 -49.70 2.95
CA ASP A 342 -12.00 -50.09 3.88
C ASP A 342 -11.45 -50.38 5.27
N ALA A 343 -12.33 -50.82 6.19
CA ALA A 343 -11.98 -51.07 7.58
C ALA A 343 -10.82 -52.04 7.78
N ASN A 344 -10.67 -52.99 6.87
CA ASN A 344 -9.60 -54.01 6.90
C ASN A 344 -8.44 -53.68 5.99
N GLY A 345 -8.33 -52.43 5.54
CA GLY A 345 -7.26 -52.00 4.63
C GLY A 345 -7.40 -52.49 3.21
N LYS A 346 -8.59 -52.97 2.85
CA LYS A 346 -8.83 -53.54 1.53
C LYS A 346 -9.15 -52.42 0.51
N GLY A 347 -8.53 -52.52 -0.66
CA GLY A 347 -8.67 -51.54 -1.69
C GLY A 347 -7.70 -51.78 -2.83
N PRO A 348 -7.89 -51.07 -3.95
CA PRO A 348 -6.98 -51.20 -5.07
C PRO A 348 -5.60 -50.59 -4.84
N ARG A 349 -4.71 -50.84 -5.78
CA ARG A 349 -3.36 -50.23 -5.82
C ARG A 349 -3.35 -49.00 -6.72
N PRO A 350 -2.29 -48.17 -6.63
CA PRO A 350 -2.16 -46.99 -7.51
C PRO A 350 -2.21 -47.37 -8.98
N GLY A 351 -2.91 -46.59 -9.80
CA GLY A 351 -2.98 -46.85 -11.26
C GLY A 351 -3.80 -48.05 -11.73
N GLU A 352 -4.55 -48.67 -10.84
CA GLU A 352 -5.36 -49.84 -11.19
C GLU A 352 -6.79 -49.44 -11.61
N VAL A 353 -7.39 -48.46 -10.93
CA VAL A 353 -8.81 -48.18 -11.13
C VAL A 353 -9.02 -47.26 -12.32
N GLU A 354 -9.87 -47.65 -13.29
CA GLU A 354 -10.28 -46.76 -14.40
C GLU A 354 -11.66 -46.22 -14.13
N ALA A 355 -11.91 -44.97 -14.51
CA ALA A 355 -13.25 -44.41 -14.50
C ALA A 355 -13.73 -44.23 -15.95
N HIS A 356 -15.01 -44.50 -16.18
CA HIS A 356 -15.55 -44.41 -17.53
C HIS A 356 -16.75 -43.49 -17.60
N PHE A 357 -17.00 -43.00 -18.81
CA PHE A 357 -18.03 -42.00 -19.02
C PHE A 357 -19.39 -42.68 -19.11
N ALA A 358 -20.15 -42.59 -18.04
CA ALA A 358 -21.36 -43.37 -17.86
C ALA A 358 -22.59 -42.53 -18.04
N ASN A 359 -23.67 -43.19 -18.47
CA ASN A 359 -25.00 -42.58 -18.53
C ASN A 359 -25.93 -43.42 -17.66
N PHE A 360 -26.44 -42.83 -16.59
CA PHE A 360 -27.47 -43.43 -15.76
C PHE A 360 -28.80 -42.81 -16.14
N VAL A 361 -29.85 -43.64 -16.15
CA VAL A 361 -31.21 -43.17 -16.42
C VAL A 361 -31.97 -43.24 -15.11
N LEU A 362 -32.60 -42.14 -14.72
CA LEU A 362 -33.34 -42.11 -13.48
C LEU A 362 -34.73 -41.55 -13.75
N ASP A 363 -35.71 -42.15 -13.08
CA ASP A 363 -37.09 -41.71 -13.19
C ASP A 363 -37.58 -41.41 -11.80
N TYR A 364 -37.76 -40.15 -11.46
CA TYR A 364 -38.25 -39.77 -10.13
C TYR A 364 -39.60 -40.43 -9.77
N GLN A 365 -40.45 -40.70 -10.76
CA GLN A 365 -41.75 -41.34 -10.51
C GLN A 365 -41.65 -42.82 -10.13
N SER A 366 -40.58 -43.49 -10.55
CA SER A 366 -40.35 -44.89 -10.21
C SER A 366 -40.21 -45.12 -8.71
N ASP A 367 -40.75 -46.25 -8.25
CA ASP A 367 -40.60 -46.70 -6.85
C ASP A 367 -39.59 -47.84 -6.76
N LYS A 368 -39.09 -48.29 -7.91
CA LYS A 368 -38.03 -49.27 -7.97
C LYS A 368 -36.69 -48.58 -7.66
N LEU A 369 -36.11 -48.86 -6.49
CA LEU A 369 -34.89 -48.18 -6.06
C LEU A 369 -33.60 -48.67 -6.76
N PRO A 370 -33.40 -49.99 -6.94
CA PRO A 370 -32.22 -50.43 -7.71
C PRO A 370 -32.22 -49.96 -9.16
N LEU A 371 -31.03 -49.56 -9.66
CA LEU A 371 -30.84 -49.07 -11.03
C LEU A 371 -29.98 -50.04 -11.79
N ALA A 372 -30.16 -50.13 -13.10
CA ALA A 372 -29.32 -50.99 -13.92
C ALA A 372 -27.92 -50.40 -14.04
N GLU A 373 -26.99 -51.26 -14.44
CA GLU A 373 -25.67 -50.82 -14.86
C GLU A 373 -25.86 -49.72 -15.89
N PRO A 374 -25.03 -48.66 -15.81
CA PRO A 374 -25.13 -47.60 -16.80
C PRO A 374 -24.63 -48.04 -18.18
N THR A 375 -25.01 -47.32 -19.23
CA THR A 375 -24.32 -47.44 -20.51
C THR A 375 -23.09 -46.50 -20.51
N TYR A 376 -22.16 -46.76 -21.41
CA TYR A 376 -20.91 -46.03 -21.45
C TYR A 376 -20.78 -45.33 -22.81
N LEU A 377 -20.39 -44.07 -22.78
CA LEU A 377 -20.40 -43.25 -24.00
C LEU A 377 -19.14 -43.42 -24.83
N VAL A 378 -18.02 -43.72 -24.18
CA VAL A 378 -16.77 -43.99 -24.86
C VAL A 378 -16.04 -45.06 -24.06
N ASP A 379 -14.98 -45.60 -24.63
CA ASP A 379 -14.10 -46.57 -23.97
C ASP A 379 -13.05 -46.01 -23.05
N ASP A 380 -12.68 -44.74 -23.21
CA ASP A 380 -11.45 -44.22 -22.57
C ASP A 380 -11.56 -44.20 -21.06
N ASP A 381 -10.43 -44.42 -20.38
CA ASP A 381 -10.27 -44.09 -18.96
C ASP A 381 -10.26 -42.54 -18.91
N MET A 382 -11.24 -41.98 -18.24
CA MET A 382 -11.46 -40.54 -18.31
C MET A 382 -11.83 -39.93 -16.99
N GLU A 383 -11.80 -38.59 -16.95
CA GLU A 383 -12.27 -37.79 -15.79
C GLU A 383 -12.28 -36.31 -16.20
N PHE A 384 -12.71 -35.48 -15.28
CA PHE A 384 -12.76 -34.00 -15.45
C PHE A 384 -13.53 -33.57 -16.70
N PRO A 385 -14.78 -34.02 -16.82
CA PRO A 385 -15.54 -33.65 -18.00
C PRO A 385 -16.03 -32.20 -17.89
N ARG A 386 -16.03 -31.52 -19.03
CA ARG A 386 -16.65 -30.21 -19.20
C ARG A 386 -17.58 -30.21 -20.37
N ILE A 387 -18.61 -29.38 -20.30
CA ILE A 387 -19.50 -29.12 -21.42
C ILE A 387 -19.48 -27.62 -21.73
N ASP A 388 -20.23 -27.25 -22.76
CA ASP A 388 -20.53 -25.88 -23.06
C ASP A 388 -21.58 -25.47 -22.03
N ASP A 389 -21.17 -24.61 -21.10
CA ASP A 389 -22.03 -24.30 -19.96
C ASP A 389 -23.23 -23.46 -20.31
N ARG A 390 -23.29 -23.02 -21.57
CA ARG A 390 -24.53 -22.41 -22.11
C ARG A 390 -25.70 -23.38 -22.19
N VAL A 391 -25.43 -24.70 -22.12
CA VAL A 391 -26.50 -25.70 -22.01
C VAL A 391 -26.53 -26.47 -20.70
N ALA A 392 -25.78 -26.02 -19.71
CA ALA A 392 -25.82 -26.68 -18.38
C ALA A 392 -27.28 -26.81 -17.89
N THR A 393 -27.59 -27.99 -17.38
CA THR A 393 -28.93 -28.36 -16.90
C THR A 393 -29.93 -28.75 -17.99
N ARG A 394 -29.53 -28.60 -19.26
CA ARG A 394 -30.33 -28.91 -20.45
C ARG A 394 -29.56 -29.93 -21.27
N LYS A 395 -30.18 -30.41 -22.34
CA LYS A 395 -29.55 -31.38 -23.22
C LYS A 395 -28.29 -30.81 -23.83
N HIS A 396 -27.20 -31.56 -23.69
CA HIS A 396 -25.91 -31.15 -24.26
C HIS A 396 -25.54 -32.22 -25.27
N LYS A 397 -24.72 -31.83 -26.24
CA LYS A 397 -24.23 -32.79 -27.22
C LYS A 397 -22.73 -32.70 -27.47
N HIS A 398 -22.00 -31.98 -26.61
CA HIS A 398 -20.54 -31.96 -26.69
C HIS A 398 -20.01 -32.10 -25.27
N THR A 399 -19.03 -32.99 -25.09
CA THR A 399 -18.30 -33.10 -23.83
C THR A 399 -16.81 -33.12 -24.15
N PHE A 400 -16.03 -32.39 -23.34
CA PHE A 400 -14.59 -32.42 -23.40
C PHE A 400 -14.07 -33.03 -22.10
N PHE A 401 -13.08 -33.92 -22.17
CA PHE A 401 -12.62 -34.56 -20.93
C PHE A 401 -11.20 -35.02 -21.01
N CYS A 402 -10.61 -35.19 -19.83
CA CYS A 402 -9.29 -35.76 -19.72
C CYS A 402 -9.37 -37.24 -19.97
N ILE A 403 -8.32 -37.78 -20.57
CA ILE A 403 -8.16 -39.22 -20.78
C ILE A 403 -6.79 -39.65 -20.32
N PHE A 404 -6.69 -40.91 -19.93
CA PHE A 404 -5.43 -41.51 -19.59
C PHE A 404 -5.30 -42.82 -20.37
N ASP A 405 -4.44 -42.79 -21.37
CA ASP A 405 -4.25 -43.91 -22.28
C ASP A 405 -2.96 -44.67 -21.94
N ARG A 406 -3.12 -45.94 -21.53
CA ARG A 406 -1.96 -46.81 -21.25
C ARG A 406 -1.38 -47.52 -22.51
N LYS A 407 -2.01 -47.35 -23.66
CA LYS A 407 -1.47 -47.91 -24.92
C LYS A 407 0.02 -47.54 -25.04
N PRO A 408 0.88 -48.51 -25.39
CA PRO A 408 2.32 -48.21 -25.41
C PRO A 408 2.73 -47.00 -26.27
N GLY A 409 3.61 -46.17 -25.72
CA GLY A 409 4.13 -45.02 -26.46
C GLY A 409 3.39 -43.69 -26.29
N VAL A 410 2.14 -43.69 -25.85
CA VAL A 410 1.42 -42.42 -25.69
C VAL A 410 2.13 -41.53 -24.62
N THR A 411 2.46 -42.12 -23.47
CA THR A 411 3.32 -41.50 -22.48
C THR A 411 4.61 -42.31 -22.35
N ASP A 412 5.74 -41.60 -22.32
CA ASP A 412 7.04 -42.19 -22.04
C ASP A 412 7.17 -42.29 -20.53
N PHE A 413 6.56 -43.35 -19.98
CA PHE A 413 6.53 -43.60 -18.54
C PHE A 413 7.89 -43.71 -17.89
N GLU A 414 8.84 -44.32 -18.59
CA GLU A 414 10.19 -44.48 -18.05
C GLU A 414 10.86 -43.14 -17.80
N PHE A 415 10.58 -42.14 -18.65
CA PHE A 415 11.07 -40.77 -18.45
C PHE A 415 10.21 -39.99 -17.42
N VAL A 416 8.87 -40.08 -17.54
CA VAL A 416 7.97 -39.20 -16.78
C VAL A 416 7.86 -39.62 -15.33
N MET A 417 7.62 -40.91 -15.08
CA MET A 417 7.35 -41.39 -13.69
C MET A 417 8.39 -41.01 -12.64
N PRO A 418 9.69 -41.16 -12.93
CA PRO A 418 10.68 -40.74 -11.94
C PRO A 418 10.70 -39.23 -11.66
N ARG A 419 10.10 -38.41 -12.51
CA ARG A 419 10.07 -36.95 -12.32
C ARG A 419 8.72 -36.44 -11.81
N ALA A 420 7.73 -37.32 -11.70
CA ALA A 420 6.35 -36.90 -11.52
C ALA A 420 5.94 -36.70 -10.06
N GLY A 421 6.61 -37.36 -9.11
CA GLY A 421 6.11 -37.48 -7.75
C GLY A 421 4.79 -38.26 -7.72
N GLY A 422 4.08 -38.20 -6.60
CA GLY A 422 2.84 -38.95 -6.44
C GLY A 422 1.72 -38.13 -5.88
N GLY A 423 0.56 -38.77 -5.74
CA GLY A 423 -0.58 -38.17 -5.05
C GLY A 423 -1.68 -37.61 -5.89
N ALA A 424 -1.44 -37.47 -7.18
CA ALA A 424 -2.34 -36.79 -8.10
C ALA A 424 -2.61 -37.64 -9.31
N PRO A 425 -3.78 -37.48 -9.92
CA PRO A 425 -4.09 -38.25 -11.13
C PRO A 425 -3.28 -37.75 -12.34
N MET A 426 -3.19 -38.60 -13.34
CA MET A 426 -2.52 -38.32 -14.58
C MET A 426 -3.48 -38.38 -15.73
N SER A 427 -3.29 -37.44 -16.66
CA SER A 427 -4.05 -37.34 -17.87
C SER A 427 -3.04 -37.10 -19.00
N ASN A 428 -3.11 -37.87 -20.09
CA ASN A 428 -2.16 -37.71 -21.20
C ASN A 428 -2.86 -37.31 -22.48
N GLY A 429 -4.06 -36.78 -22.34
CA GLY A 429 -4.78 -36.22 -23.46
C GLY A 429 -6.10 -35.60 -23.06
N LEU A 430 -6.71 -34.87 -24.01
CA LEU A 430 -8.08 -34.46 -23.90
C LEU A 430 -8.84 -35.14 -25.03
N ALA A 431 -10.11 -35.40 -24.80
CA ALA A 431 -10.99 -35.91 -25.84
C ALA A 431 -12.19 -35.00 -25.97
N HIS A 432 -12.67 -34.89 -27.21
CA HIS A 432 -13.92 -34.19 -27.49
C HIS A 432 -14.85 -35.21 -28.12
N LEU A 433 -15.98 -35.48 -27.45
CA LEU A 433 -17.04 -36.31 -27.98
C LEU A 433 -18.18 -35.42 -28.50
N ASN A 434 -18.55 -35.60 -29.76
CA ASN A 434 -19.79 -35.09 -30.33
C ASN A 434 -20.81 -36.21 -30.10
N HIS A 435 -21.82 -35.94 -29.29
CA HIS A 435 -22.82 -36.96 -28.92
C HIS A 435 -23.84 -37.25 -30.05
N GLU A 436 -24.11 -36.30 -30.95
CA GLU A 436 -25.03 -36.55 -32.08
C GLU A 436 -24.42 -37.52 -33.07
N THR A 437 -23.19 -37.23 -33.50
CA THR A 437 -22.52 -38.01 -34.54
C THR A 437 -21.72 -39.18 -33.98
N GLY A 438 -21.32 -39.11 -32.71
CA GLY A 438 -20.37 -40.08 -32.12
C GLY A 438 -18.90 -39.90 -32.46
N ASP A 439 -18.55 -38.89 -33.27
CA ASP A 439 -17.12 -38.58 -33.55
C ASP A 439 -16.37 -38.16 -32.26
N ILE A 440 -15.14 -38.66 -32.13
CA ILE A 440 -14.27 -38.33 -31.02
C ILE A 440 -12.99 -37.79 -31.63
N GLN A 441 -12.57 -36.60 -31.20
N GLN A 441 -12.56 -36.62 -31.19
CA GLN A 441 -11.21 -36.13 -31.49
CA GLN A 441 -11.23 -36.13 -31.47
C GLN A 441 -10.38 -36.13 -30.20
C GLN A 441 -10.38 -36.13 -30.20
N ARG A 442 -9.10 -36.44 -30.34
CA ARG A 442 -8.17 -36.48 -29.21
C ARG A 442 -6.98 -35.54 -29.42
N TYR A 443 -6.68 -34.76 -28.38
CA TYR A 443 -5.47 -33.94 -28.31
C TYR A 443 -4.46 -34.66 -27.44
N LEU A 444 -3.28 -34.94 -27.98
CA LEU A 444 -2.19 -35.57 -27.26
C LEU A 444 -1.06 -34.55 -27.18
N PRO A 445 -0.79 -33.98 -26.00
CA PRO A 445 0.28 -32.97 -25.96
C PRO A 445 1.67 -33.52 -26.25
N GLY A 446 1.89 -34.81 -26.08
CA GLY A 446 3.18 -35.39 -26.35
C GLY A 446 3.55 -36.43 -25.32
N PRO A 447 4.61 -37.22 -25.62
CA PRO A 447 4.98 -38.32 -24.76
C PRO A 447 5.56 -37.93 -23.41
N ARG A 448 6.05 -36.70 -23.27
CA ARG A 448 6.62 -36.24 -22.01
C ARG A 448 5.84 -35.06 -21.40
N LYS A 449 4.55 -35.00 -21.74
CA LYS A 449 3.65 -34.02 -21.15
C LYS A 449 2.37 -34.68 -20.66
N LEU A 450 1.78 -34.10 -19.62
CA LEU A 450 0.48 -34.47 -19.08
C LEU A 450 -0.37 -33.21 -18.94
N THR A 451 -1.68 -33.39 -18.80
CA THR A 451 -2.64 -32.27 -18.81
C THR A 451 -3.38 -32.13 -17.49
N GLY A 452 -3.91 -30.93 -17.25
CA GLY A 452 -4.93 -30.71 -16.21
C GLY A 452 -6.32 -30.71 -16.81
N GLU A 453 -7.28 -30.18 -16.05
CA GLU A 453 -8.66 -30.02 -16.51
C GLU A 453 -8.76 -28.89 -17.53
N CYS A 454 -9.53 -29.11 -18.60
CA CYS A 454 -9.63 -28.09 -19.65
C CYS A 454 -10.74 -27.08 -19.32
N ILE A 455 -10.73 -25.95 -20.03
CA ILE A 455 -11.88 -25.03 -20.07
C ILE A 455 -12.30 -24.91 -21.54
N PHE A 456 -13.58 -24.60 -21.73
CA PHE A 456 -14.14 -24.30 -23.02
C PHE A 456 -14.57 -22.83 -23.07
N ILE A 457 -14.25 -22.15 -24.18
CA ILE A 457 -14.55 -20.75 -24.41
C ILE A 457 -15.36 -20.65 -25.73
N PRO A 458 -16.62 -20.18 -25.67
CA PRO A 458 -17.38 -19.95 -26.92
C PRO A 458 -16.63 -19.04 -27.87
N ARG A 459 -16.66 -19.34 -29.17
CA ARG A 459 -15.97 -18.49 -30.14
C ARG A 459 -16.40 -17.00 -30.05
N ASN A 460 -17.69 -16.80 -29.82
CA ASN A 460 -18.29 -15.45 -29.71
C ASN A 460 -19.70 -15.72 -29.21
N SER A 461 -20.49 -14.69 -28.99
CA SER A 461 -21.83 -14.89 -28.42
C SER A 461 -22.85 -15.55 -29.36
N GLU A 462 -22.55 -15.68 -30.66
CA GLU A 462 -23.43 -16.40 -31.61
C GLU A 462 -22.92 -17.80 -31.96
N ALA A 463 -21.85 -18.24 -31.34
CA ALA A 463 -21.27 -19.55 -31.67
C ALA A 463 -22.23 -20.70 -31.33
N ALA A 464 -22.19 -21.75 -32.15
CA ALA A 464 -22.91 -22.97 -31.91
C ALA A 464 -22.37 -23.64 -30.65
N GLU A 465 -23.16 -24.54 -30.08
CA GLU A 465 -22.74 -25.30 -28.91
C GLU A 465 -21.40 -25.96 -29.20
N GLY A 466 -20.44 -25.79 -28.29
CA GLY A 466 -19.16 -26.48 -28.41
C GLY A 466 -18.22 -25.95 -29.46
N ASP A 467 -18.56 -24.81 -30.09
CA ASP A 467 -17.70 -24.21 -31.10
C ASP A 467 -16.91 -23.05 -30.46
N GLY A 468 -15.58 -23.18 -30.45
CA GLY A 468 -14.73 -22.12 -29.95
C GLY A 468 -13.35 -22.64 -29.61
N TYR A 469 -12.89 -22.34 -28.37
CA TYR A 469 -11.54 -22.67 -27.97
C TYR A 469 -11.50 -23.49 -26.71
N VAL A 470 -10.48 -24.32 -26.60
CA VAL A 470 -10.22 -25.11 -25.41
C VAL A 470 -8.83 -24.73 -24.93
N MET A 471 -8.72 -24.49 -23.64
CA MET A 471 -7.42 -24.25 -23.02
C MET A 471 -7.17 -25.31 -21.96
N VAL A 472 -5.91 -25.64 -21.79
CA VAL A 472 -5.53 -26.65 -20.82
C VAL A 472 -4.08 -26.44 -20.41
N LEU A 473 -3.84 -26.57 -19.11
CA LEU A 473 -2.49 -26.43 -18.59
C LEU A 473 -1.77 -27.76 -18.75
N LEU A 474 -0.55 -27.70 -19.25
CA LEU A 474 0.28 -28.88 -19.43
C LEU A 474 1.44 -28.86 -18.45
N ALA A 475 1.79 -30.04 -17.96
CA ALA A 475 3.03 -30.27 -17.25
C ALA A 475 4.02 -30.84 -18.24
N ASN A 476 5.12 -30.13 -18.48
CA ASN A 476 6.18 -30.58 -19.37
C ASN A 476 7.31 -31.14 -18.52
N TYR A 477 7.43 -32.48 -18.52
CA TYR A 477 8.41 -33.13 -17.66
C TYR A 477 9.85 -33.02 -18.23
N GLU A 478 10.00 -32.72 -19.51
CA GLU A 478 11.35 -32.48 -20.07
C GLU A 478 11.94 -31.18 -19.53
N ASP A 479 11.17 -30.10 -19.59
CA ASP A 479 11.62 -28.79 -19.12
C ASP A 479 11.40 -28.57 -17.63
N MET A 480 10.54 -29.41 -17.02
CA MET A 480 10.02 -29.18 -15.65
C MET A 480 9.41 -27.77 -15.55
N CYS A 481 8.62 -27.42 -16.55
CA CYS A 481 7.88 -26.16 -16.60
C CYS A 481 6.46 -26.48 -16.98
N SER A 482 5.60 -25.51 -16.77
CA SER A 482 4.22 -25.59 -17.23
C SER A 482 4.00 -24.81 -18.51
N GLU A 483 2.99 -25.21 -19.25
CA GLU A 483 2.59 -24.54 -20.49
C GLU A 483 1.09 -24.46 -20.54
N LEU A 484 0.56 -23.46 -21.21
CA LEU A 484 -0.87 -23.32 -21.40
C LEU A 484 -1.18 -23.41 -22.89
N ALA A 485 -1.85 -24.49 -23.28
CA ALA A 485 -2.19 -24.78 -24.67
C ALA A 485 -3.52 -24.19 -24.99
N VAL A 486 -3.62 -23.61 -26.19
CA VAL A 486 -4.87 -23.08 -26.71
C VAL A 486 -5.16 -23.84 -28.00
N LEU A 487 -6.38 -24.38 -28.07
CA LEU A 487 -6.83 -25.27 -29.16
C LEU A 487 -8.12 -24.72 -29.72
N ASP A 488 -8.33 -24.94 -31.02
CA ASP A 488 -9.59 -24.57 -31.68
C ASP A 488 -10.40 -25.87 -31.78
N THR A 489 -11.67 -25.82 -31.40
CA THR A 489 -12.54 -27.01 -31.50
C THR A 489 -12.72 -27.56 -32.92
N LYS A 490 -12.47 -26.76 -33.94
CA LYS A 490 -12.49 -27.26 -35.32
C LYS A 490 -11.41 -28.29 -35.57
N ASP A 491 -10.29 -28.25 -34.85
CA ASP A 491 -9.26 -29.29 -34.89
C ASP A 491 -8.52 -29.34 -33.57
N LEU A 492 -8.98 -30.22 -32.70
CA LEU A 492 -8.48 -30.31 -31.34
C LEU A 492 -7.06 -30.90 -31.30
N THR A 493 -6.61 -31.56 -32.37
CA THR A 493 -5.28 -32.15 -32.41
C THR A 493 -4.14 -31.14 -32.58
N ASN A 494 -4.46 -29.92 -33.00
CA ASN A 494 -3.44 -28.89 -33.25
C ASN A 494 -3.50 -27.76 -32.21
N GLU A 495 -2.34 -27.43 -31.65
CA GLU A 495 -2.20 -26.25 -30.79
C GLU A 495 -2.16 -25.03 -31.64
N VAL A 496 -3.13 -24.14 -31.45
CA VAL A 496 -3.05 -22.82 -32.05
C VAL A 496 -1.96 -21.97 -31.37
N ALA A 497 -1.82 -22.12 -30.07
CA ALA A 497 -0.81 -21.37 -29.32
C ALA A 497 -0.32 -22.20 -28.16
N LEU A 498 0.94 -22.01 -27.77
CA LEU A 498 1.47 -22.67 -26.62
C LEU A 498 2.13 -21.61 -25.80
N ILE A 499 1.57 -21.33 -24.63
CA ILE A 499 2.09 -20.27 -23.76
C ILE A 499 3.07 -20.93 -22.80
N LYS A 500 4.31 -20.46 -22.76
CA LYS A 500 5.40 -21.17 -22.13
C LYS A 500 5.78 -20.49 -20.84
N LEU A 501 5.37 -21.08 -19.72
CA LEU A 501 5.71 -20.56 -18.41
C LEU A 501 7.11 -20.99 -18.04
N PRO A 502 7.86 -20.12 -17.35
CA PRO A 502 9.22 -20.47 -16.93
C PRO A 502 9.27 -21.07 -15.52
N VAL A 503 8.11 -21.30 -14.94
CA VAL A 503 7.95 -21.86 -13.61
C VAL A 503 6.99 -23.06 -13.73
N ARG A 504 6.95 -23.87 -12.66
CA ARG A 504 5.97 -24.94 -12.57
C ARG A 504 4.77 -24.43 -11.84
N LEU A 505 3.62 -24.75 -12.41
CA LEU A 505 2.38 -24.76 -11.68
C LEU A 505 2.10 -26.23 -11.40
N ARG A 506 2.19 -26.55 -10.13
CA ARG A 506 1.93 -27.87 -9.63
C ARG A 506 0.55 -28.37 -10.05
N PRO A 507 0.43 -29.66 -10.32
CA PRO A 507 -0.90 -30.18 -10.72
C PRO A 507 -2.01 -29.71 -9.79
N GLY A 508 -3.12 -29.29 -10.41
CA GLY A 508 -4.18 -28.62 -9.75
C GLY A 508 -5.52 -29.28 -9.93
N LEU A 509 -6.56 -28.57 -9.50
CA LEU A 509 -7.90 -29.08 -9.55
C LEU A 509 -8.67 -28.24 -10.57
N HIS A 510 -9.77 -27.58 -10.18
CA HIS A 510 -10.69 -27.07 -11.17
C HIS A 510 -10.38 -25.61 -11.56
N GLY A 511 -10.95 -25.21 -12.70
CA GLY A 511 -10.77 -23.91 -13.25
C GLY A 511 -11.94 -23.52 -14.11
N ASN A 512 -12.05 -22.22 -14.39
CA ASN A 512 -13.19 -21.65 -15.10
C ASN A 512 -12.73 -20.44 -15.94
N TRP A 513 -13.42 -20.24 -17.04
CA TRP A 513 -13.27 -19.09 -17.91
C TRP A 513 -14.30 -18.03 -17.50
N VAL A 514 -13.84 -16.79 -17.39
CA VAL A 514 -14.73 -15.65 -17.19
C VAL A 514 -14.52 -14.74 -18.39
N ASP A 515 -15.50 -14.75 -19.28
CA ASP A 515 -15.38 -14.03 -20.55
C ASP A 515 -15.65 -12.55 -20.31
N LYS A 516 -14.83 -11.70 -20.92
CA LYS A 516 -14.97 -10.24 -20.72
C LYS A 516 -16.32 -9.71 -21.22
N SER A 517 -16.91 -10.35 -22.23
CA SER A 517 -18.21 -9.90 -22.75
C SER A 517 -19.44 -10.33 -21.91
N ASP A 518 -19.24 -11.11 -20.86
CA ASP A 518 -20.36 -11.56 -19.99
C ASP A 518 -20.31 -10.72 -18.73
N VAL A 519 -21.24 -9.77 -18.59
CA VAL A 519 -21.15 -8.84 -17.48
C VAL A 519 -21.22 -9.57 -16.10
N ASP A 520 -22.09 -10.59 -15.97
CA ASP A 520 -22.16 -11.37 -14.73
C ASP A 520 -21.18 -12.57 -14.66
N GLY A 521 -20.30 -12.68 -15.65
CA GLY A 521 -19.22 -13.63 -15.64
C GLY A 521 -19.55 -14.99 -16.20
N HIS A 522 -20.83 -15.21 -16.55
CA HIS A 522 -21.27 -16.50 -17.09
C HIS A 522 -21.89 -16.34 -18.47
N PRO A 523 -21.73 -17.34 -19.35
CA PRO A 523 -22.19 -17.16 -20.73
C PRO A 523 -23.73 -17.16 -20.87
N ALA A 524 -24.21 -16.54 -21.95
CA ALA A 524 -25.65 -16.42 -22.23
C ALA A 524 -26.19 -17.75 -22.73
N PRO A 525 -27.48 -18.06 -22.44
CA PRO A 525 -28.03 -19.32 -22.92
C PRO A 525 -28.11 -19.36 -24.44
N LEU A 526 -27.96 -20.56 -25.00
CA LEU A 526 -28.14 -20.75 -26.42
C LEU A 526 -29.61 -20.50 -26.74
N LEU B 30 8.93 34.76 -12.62
CA LEU B 30 7.55 34.23 -12.57
C LEU B 30 6.67 35.16 -11.68
N PRO B 31 5.31 35.21 -11.92
CA PRO B 31 4.43 35.94 -10.96
C PRO B 31 4.60 35.38 -9.53
N PRO B 32 4.74 36.27 -8.51
CA PRO B 32 5.18 35.75 -7.21
C PRO B 32 4.13 34.78 -6.61
N ALA B 33 4.62 33.75 -5.91
CA ALA B 33 3.74 32.71 -5.33
C ALA B 33 3.34 33.15 -3.92
N PRO B 34 2.08 33.55 -3.69
CA PRO B 34 1.75 33.92 -2.28
C PRO B 34 1.85 32.69 -1.33
N ARG B 35 2.18 32.94 -0.07
CA ARG B 35 2.38 31.88 0.95
C ARG B 35 1.20 31.67 1.94
N TYR B 36 0.18 32.50 1.82
CA TYR B 36 -1.11 32.29 2.52
C TYR B 36 -2.24 32.76 1.61
N PHE B 37 -3.45 32.28 1.88
CA PHE B 37 -4.60 32.57 1.06
C PHE B 37 -5.12 33.96 1.35
N GLN B 38 -5.46 34.70 0.29
CA GLN B 38 -5.99 36.06 0.36
C GLN B 38 -7.16 36.20 -0.59
N GLY B 39 -8.08 37.11 -0.28
CA GLY B 39 -9.25 37.32 -1.11
C GLY B 39 -10.49 36.61 -0.57
N GLU B 40 -11.63 37.15 -0.97
CA GLU B 40 -12.94 36.68 -0.49
C GLU B 40 -13.22 35.21 -0.84
N ASN B 41 -12.73 34.71 -1.97
CA ASN B 41 -12.97 33.33 -2.39
C ASN B 41 -12.26 32.26 -1.56
N THR B 42 -11.35 32.69 -0.69
CA THR B 42 -10.67 31.80 0.22
C THR B 42 -10.77 32.32 1.65
N ALA B 43 -11.76 33.16 1.95
CA ALA B 43 -11.95 33.67 3.33
C ALA B 43 -13.08 32.91 4.03
N GLY B 44 -13.05 32.95 5.37
CA GLY B 44 -14.14 32.41 6.17
C GLY B 44 -14.29 30.90 5.96
N PHE B 45 -15.52 30.46 5.78
CA PHE B 45 -15.82 29.08 5.57
C PHE B 45 -15.18 28.59 4.25
N MET B 46 -14.85 29.52 3.34
CA MET B 46 -14.17 29.15 2.08
C MET B 46 -12.68 28.96 2.19
N ARG B 47 -12.09 29.22 3.34
CA ARG B 47 -10.66 29.01 3.52
C ARG B 47 -10.29 27.53 3.30
N PRO B 48 -9.36 27.26 2.39
CA PRO B 48 -8.98 25.86 2.18
C PRO B 48 -8.39 25.24 3.46
N VAL B 49 -8.72 23.98 3.69
CA VAL B 49 -8.14 23.24 4.80
C VAL B 49 -6.99 22.37 4.29
N ARG B 50 -7.28 21.64 3.21
CA ARG B 50 -6.26 20.94 2.41
C ARG B 50 -5.74 19.70 3.10
N PHE B 51 -6.63 19.07 3.87
CA PHE B 51 -6.19 17.90 4.59
C PHE B 51 -6.52 16.66 3.77
N GLU B 52 -5.66 15.66 3.87
CA GLU B 52 -5.85 14.34 3.30
C GLU B 52 -5.60 13.34 4.41
N GLY B 53 -6.42 12.31 4.50
CA GLY B 53 -6.23 11.25 5.47
C GLY B 53 -7.54 10.67 5.92
N ASP B 54 -7.64 10.36 7.21
CA ASP B 54 -8.78 9.61 7.77
C ASP B 54 -9.22 10.23 9.08
N ILE B 55 -10.53 10.18 9.30
CA ILE B 55 -11.12 10.42 10.61
C ILE B 55 -12.13 9.29 10.75
N THR B 56 -11.83 8.29 11.57
CA THR B 56 -12.74 7.15 11.76
C THR B 56 -13.70 7.42 12.92
N ASN B 57 -14.81 6.67 12.94
CA ASN B 57 -15.76 6.71 14.04
C ASN B 57 -16.24 8.13 14.30
N LEU B 58 -16.80 8.76 13.28
CA LEU B 58 -17.27 10.12 13.44
C LEU B 58 -18.31 10.21 14.55
N GLU B 59 -18.31 11.32 15.26
CA GLU B 59 -19.30 11.57 16.31
C GLU B 59 -20.68 11.65 15.68
N VAL B 60 -21.66 11.05 16.34
CA VAL B 60 -23.03 11.03 15.84
C VAL B 60 -24.03 11.43 16.93
N VAL B 61 -24.91 12.38 16.63
CA VAL B 61 -26.06 12.75 17.45
C VAL B 61 -27.26 12.12 16.79
N GLY B 62 -28.11 11.43 17.56
CA GLY B 62 -29.18 10.60 17.03
C GLY B 62 -28.64 9.24 16.71
N GLU B 63 -29.17 8.64 15.65
CA GLU B 63 -28.87 7.26 15.30
C GLU B 63 -28.92 7.05 13.81
N ILE B 64 -27.80 6.61 13.25
CA ILE B 64 -27.76 6.29 11.82
C ILE B 64 -28.49 4.95 11.68
N PRO B 65 -29.52 4.86 10.81
CA PRO B 65 -30.19 3.57 10.56
C PRO B 65 -29.16 2.48 10.26
N LYS B 66 -29.27 1.39 11.03
CA LYS B 66 -28.26 0.33 10.98
C LYS B 66 -28.23 -0.45 9.66
N SER B 67 -29.31 -0.40 8.90
CA SER B 67 -29.33 -1.11 7.64
C SER B 67 -28.64 -0.33 6.49
N ILE B 68 -28.34 0.96 6.66
CA ILE B 68 -27.62 1.70 5.61
C ILE B 68 -26.21 1.11 5.50
N GLU B 69 -25.82 0.70 4.31
CA GLU B 69 -24.48 0.19 4.06
C GLU B 69 -23.99 0.62 2.66
N GLY B 70 -22.91 1.39 2.64
CA GLY B 70 -22.35 1.92 1.40
C GLY B 70 -21.51 3.13 1.68
N THR B 71 -21.23 3.88 0.61
CA THR B 71 -20.34 5.03 0.71
C THR B 71 -20.91 6.24 -0.02
N PHE B 72 -20.85 7.39 0.65
CA PHE B 72 -21.18 8.67 0.06
C PHE B 72 -19.87 9.30 -0.37
N TYR B 73 -19.68 9.44 -1.68
CA TYR B 73 -18.50 10.15 -2.20
C TYR B 73 -18.94 11.54 -2.63
N ARG B 74 -18.12 12.55 -2.31
CA ARG B 74 -18.37 13.92 -2.76
C ARG B 74 -17.02 14.52 -3.16
N VAL B 75 -17.05 15.52 -4.04
CA VAL B 75 -15.85 16.24 -4.45
C VAL B 75 -16.05 17.72 -4.16
N MET B 76 -14.98 18.36 -3.70
CA MET B 76 -14.97 19.79 -3.55
C MET B 76 -13.75 20.37 -4.27
N PRO B 77 -13.92 21.55 -4.89
CA PRO B 77 -12.72 22.30 -5.28
C PRO B 77 -12.05 22.80 -4.04
N GLU B 78 -10.74 22.61 -3.94
CA GLU B 78 -9.99 23.06 -2.78
C GLU B 78 -8.55 23.34 -3.13
N PRO B 79 -8.21 24.61 -3.42
CA PRO B 79 -6.87 24.93 -3.83
C PRO B 79 -5.80 24.40 -2.92
N HIS B 80 -4.89 23.59 -3.46
CA HIS B 80 -3.82 23.05 -2.64
C HIS B 80 -2.75 24.10 -2.33
N LEU B 81 -2.59 25.06 -3.23
CA LEU B 81 -1.58 26.13 -3.10
C LEU B 81 -2.24 27.46 -3.47
N PRO B 82 -1.84 28.55 -2.82
CA PRO B 82 -2.40 29.85 -3.19
C PRO B 82 -2.17 30.16 -4.66
N SER B 83 -3.23 30.57 -5.34
CA SER B 83 -3.16 30.83 -6.78
C SER B 83 -2.37 32.13 -7.02
N PHE B 84 -1.67 32.21 -8.16
CA PHE B 84 -1.12 33.51 -8.60
C PHE B 84 -2.14 34.37 -9.34
N ILE B 85 -3.35 33.84 -9.58
CA ILE B 85 -4.46 34.57 -10.18
C ILE B 85 -5.33 35.18 -9.07
N PRO B 86 -5.47 36.51 -9.02
CA PRO B 86 -6.38 37.06 -7.97
C PRO B 86 -7.85 36.67 -8.22
N ASN B 87 -8.58 36.41 -7.15
CA ASN B 87 -10.00 36.03 -7.24
C ASN B 87 -10.27 34.90 -8.23
N ASP B 88 -9.42 33.88 -8.18
CA ASP B 88 -9.55 32.70 -9.04
C ASP B 88 -10.92 32.09 -8.66
N PRO B 89 -11.75 31.77 -9.64
CA PRO B 89 -13.08 31.26 -9.29
C PRO B 89 -13.05 29.92 -8.56
N TRP B 90 -14.12 29.69 -7.83
CA TRP B 90 -14.30 28.43 -7.07
C TRP B 90 -14.13 27.19 -7.95
N PHE B 91 -14.67 27.22 -9.17
CA PHE B 91 -14.56 26.15 -10.15
C PHE B 91 -13.13 25.77 -10.54
N ASN B 92 -12.14 26.59 -10.21
CA ASN B 92 -10.79 26.31 -10.66
C ASN B 92 -9.92 25.63 -9.59
N GLY B 93 -10.51 25.21 -8.46
CA GLY B 93 -9.73 24.60 -7.38
C GLY B 93 -9.52 23.07 -7.53
N ASP B 94 -8.37 22.62 -7.05
CA ASP B 94 -7.99 21.19 -7.10
C ASP B 94 -9.09 20.30 -6.46
N GLY B 95 -9.45 19.25 -7.14
CA GLY B 95 -10.46 18.32 -6.64
C GLY B 95 -9.98 17.49 -5.45
N ASN B 96 -10.71 17.60 -4.34
CA ASN B 96 -10.45 16.77 -3.13
C ASN B 96 -11.69 15.88 -2.88
N ILE B 97 -11.46 14.57 -2.82
CA ILE B 97 -12.54 13.57 -2.71
C ILE B 97 -12.75 13.20 -1.24
N SER B 98 -14.00 13.27 -0.76
CA SER B 98 -14.38 12.72 0.55
C SER B 98 -15.20 11.47 0.32
N GLY B 99 -14.92 10.43 1.10
CA GLY B 99 -15.76 9.24 1.17
C GLY B 99 -16.22 9.02 2.61
N PHE B 100 -17.53 8.90 2.78
CA PHE B 100 -18.12 8.57 4.08
C PHE B 100 -18.62 7.13 3.97
N TYR B 101 -17.95 6.23 4.70
CA TYR B 101 -18.15 4.80 4.59
C TYR B 101 -19.06 4.39 5.79
N PHE B 102 -20.27 3.90 5.45
CA PHE B 102 -21.30 3.55 6.44
C PHE B 102 -21.45 2.05 6.58
N LYS B 103 -21.48 1.59 7.85
CA LYS B 103 -21.81 0.19 8.15
C LYS B 103 -22.29 0.06 9.59
N ASP B 104 -23.43 -0.64 9.78
CA ASP B 104 -23.96 -0.97 11.12
C ASP B 104 -24.08 0.25 12.01
N GLY B 105 -24.48 1.37 11.43
CA GLY B 105 -24.69 2.62 12.18
C GLY B 105 -23.45 3.39 12.56
N HIS B 106 -22.29 2.95 12.07
CA HIS B 106 -20.99 3.63 12.28
C HIS B 106 -20.56 4.24 10.92
N VAL B 107 -19.79 5.31 10.97
CA VAL B 107 -19.31 5.98 9.77
C VAL B 107 -17.87 6.49 9.95
N ASP B 108 -17.07 6.27 8.92
CA ASP B 108 -15.69 6.74 8.84
C ASP B 108 -15.52 7.69 7.63
N LEU B 109 -14.64 8.69 7.77
CA LEU B 109 -14.27 9.58 6.67
C LEU B 109 -12.89 9.22 6.14
N LYS B 110 -12.78 9.12 4.82
CA LYS B 110 -11.50 9.11 4.16
C LYS B 110 -11.49 10.28 3.16
N GLN B 111 -10.37 11.00 3.10
N GLN B 111 -10.36 10.99 3.10
CA GLN B 111 -10.26 12.17 2.25
CA GLN B 111 -10.26 12.17 2.25
C GLN B 111 -8.92 12.21 1.51
C GLN B 111 -8.92 12.21 1.51
N ARG B 112 -8.95 12.51 0.21
CA ARG B 112 -7.72 12.57 -0.58
C ARG B 112 -7.90 13.37 -1.88
N TYR B 113 -6.89 14.19 -2.17
CA TYR B 113 -6.81 14.91 -3.47
C TYR B 113 -6.63 13.98 -4.65
N VAL B 114 -7.29 14.30 -5.77
CA VAL B 114 -7.03 13.61 -7.02
C VAL B 114 -5.61 14.01 -7.47
N ARG B 115 -4.81 13.02 -7.90
CA ARG B 115 -3.45 13.28 -8.36
C ARG B 115 -3.48 13.63 -9.84
N THR B 116 -4.05 14.78 -10.13
CA THR B 116 -4.05 15.31 -11.49
C THR B 116 -2.62 15.74 -11.87
N GLU B 117 -2.40 15.98 -13.15
CA GLU B 117 -1.10 16.50 -13.61
C GLU B 117 -0.81 17.82 -12.92
N LYS B 118 -1.84 18.68 -12.84
CA LYS B 118 -1.72 19.94 -12.14
C LYS B 118 -1.29 19.72 -10.67
N PHE B 119 -2.03 18.85 -9.97
CA PHE B 119 -1.74 18.65 -8.56
C PHE B 119 -0.28 18.20 -8.33
N VAL B 120 0.12 17.22 -9.12
CA VAL B 120 1.44 16.59 -9.00
C VAL B 120 2.56 17.56 -9.35
N ARG B 121 2.44 18.25 -10.48
CA ARG B 121 3.49 19.23 -10.86
C ARG B 121 3.58 20.40 -9.89
N GLU B 122 2.42 20.89 -9.42
CA GLU B 122 2.46 21.97 -8.44
C GLU B 122 3.00 21.52 -7.07
N ALA B 123 2.67 20.32 -6.65
CA ALA B 123 3.23 19.76 -5.41
C ALA B 123 4.76 19.63 -5.50
N GLU B 124 5.25 19.19 -6.66
CA GLU B 124 6.70 19.11 -6.88
C GLU B 124 7.33 20.49 -6.81
N ALA B 125 6.70 21.49 -7.39
CA ALA B 125 7.27 22.84 -7.42
C ALA B 125 7.03 23.62 -6.15
N ARG B 126 6.08 23.16 -5.34
CA ARG B 126 5.62 23.87 -4.15
C ARG B 126 5.11 25.28 -4.47
N ARG B 127 4.45 25.41 -5.61
CA ARG B 127 3.81 26.67 -5.99
C ARG B 127 2.82 26.45 -7.12
N SER B 128 1.88 27.39 -7.24
CA SER B 128 0.91 27.35 -8.35
C SER B 128 1.60 27.57 -9.71
N LEU B 129 1.14 26.83 -10.70
CA LEU B 129 1.66 26.86 -12.07
C LEU B 129 0.57 27.02 -13.10
N LEU B 130 -0.58 26.38 -12.89
CA LEU B 130 -1.74 26.53 -13.78
C LEU B 130 -2.37 27.89 -13.51
N GLY B 131 -2.79 28.58 -14.56
CA GLY B 131 -3.27 29.95 -14.43
C GLY B 131 -4.79 30.07 -14.41
N LYS B 132 -5.33 30.91 -15.27
CA LYS B 132 -6.77 31.17 -15.28
C LYS B 132 -7.55 29.96 -15.68
N TYR B 133 -8.80 29.94 -15.19
CA TYR B 133 -9.77 28.92 -15.55
C TYR B 133 -9.84 28.69 -17.04
N ARG B 134 -9.51 27.49 -17.48
CA ARG B 134 -9.57 27.06 -18.86
C ARG B 134 -8.85 27.98 -19.87
N ASN B 135 -7.78 28.61 -19.43
CA ASN B 135 -6.95 29.43 -20.34
C ASN B 135 -5.47 29.05 -20.26
N ARG B 136 -5.09 28.13 -21.12
CA ARG B 136 -3.72 27.60 -21.16
C ARG B 136 -2.68 28.66 -21.49
N TYR B 137 -3.09 29.79 -22.07
CA TYR B 137 -2.13 30.86 -22.43
C TYR B 137 -1.67 31.59 -21.21
N THR B 138 -2.30 31.35 -20.06
CA THR B 138 -1.83 31.95 -18.79
C THR B 138 -1.03 30.98 -17.87
N ASP B 139 -0.81 29.74 -18.31
CA ASP B 139 -0.08 28.75 -17.50
C ASP B 139 1.40 29.06 -17.50
N LEU B 140 2.09 28.79 -16.40
CA LEU B 140 3.51 29.05 -16.33
C LEU B 140 4.34 27.94 -16.95
N VAL B 141 3.73 26.79 -17.18
CA VAL B 141 4.38 25.68 -17.84
C VAL B 141 3.34 25.07 -18.74
N GLU B 142 3.76 24.22 -19.63
CA GLU B 142 2.86 23.61 -20.57
C GLU B 142 2.27 22.33 -19.96
N PHE B 143 0.95 22.30 -19.79
CA PHE B 143 0.23 21.12 -19.32
C PHE B 143 -0.30 20.31 -20.46
N LYS B 144 -0.19 18.99 -20.35
CA LYS B 144 -0.88 18.08 -21.24
C LYS B 144 -2.37 18.02 -20.88
N ILE B 145 -2.66 17.82 -19.59
CA ILE B 145 -4.02 17.73 -19.08
C ILE B 145 -4.19 18.81 -18.03
N ARG B 146 -5.24 19.62 -18.18
CA ARG B 146 -5.45 20.75 -17.26
C ARG B 146 -6.52 20.50 -16.15
N SER B 147 -7.02 19.30 -16.09
CA SER B 147 -8.08 18.96 -15.16
C SER B 147 -7.72 19.24 -13.73
N THR B 148 -8.68 19.79 -13.00
CA THR B 148 -8.68 19.79 -11.54
C THR B 148 -9.55 18.64 -10.99
N ALA B 149 -10.21 17.90 -11.86
CA ALA B 149 -11.06 16.75 -11.46
C ALA B 149 -11.93 17.04 -10.25
N ASN B 150 -12.62 18.19 -10.29
CA ASN B 150 -13.20 18.77 -9.09
C ASN B 150 -14.72 18.86 -9.11
N THR B 151 -15.37 18.28 -10.10
CA THR B 151 -16.79 18.56 -10.34
C THR B 151 -17.77 17.44 -9.96
N ASN B 152 -17.47 16.20 -10.34
CA ASN B 152 -18.29 15.10 -9.93
C ASN B 152 -17.40 13.88 -9.68
N ILE B 153 -17.96 12.88 -9.00
CA ILE B 153 -17.19 11.68 -8.63
C ILE B 153 -18.21 10.55 -8.75
N VAL B 154 -18.06 9.70 -9.77
CA VAL B 154 -19.03 8.68 -10.04
C VAL B 154 -18.33 7.31 -9.99
N TYR B 155 -19.15 6.27 -9.91
CA TYR B 155 -18.68 4.89 -9.85
C TYR B 155 -18.88 4.24 -11.20
N TRP B 156 -17.85 3.61 -11.75
CA TRP B 156 -17.99 2.86 -12.98
C TRP B 156 -17.06 1.68 -13.03
N ARG B 157 -17.65 0.49 -13.16
CA ARG B 157 -16.91 -0.78 -13.33
C ARG B 157 -15.74 -0.90 -12.38
N GLY B 158 -16.03 -0.75 -11.10
CA GLY B 158 -15.06 -1.00 -10.04
C GLY B 158 -14.08 0.13 -9.73
N GLN B 159 -14.18 1.28 -10.41
CA GLN B 159 -13.36 2.45 -10.09
C GLN B 159 -14.23 3.66 -9.84
N LEU B 160 -13.65 4.68 -9.20
CA LEU B 160 -14.26 6.00 -9.16
C LEU B 160 -13.72 6.77 -10.36
N LEU B 161 -14.55 7.64 -10.93
CA LEU B 161 -14.13 8.53 -12.01
C LEU B 161 -14.35 9.94 -11.51
N ALA B 162 -13.26 10.71 -11.38
CA ALA B 162 -13.30 12.06 -10.93
C ALA B 162 -13.33 12.94 -12.19
N LEU B 163 -14.38 13.76 -12.31
CA LEU B 163 -14.78 14.32 -13.56
C LEU B 163 -14.56 15.82 -13.61
N LYS B 164 -14.16 16.31 -14.78
CA LYS B 164 -14.01 17.72 -15.03
C LYS B 164 -14.24 17.90 -16.55
N GLU B 165 -15.19 18.77 -16.92
CA GLU B 165 -15.68 18.83 -18.29
C GLU B 165 -14.70 19.28 -19.37
N ASP B 166 -13.50 19.75 -18.99
CA ASP B 166 -12.47 20.13 -19.96
C ASP B 166 -11.47 19.03 -20.25
N SER B 167 -11.73 17.81 -19.73
CA SER B 167 -10.70 16.77 -19.68
C SER B 167 -11.31 15.38 -19.66
N PRO B 168 -10.50 14.35 -19.90
CA PRO B 168 -10.92 13.01 -19.56
C PRO B 168 -11.07 12.84 -18.06
N PRO B 169 -11.74 11.79 -17.62
CA PRO B 169 -11.79 11.50 -16.19
C PRO B 169 -10.43 11.06 -15.62
N TYR B 170 -10.29 11.17 -14.30
CA TYR B 170 -9.23 10.49 -13.53
C TYR B 170 -9.84 9.32 -12.77
N ALA B 171 -9.26 8.13 -12.96
CA ALA B 171 -9.73 6.92 -12.30
C ALA B 171 -9.08 6.81 -10.93
N MET B 172 -9.88 6.37 -9.95
CA MET B 172 -9.46 6.24 -8.55
C MET B 172 -9.99 4.94 -7.92
N ASP B 173 -9.31 4.51 -6.87
CA ASP B 173 -9.71 3.33 -6.08
CA ASP B 173 -9.70 3.34 -6.08
C ASP B 173 -10.82 3.71 -5.10
N PRO B 174 -11.98 3.02 -5.15
CA PRO B 174 -13.08 3.36 -4.20
C PRO B 174 -12.77 3.18 -2.71
N GLU B 175 -11.84 2.27 -2.41
CA GLU B 175 -11.49 1.92 -1.03
C GLU B 175 -10.43 2.86 -0.43
N THR B 176 -9.36 3.13 -1.17
CA THR B 176 -8.23 3.90 -0.69
C THR B 176 -8.16 5.31 -1.22
N LEU B 177 -8.95 5.62 -2.24
CA LEU B 177 -8.91 6.91 -2.93
C LEU B 177 -7.58 7.22 -3.62
N GLU B 178 -6.79 6.18 -3.87
CA GLU B 178 -5.58 6.29 -4.67
C GLU B 178 -6.01 6.70 -6.07
N THR B 179 -5.22 7.56 -6.72
CA THR B 179 -5.47 7.92 -8.11
C THR B 179 -4.66 6.95 -9.01
N PHE B 180 -5.33 6.26 -9.93
CA PHE B 180 -4.66 5.43 -10.89
C PHE B 180 -4.10 6.28 -12.04
N GLY B 181 -4.81 7.31 -12.47
CA GLY B 181 -4.34 8.18 -13.54
C GLY B 181 -5.46 8.60 -14.45
N VAL B 182 -5.12 9.34 -15.49
CA VAL B 182 -6.09 9.77 -16.49
C VAL B 182 -6.66 8.51 -17.12
N TYR B 183 -7.97 8.48 -17.30
CA TYR B 183 -8.66 7.31 -17.77
C TYR B 183 -9.19 7.47 -19.20
N ASP B 184 -8.84 6.54 -20.09
CA ASP B 184 -9.28 6.59 -21.50
C ASP B 184 -10.10 5.39 -21.96
N PHE B 185 -10.68 4.64 -21.01
CA PHE B 185 -11.59 3.55 -21.32
C PHE B 185 -10.96 2.51 -22.24
N ASP B 186 -9.78 2.05 -21.82
CA ASP B 186 -9.01 1.03 -22.56
C ASP B 186 -8.66 1.54 -23.98
N GLY B 187 -8.33 2.82 -24.12
CA GLY B 187 -8.00 3.40 -25.43
C GLY B 187 -9.20 3.70 -26.34
N GLN B 188 -10.43 3.58 -25.83
CA GLN B 188 -11.64 3.85 -26.59
C GLN B 188 -12.17 5.29 -26.53
N LEU B 189 -11.70 6.09 -25.59
CA LEU B 189 -12.27 7.44 -25.41
C LEU B 189 -12.07 8.25 -26.69
N PRO B 190 -13.14 8.66 -27.37
CA PRO B 190 -12.95 9.34 -28.67
C PRO B 190 -12.83 10.87 -28.60
N SER B 191 -12.99 11.44 -27.41
CA SER B 191 -13.10 12.86 -27.19
C SER B 191 -12.00 13.36 -26.29
N LEU B 192 -11.56 14.62 -26.49
CA LEU B 192 -10.70 15.27 -25.53
C LEU B 192 -11.39 15.57 -24.19
N THR B 193 -12.72 15.57 -24.17
CA THR B 193 -13.46 16.08 -23.03
C THR B 193 -14.52 15.06 -22.61
N PHE B 194 -14.76 14.98 -21.32
CA PHE B 194 -15.75 14.05 -20.78
C PHE B 194 -16.60 14.83 -19.79
N THR B 195 -17.90 14.90 -20.05
CA THR B 195 -18.82 15.68 -19.17
C THR B 195 -18.75 15.26 -17.71
N ALA B 196 -18.99 16.21 -16.82
CA ALA B 196 -19.18 15.92 -15.42
C ALA B 196 -20.55 15.28 -15.07
N HIS B 197 -21.45 15.22 -16.05
CA HIS B 197 -22.79 14.69 -15.83
C HIS B 197 -23.17 13.55 -16.75
N PRO B 198 -22.41 12.46 -16.76
CA PRO B 198 -22.85 11.28 -17.49
C PRO B 198 -24.13 10.74 -16.82
N LYS B 199 -24.94 10.00 -17.56
CA LYS B 199 -26.14 9.39 -17.00
C LYS B 199 -26.00 7.88 -17.03
N PHE B 200 -26.57 7.24 -15.99
CA PHE B 200 -26.55 5.80 -15.87
C PHE B 200 -27.95 5.25 -16.12
N ASP B 201 -28.10 4.51 -17.21
CA ASP B 201 -29.38 3.97 -17.57
C ASP B 201 -29.64 2.77 -16.67
N PRO B 202 -30.69 2.84 -15.83
CA PRO B 202 -30.93 1.72 -14.90
C PRO B 202 -31.40 0.42 -15.54
N VAL B 203 -31.91 0.45 -16.77
CA VAL B 203 -32.35 -0.76 -17.44
C VAL B 203 -31.22 -1.39 -18.26
N THR B 204 -30.55 -0.61 -19.10
CA THR B 204 -29.51 -1.15 -19.96
C THR B 204 -28.15 -1.22 -19.30
N ARG B 205 -28.00 -0.53 -18.16
CA ARG B 205 -26.72 -0.41 -17.44
C ARG B 205 -25.62 0.32 -18.23
N GLU B 206 -26.01 1.09 -19.24
CA GLU B 206 -25.06 1.90 -20.00
C GLU B 206 -24.69 3.16 -19.25
N MET B 207 -23.45 3.63 -19.46
CA MET B 207 -23.07 4.97 -19.06
C MET B 207 -23.12 5.83 -20.34
N VAL B 208 -23.98 6.85 -20.33
CA VAL B 208 -24.22 7.69 -21.51
C VAL B 208 -23.53 9.03 -21.25
N CYS B 209 -22.69 9.42 -22.19
CA CYS B 209 -21.75 10.52 -22.00
C CYS B 209 -21.70 11.47 -23.20
N PHE B 210 -21.00 12.57 -22.99
CA PHE B 210 -20.56 13.40 -24.08
C PHE B 210 -19.42 14.27 -23.65
N GLY B 211 -18.85 14.98 -24.60
CA GLY B 211 -17.92 16.07 -24.31
C GLY B 211 -18.18 17.22 -25.31
N TYR B 212 -18.14 18.47 -24.85
CA TYR B 212 -18.23 19.64 -25.74
C TYR B 212 -16.82 20.24 -25.81
N GLU B 213 -16.61 21.19 -26.73
CA GLU B 213 -15.27 21.61 -27.12
C GLU B 213 -14.36 20.39 -27.33
N ALA B 214 -14.95 19.39 -27.97
CA ALA B 214 -14.39 18.05 -28.00
C ALA B 214 -13.17 17.92 -28.92
N LYS B 215 -12.90 18.95 -29.75
CA LYS B 215 -11.66 19.00 -30.51
C LYS B 215 -10.72 20.12 -30.08
N GLY B 216 -10.93 20.69 -28.92
CA GLY B 216 -10.02 21.71 -28.42
C GLY B 216 -10.72 23.00 -28.10
N ASP B 217 -9.95 23.94 -27.61
CA ASP B 217 -10.43 25.25 -27.18
C ASP B 217 -11.22 25.93 -28.29
N GLY B 218 -12.42 26.39 -27.95
CA GLY B 218 -13.25 27.12 -28.85
C GLY B 218 -13.97 26.33 -29.91
N THR B 219 -13.78 25.02 -29.98
CA THR B 219 -14.43 24.24 -31.02
C THR B 219 -15.91 24.02 -30.66
N ARG B 220 -16.73 23.95 -31.71
CA ARG B 220 -18.17 23.72 -31.58
C ARG B 220 -18.48 22.23 -31.69
N ASP B 221 -17.46 21.39 -31.74
CA ASP B 221 -17.63 19.94 -31.79
C ASP B 221 -18.08 19.36 -30.46
N ILE B 222 -19.18 18.64 -30.51
CA ILE B 222 -19.68 17.83 -29.42
C ILE B 222 -19.51 16.38 -29.85
N CYS B 223 -18.91 15.56 -29.00
CA CYS B 223 -18.84 14.12 -29.23
C CYS B 223 -19.78 13.44 -28.23
N TYR B 224 -20.81 12.77 -28.74
CA TYR B 224 -21.78 12.00 -27.97
C TYR B 224 -21.29 10.55 -28.01
N TYR B 225 -21.16 9.94 -26.85
CA TYR B 225 -20.71 8.55 -26.80
C TYR B 225 -21.19 7.85 -25.55
N SER B 226 -21.20 6.52 -25.65
CA SER B 226 -21.76 5.70 -24.56
C SER B 226 -20.94 4.41 -24.40
N PHE B 227 -21.01 3.83 -23.19
CA PHE B 227 -20.36 2.56 -22.90
C PHE B 227 -21.36 1.57 -22.35
N GLY B 228 -21.28 0.34 -22.85
CA GLY B 228 -22.12 -0.73 -22.32
C GLY B 228 -21.56 -1.18 -20.97
N PRO B 229 -22.35 -1.96 -20.21
CA PRO B 229 -21.91 -2.43 -18.89
C PRO B 229 -20.66 -3.32 -18.90
N ASP B 230 -20.36 -3.95 -20.05
CA ASP B 230 -19.08 -4.65 -20.23
C ASP B 230 -17.86 -3.74 -20.50
N GLY B 231 -18.06 -2.44 -20.57
CA GLY B 231 -16.96 -1.51 -20.81
C GLY B 231 -16.70 -1.13 -22.28
N LYS B 232 -17.38 -1.77 -23.22
CA LYS B 232 -17.15 -1.50 -24.64
C LYS B 232 -17.91 -0.27 -25.07
N ILE B 233 -17.26 0.57 -25.87
CA ILE B 233 -17.93 1.75 -26.44
C ILE B 233 -19.06 1.28 -27.35
N ALA B 234 -20.21 1.95 -27.27
CA ALA B 234 -21.39 1.63 -28.07
C ALA B 234 -21.58 2.78 -29.09
N GLU B 235 -22.18 3.89 -28.68
CA GLU B 235 -22.36 5.03 -29.57
C GLU B 235 -21.10 5.86 -29.67
N THR B 236 -20.92 6.47 -30.84
CA THR B 236 -20.02 7.60 -30.98
C THR B 236 -20.53 8.44 -32.14
N VAL B 237 -21.04 9.64 -31.85
CA VAL B 237 -21.57 10.55 -32.87
C VAL B 237 -20.95 11.92 -32.68
N TRP B 238 -20.40 12.47 -33.77
CA TRP B 238 -19.84 13.83 -33.77
C TRP B 238 -20.90 14.81 -34.28
N LEU B 239 -21.17 15.87 -33.53
CA LEU B 239 -22.13 16.88 -33.95
C LEU B 239 -21.56 18.27 -33.70
N VAL B 240 -22.30 19.27 -34.17
CA VAL B 240 -21.86 20.69 -34.13
C VAL B 240 -22.90 21.51 -33.39
N SER B 241 -22.42 22.23 -32.41
CA SER B 241 -23.16 23.18 -31.60
C SER B 241 -23.31 24.47 -32.45
N PRO B 242 -24.45 25.18 -32.39
CA PRO B 242 -24.57 26.43 -33.19
C PRO B 242 -23.64 27.55 -32.74
N VAL B 243 -23.22 27.53 -31.46
CA VAL B 243 -22.21 28.45 -30.94
C VAL B 243 -21.28 27.62 -30.03
N CYS B 244 -20.09 28.13 -29.73
CA CYS B 244 -19.20 27.46 -28.76
C CYS B 244 -19.65 27.94 -27.40
N GLY B 245 -20.71 27.29 -26.92
CA GLY B 245 -21.30 27.58 -25.65
C GLY B 245 -21.10 26.44 -24.64
N MET B 246 -21.24 26.79 -23.37
CA MET B 246 -21.02 25.84 -22.27
C MET B 246 -22.19 24.85 -22.17
N ILE B 247 -21.88 23.56 -22.31
CA ILE B 247 -22.89 22.52 -22.17
C ILE B 247 -22.51 21.72 -20.91
N HIS B 248 -22.97 22.21 -19.77
CA HIS B 248 -22.55 21.66 -18.49
C HIS B 248 -23.21 20.32 -18.16
N ASP B 249 -24.49 20.20 -18.53
CA ASP B 249 -25.29 19.03 -18.15
C ASP B 249 -26.02 18.62 -19.41
N PHE B 250 -26.60 17.43 -19.40
CA PHE B 250 -27.41 16.96 -20.51
C PHE B 250 -28.44 16.00 -19.99
N ALA B 251 -29.33 15.56 -20.86
CA ALA B 251 -30.43 14.69 -20.45
C ALA B 251 -30.52 13.54 -21.41
N VAL B 252 -31.03 12.42 -20.90
CA VAL B 252 -31.11 11.17 -21.66
C VAL B 252 -32.47 10.56 -21.42
N THR B 253 -33.14 10.19 -22.50
CA THR B 253 -34.45 9.51 -22.43
C THR B 253 -34.26 8.17 -23.10
N GLU B 254 -35.35 7.41 -23.22
CA GLU B 254 -35.28 6.10 -23.85
C GLU B 254 -34.69 6.16 -25.26
N ASN B 255 -35.11 7.15 -26.07
CA ASN B 255 -34.73 7.25 -27.47
C ASN B 255 -33.97 8.51 -27.87
N PHE B 256 -33.72 9.44 -26.94
CA PHE B 256 -33.04 10.69 -27.27
C PHE B 256 -31.99 11.09 -26.25
N VAL B 257 -31.02 11.88 -26.71
CA VAL B 257 -30.16 12.64 -25.85
C VAL B 257 -30.33 14.14 -26.16
N ILE B 258 -30.21 14.96 -25.11
CA ILE B 258 -30.63 16.34 -25.13
C ILE B 258 -29.52 17.22 -24.55
N PHE B 259 -29.09 18.24 -25.32
CA PHE B 259 -27.97 19.12 -24.94
C PHE B 259 -28.41 20.59 -24.75
N PRO B 260 -28.67 21.01 -23.51
CA PRO B 260 -28.99 22.42 -23.27
C PRO B 260 -27.71 23.29 -23.15
N ILE B 261 -27.67 24.38 -23.92
CA ILE B 261 -26.48 25.25 -23.96
C ILE B 261 -26.68 26.51 -23.13
N ILE B 262 -25.77 26.72 -22.18
CA ILE B 262 -25.71 27.93 -21.42
C ILE B 262 -25.15 29.01 -22.35
N PRO B 263 -25.76 30.22 -22.36
CA PRO B 263 -25.25 31.30 -23.24
C PRO B 263 -23.92 31.94 -22.82
N LEU B 264 -23.00 31.15 -22.28
CA LEU B 264 -21.61 31.57 -22.13
C LEU B 264 -20.90 31.09 -23.35
N VAL B 265 -20.12 31.96 -23.99
CA VAL B 265 -19.50 31.67 -25.25
C VAL B 265 -17.98 31.87 -25.17
N CYS B 266 -17.25 30.99 -25.87
CA CYS B 266 -15.79 30.97 -25.89
C CYS B 266 -15.21 31.52 -27.19
N ASP B 267 -14.26 32.44 -27.06
CA ASP B 267 -13.49 33.01 -28.17
C ASP B 267 -11.98 32.85 -27.84
N VAL B 268 -11.31 32.07 -28.64
CA VAL B 268 -9.91 31.75 -28.38
C VAL B 268 -9.01 32.99 -28.51
N GLU B 269 -9.39 33.95 -29.36
CA GLU B 269 -8.60 35.17 -29.52
C GLU B 269 -8.59 35.98 -28.22
N ARG B 270 -9.75 36.04 -27.55
CA ARG B 270 -9.84 36.70 -26.27
C ARG B 270 -8.89 35.98 -25.27
N MET B 271 -8.93 34.65 -25.26
CA MET B 271 -8.06 33.87 -24.38
C MET B 271 -6.58 34.17 -24.62
N LYS B 272 -6.16 34.25 -25.89
CA LYS B 272 -4.74 34.54 -26.22
C LYS B 272 -4.25 35.87 -25.68
N GLN B 273 -5.16 36.83 -25.52
CA GLN B 273 -4.81 38.08 -24.88
C GLN B 273 -4.93 38.08 -23.36
N GLY B 274 -5.13 36.91 -22.72
CA GLY B 274 -5.27 36.83 -21.25
C GLY B 274 -6.70 36.92 -20.71
N GLY B 275 -7.69 36.92 -21.60
CA GLY B 275 -9.10 37.07 -21.21
C GLY B 275 -9.73 35.75 -20.76
N ASP B 276 -11.00 35.83 -20.38
CA ASP B 276 -11.73 34.70 -19.86
C ASP B 276 -12.12 33.71 -20.95
N HIS B 277 -12.15 32.44 -20.59
CA HIS B 277 -12.66 31.42 -21.50
C HIS B 277 -14.14 31.69 -21.84
N TRP B 278 -14.92 32.06 -20.84
CA TRP B 278 -16.35 32.26 -21.04
C TRP B 278 -16.76 33.74 -20.92
N GLN B 279 -17.73 34.13 -21.75
CA GLN B 279 -18.31 35.46 -21.78
C GLN B 279 -19.79 35.34 -22.14
N TRP B 280 -20.65 35.92 -21.33
CA TRP B 280 -22.09 35.86 -21.57
C TRP B 280 -22.44 36.58 -22.88
N ASP B 281 -23.44 36.04 -23.58
CA ASP B 281 -23.92 36.63 -24.82
C ASP B 281 -25.43 36.76 -24.66
N TYR B 282 -25.88 38.01 -24.47
CA TYR B 282 -27.33 38.33 -24.34
C TYR B 282 -28.13 38.16 -25.63
N SER B 283 -27.47 37.95 -26.77
CA SER B 283 -28.15 37.94 -28.07
C SER B 283 -28.62 36.60 -28.54
N ILE B 284 -28.36 35.54 -27.79
CA ILE B 284 -28.68 34.17 -28.28
C ILE B 284 -29.75 33.51 -27.43
N PRO B 285 -30.49 32.59 -28.01
CA PRO B 285 -31.42 31.80 -27.19
C PRO B 285 -30.67 30.81 -26.27
N MET B 286 -31.41 30.09 -25.44
CA MET B 286 -30.86 28.93 -24.76
C MET B 286 -31.14 27.79 -25.72
N TYR B 287 -30.13 27.40 -26.48
CA TYR B 287 -30.33 26.32 -27.42
C TYR B 287 -30.53 24.98 -26.67
N ILE B 288 -31.36 24.10 -27.23
CA ILE B 288 -31.58 22.75 -26.69
C ILE B 288 -31.55 21.77 -27.86
N GLY B 289 -30.43 21.06 -27.98
CA GLY B 289 -30.25 20.10 -29.05
C GLY B 289 -30.91 18.78 -28.70
N VAL B 290 -31.57 18.15 -29.66
CA VAL B 290 -32.09 16.81 -29.48
C VAL B 290 -31.53 15.94 -30.58
N LEU B 291 -30.96 14.79 -30.18
CA LEU B 291 -30.37 13.84 -31.10
C LEU B 291 -30.96 12.46 -30.81
N PRO B 292 -31.19 11.63 -31.85
CA PRO B 292 -31.58 10.26 -31.54
C PRO B 292 -30.46 9.54 -30.79
N ARG B 293 -30.87 8.74 -29.80
CA ARG B 293 -29.94 8.11 -28.86
C ARG B 293 -29.07 7.05 -29.53
N ARG B 294 -29.66 6.33 -30.49
CA ARG B 294 -28.99 5.20 -31.14
C ARG B 294 -28.97 5.31 -32.67
N GLY B 295 -27.81 5.03 -33.26
CA GLY B 295 -27.64 4.99 -34.68
C GLY B 295 -27.61 6.31 -35.44
N ALA B 296 -27.58 7.45 -34.76
CA ALA B 296 -27.73 8.74 -35.46
C ALA B 296 -26.44 9.16 -36.15
N GLN B 297 -26.57 10.13 -37.05
CA GLN B 297 -25.45 10.91 -37.57
C GLN B 297 -25.52 12.31 -36.98
N GLY B 298 -24.42 13.02 -37.06
CA GLY B 298 -24.33 14.40 -36.58
C GLY B 298 -25.41 15.35 -37.07
N SER B 299 -25.77 15.20 -38.33
CA SER B 299 -26.76 16.06 -38.99
C SER B 299 -28.21 15.78 -38.54
N ASP B 300 -28.44 14.68 -37.82
CA ASP B 300 -29.74 14.39 -37.22
C ASP B 300 -30.11 15.27 -36.00
N VAL B 301 -29.15 16.01 -35.43
CA VAL B 301 -29.46 16.86 -34.29
C VAL B 301 -30.38 17.99 -34.73
N LYS B 302 -31.41 18.30 -33.91
CA LYS B 302 -32.26 19.49 -34.09
C LYS B 302 -31.98 20.46 -32.97
N TRP B 303 -31.60 21.70 -33.30
CA TRP B 303 -31.32 22.73 -32.32
C TRP B 303 -32.54 23.59 -32.04
N PHE B 304 -33.35 23.14 -31.09
CA PHE B 304 -34.48 23.92 -30.60
C PHE B 304 -33.99 25.15 -29.86
N GLU B 305 -34.86 26.13 -29.73
CA GLU B 305 -34.48 27.45 -29.24
C GLU B 305 -35.39 27.85 -28.13
N ALA B 306 -34.93 27.68 -26.90
CA ALA B 306 -35.70 28.13 -25.76
C ALA B 306 -35.45 29.61 -25.55
N PRO B 307 -36.35 30.28 -24.84
CA PRO B 307 -36.09 31.66 -24.45
C PRO B 307 -34.78 31.81 -23.72
N HIS B 308 -34.08 32.90 -24.00
CA HIS B 308 -32.81 33.20 -23.40
C HIS B 308 -32.82 32.97 -21.92
N GLY B 309 -31.84 32.19 -21.45
CA GLY B 309 -31.71 31.95 -20.06
C GLY B 309 -30.55 31.03 -19.78
N PHE B 310 -30.39 30.69 -18.51
CA PHE B 310 -29.30 29.87 -18.01
C PHE B 310 -29.76 28.43 -17.86
N ALA B 311 -29.09 27.51 -18.56
CA ALA B 311 -29.34 26.08 -18.45
C ALA B 311 -28.71 25.51 -17.17
N GLY B 312 -29.50 25.33 -16.14
CA GLY B 312 -29.05 24.75 -14.88
C GLY B 312 -29.05 23.23 -14.95
N HIS B 313 -28.87 22.61 -13.80
CA HIS B 313 -28.81 21.15 -13.73
C HIS B 313 -30.10 20.48 -14.10
N VAL B 314 -29.97 19.35 -14.77
CA VAL B 314 -31.07 18.53 -15.16
C VAL B 314 -31.51 17.63 -13.99
N ALA B 315 -32.80 17.60 -13.69
CA ALA B 315 -33.33 16.62 -12.75
C ALA B 315 -33.37 15.28 -13.44
N ASN B 316 -34.10 15.23 -14.53
CA ASN B 316 -34.27 14.02 -15.32
C ASN B 316 -35.08 14.41 -16.57
N ALA B 317 -35.01 13.60 -17.60
CA ALA B 317 -35.92 13.71 -18.74
C ALA B 317 -36.49 12.35 -19.08
N PHE B 318 -37.68 12.37 -19.71
CA PHE B 318 -38.34 11.16 -20.15
C PHE B 318 -39.29 11.44 -21.30
N GLU B 319 -39.62 10.40 -22.05
CA GLU B 319 -40.66 10.45 -23.08
C GLU B 319 -42.03 10.10 -22.50
N ASP B 320 -43.04 10.93 -22.79
CA ASP B 320 -44.43 10.67 -22.37
C ASP B 320 -45.13 9.72 -23.33
N ASP B 321 -46.42 9.49 -23.14
CA ASP B 321 -47.26 8.62 -24.02
C ASP B 321 -47.13 8.96 -25.51
N LYS B 322 -47.09 10.26 -25.82
CA LYS B 322 -46.96 10.73 -27.20
C LYS B 322 -45.56 10.69 -27.82
N GLY B 323 -44.56 10.25 -27.06
CA GLY B 323 -43.16 10.29 -27.52
C GLY B 323 -42.50 11.67 -27.46
N HIS B 324 -43.16 12.64 -26.80
CA HIS B 324 -42.61 13.98 -26.57
C HIS B 324 -41.71 13.95 -25.33
N ILE B 325 -40.60 14.69 -25.40
CA ILE B 325 -39.62 14.74 -24.31
C ILE B 325 -40.11 15.73 -23.26
N GLN B 326 -40.21 15.29 -22.01
CA GLN B 326 -40.41 16.15 -20.88
C GLN B 326 -39.04 16.33 -20.19
N LEU B 327 -38.49 17.54 -20.24
CA LEU B 327 -37.14 17.84 -19.74
C LEU B 327 -37.29 18.72 -18.54
N GLN B 328 -36.93 18.21 -17.36
CA GLN B 328 -37.09 18.95 -16.12
C GLN B 328 -35.73 19.35 -15.59
N MET B 329 -35.54 20.65 -15.39
CA MET B 329 -34.22 21.24 -15.09
C MET B 329 -34.37 22.59 -14.43
N ALA B 330 -33.31 22.98 -13.72
CA ALA B 330 -33.22 24.30 -13.18
C ALA B 330 -32.95 25.26 -14.34
N TYR B 331 -33.60 26.42 -14.30
CA TYR B 331 -33.62 27.38 -15.41
C TYR B 331 -33.73 28.76 -14.85
N ALA B 332 -32.77 29.61 -15.18
CA ALA B 332 -32.78 31.00 -14.78
C ALA B 332 -32.88 31.92 -15.99
N LYS B 333 -33.20 33.18 -15.72
CA LYS B 333 -33.42 34.17 -16.78
C LYS B 333 -32.20 35.03 -17.06
N ASP B 334 -31.15 34.89 -16.25
CA ASP B 334 -29.96 35.68 -16.45
C ASP B 334 -28.75 34.83 -16.03
N ASN B 335 -27.57 35.42 -16.14
CA ASN B 335 -26.29 34.74 -15.95
C ASN B 335 -26.02 34.43 -14.49
N VAL B 336 -26.19 33.15 -14.15
CA VAL B 336 -25.87 32.65 -12.80
C VAL B 336 -24.38 32.83 -12.50
N PHE B 337 -23.53 32.65 -13.51
CA PHE B 337 -22.08 32.82 -13.33
C PHE B 337 -21.69 34.28 -13.60
N PHE B 338 -22.11 35.14 -12.67
CA PHE B 338 -22.00 36.60 -12.79
C PHE B 338 -20.58 37.14 -12.96
N TRP B 339 -19.58 36.40 -12.48
CA TRP B 339 -18.16 36.76 -12.61
C TRP B 339 -17.64 36.62 -14.05
N TRP B 340 -18.42 36.02 -14.95
CA TRP B 340 -18.15 35.96 -16.39
C TRP B 340 -19.23 36.72 -17.14
N PRO B 341 -19.17 38.07 -17.11
CA PRO B 341 -20.23 38.90 -17.65
C PRO B 341 -20.13 39.02 -19.17
N ASP B 342 -20.92 39.90 -19.78
CA ASP B 342 -20.89 40.02 -21.24
C ASP B 342 -19.69 40.86 -21.71
N ALA B 343 -19.60 41.09 -23.01
CA ALA B 343 -18.47 41.83 -23.62
C ALA B 343 -18.22 43.23 -23.03
N ASN B 344 -19.27 43.88 -22.55
CA ASN B 344 -19.18 45.20 -21.92
C ASN B 344 -19.15 45.17 -20.40
N GLY B 345 -18.90 44.00 -19.81
CA GLY B 345 -18.89 43.85 -18.36
C GLY B 345 -20.25 43.85 -17.70
N LYS B 346 -21.30 43.69 -18.49
CA LYS B 346 -22.67 43.77 -17.97
C LYS B 346 -23.11 42.41 -17.42
N GLY B 347 -23.72 42.42 -16.25
CA GLY B 347 -24.48 41.26 -15.78
C GLY B 347 -24.97 41.48 -14.36
N PRO B 348 -25.58 40.45 -13.77
CA PRO B 348 -26.15 40.60 -12.43
C PRO B 348 -25.11 40.65 -11.33
N ARG B 349 -25.56 40.95 -10.11
CA ARG B 349 -24.75 40.90 -8.89
C ARG B 349 -24.90 39.58 -8.16
N PRO B 350 -24.04 39.32 -7.15
CA PRO B 350 -24.18 38.12 -6.31
C PRO B 350 -25.54 38.03 -5.66
N GLY B 351 -26.15 36.84 -5.64
CA GLY B 351 -27.45 36.62 -4.97
C GLY B 351 -28.69 37.22 -5.63
N GLU B 352 -28.57 37.74 -6.83
CA GLU B 352 -29.67 38.37 -7.52
C GLU B 352 -30.43 37.37 -8.42
N VAL B 353 -29.72 36.46 -9.09
CA VAL B 353 -30.38 35.60 -10.07
C VAL B 353 -30.99 34.38 -9.37
N GLU B 354 -32.29 34.12 -9.62
CA GLU B 354 -32.96 32.90 -9.15
C GLU B 354 -33.08 31.90 -10.26
N ALA B 355 -32.91 30.62 -9.94
CA ALA B 355 -33.21 29.54 -10.89
C ALA B 355 -34.47 28.81 -10.42
N HIS B 356 -35.30 28.39 -11.36
CA HIS B 356 -36.55 27.72 -11.02
C HIS B 356 -36.67 26.39 -11.73
N PHE B 357 -37.49 25.52 -11.15
CA PHE B 357 -37.64 24.17 -11.62
C PHE B 357 -38.59 24.12 -12.80
N ALA B 358 -38.03 24.00 -13.98
CA ALA B 358 -38.75 24.17 -15.22
C ALA B 358 -39.02 22.86 -15.91
N ASN B 359 -40.11 22.80 -16.68
CA ASN B 359 -40.43 21.67 -17.54
C ASN B 359 -40.54 22.20 -18.97
N PHE B 360 -39.66 21.75 -19.85
CA PHE B 360 -39.71 22.04 -21.27
C PHE B 360 -40.26 20.84 -21.99
N VAL B 361 -41.07 21.06 -23.01
CA VAL B 361 -41.63 19.99 -23.84
C VAL B 361 -40.96 20.06 -25.20
N LEU B 362 -40.42 18.97 -25.67
CA LEU B 362 -39.73 18.93 -26.95
C LEU B 362 -40.25 17.78 -27.76
N ASP B 363 -40.42 18.03 -29.06
CA ASP B 363 -40.91 17.03 -29.99
C ASP B 363 -39.89 16.93 -31.10
N TYR B 364 -39.14 15.83 -31.13
CA TYR B 364 -38.14 15.65 -32.17
C TYR B 364 -38.69 15.74 -33.61
N GLN B 365 -39.95 15.34 -33.80
CA GLN B 365 -40.60 15.37 -35.12
C GLN B 365 -40.95 16.78 -35.58
N SER B 366 -41.14 17.71 -34.66
CA SER B 366 -41.47 19.09 -34.98
C SER B 366 -40.36 19.77 -35.77
N ASP B 367 -40.77 20.62 -36.73
CA ASP B 367 -39.83 21.48 -37.47
C ASP B 367 -39.87 22.91 -36.99
N LYS B 368 -40.74 23.20 -36.03
CA LYS B 368 -40.80 24.47 -35.34
C LYS B 368 -39.66 24.54 -34.30
N LEU B 369 -38.64 25.35 -34.57
CA LEU B 369 -37.49 25.46 -33.68
C LEU B 369 -37.71 26.25 -32.38
N PRO B 370 -38.39 27.41 -32.43
CA PRO B 370 -38.67 28.12 -31.15
C PRO B 370 -39.59 27.31 -30.21
N LEU B 371 -39.30 27.37 -28.91
CA LEU B 371 -40.07 26.65 -27.87
C LEU B 371 -40.78 27.66 -27.00
N ALA B 372 -41.90 27.25 -26.43
CA ALA B 372 -42.64 28.10 -25.51
C ALA B 372 -41.90 28.21 -24.21
N GLU B 373 -42.27 29.25 -23.44
CA GLU B 373 -41.81 29.39 -22.07
C GLU B 373 -42.11 28.06 -21.37
N PRO B 374 -41.19 27.61 -20.51
CA PRO B 374 -41.48 26.36 -19.78
C PRO B 374 -42.56 26.57 -18.71
N THR B 375 -43.20 25.49 -18.26
CA THR B 375 -43.96 25.56 -17.02
C THR B 375 -43.02 25.30 -15.83
N TYR B 376 -43.46 25.68 -14.64
CA TYR B 376 -42.65 25.62 -13.46
C TYR B 376 -43.32 24.71 -12.43
N LEU B 377 -42.53 23.82 -11.82
CA LEU B 377 -43.09 22.78 -10.95
C LEU B 377 -43.29 23.27 -9.53
N VAL B 378 -42.48 24.21 -9.09
CA VAL B 378 -42.57 24.82 -7.79
C VAL B 378 -42.15 26.27 -7.93
N ASP B 379 -42.41 27.05 -6.89
CA ASP B 379 -42.02 28.46 -6.79
C ASP B 379 -40.57 28.71 -6.35
N ASP B 380 -39.95 27.74 -5.66
CA ASP B 380 -38.72 28.03 -4.91
C ASP B 380 -37.55 28.37 -5.85
N ASP B 381 -36.66 29.22 -5.38
CA ASP B 381 -35.31 29.41 -5.95
C ASP B 381 -34.56 28.12 -5.61
N MET B 382 -34.17 27.37 -6.64
CA MET B 382 -33.67 26.04 -6.42
C MET B 382 -32.49 25.70 -7.34
N GLU B 383 -31.83 24.59 -7.04
CA GLU B 383 -30.76 24.01 -7.88
C GLU B 383 -30.39 22.63 -7.31
N PHE B 384 -29.47 21.98 -7.99
CA PHE B 384 -28.94 20.65 -7.58
C PHE B 384 -30.04 19.61 -7.36
N PRO B 385 -30.90 19.41 -8.39
CA PRO B 385 -31.92 18.41 -8.25
C PRO B 385 -31.36 17.00 -8.35
N ARG B 386 -31.89 16.10 -7.51
CA ARG B 386 -31.68 14.66 -7.63
C ARG B 386 -33.01 13.95 -7.70
N ILE B 387 -33.02 12.81 -8.39
CA ILE B 387 -34.16 11.92 -8.42
C ILE B 387 -33.74 10.56 -7.87
N ASP B 388 -34.69 9.63 -7.82
CA ASP B 388 -34.37 8.25 -7.55
C ASP B 388 -33.83 7.71 -8.84
N ASP B 389 -32.54 7.43 -8.87
CA ASP B 389 -31.85 7.09 -10.12
C ASP B 389 -32.23 5.75 -10.67
N ARG B 390 -33.03 4.99 -9.90
CA ARG B 390 -33.67 3.78 -10.44
C ARG B 390 -34.69 4.06 -11.54
N VAL B 391 -35.14 5.32 -11.67
CA VAL B 391 -35.98 5.72 -12.81
C VAL B 391 -35.32 6.73 -13.76
N ALA B 392 -34.03 6.97 -13.62
CA ALA B 392 -33.31 7.84 -14.56
C ALA B 392 -33.58 7.44 -16.01
N THR B 393 -33.85 8.43 -16.84
CA THR B 393 -34.22 8.28 -18.27
C THR B 393 -35.66 7.86 -18.52
N ARG B 394 -36.42 7.56 -17.46
CA ARG B 394 -37.84 7.17 -17.51
C ARG B 394 -38.63 8.15 -16.66
N LYS B 395 -39.95 8.01 -16.67
CA LYS B 395 -40.81 8.88 -15.90
C LYS B 395 -40.51 8.77 -14.40
N HIS B 396 -40.27 9.92 -13.78
CA HIS B 396 -40.00 10.00 -12.37
C HIS B 396 -41.11 10.81 -11.74
N LYS B 397 -41.34 10.61 -10.45
CA LYS B 397 -42.34 11.37 -9.73
C LYS B 397 -41.88 11.90 -8.39
N HIS B 398 -40.56 11.83 -8.11
CA HIS B 398 -40.00 12.43 -6.91
C HIS B 398 -38.73 13.17 -7.33
N THR B 399 -38.57 14.41 -6.86
CA THR B 399 -37.35 15.16 -7.00
C THR B 399 -36.98 15.77 -5.66
N PHE B 400 -35.71 15.73 -5.33
CA PHE B 400 -35.15 16.37 -4.17
C PHE B 400 -34.21 17.46 -4.64
N PHE B 401 -34.23 18.64 -4.01
CA PHE B 401 -33.38 19.73 -4.49
C PHE B 401 -33.05 20.71 -3.43
N CYS B 402 -31.97 21.43 -3.66
CA CYS B 402 -31.59 22.55 -2.82
C CYS B 402 -32.53 23.71 -3.10
N ILE B 403 -32.80 24.49 -2.07
CA ILE B 403 -33.59 25.71 -2.15
C ILE B 403 -32.84 26.82 -1.43
N PHE B 404 -33.09 28.04 -1.87
CA PHE B 404 -32.56 29.22 -1.22
C PHE B 404 -33.70 30.18 -0.98
N ASP B 405 -34.09 30.28 0.29
CA ASP B 405 -35.25 31.08 0.70
C ASP B 405 -34.78 32.39 1.33
N ARG B 406 -35.12 33.51 0.68
CA ARG B 406 -34.76 34.86 1.17
C ARG B 406 -35.81 35.39 2.20
N LYS B 407 -36.91 34.68 2.42
CA LYS B 407 -37.89 35.07 3.43
C LYS B 407 -37.19 35.40 4.75
N PRO B 408 -37.53 36.54 5.41
CA PRO B 408 -36.80 36.91 6.62
C PRO B 408 -36.77 35.83 7.71
N GLY B 409 -35.59 35.64 8.30
CA GLY B 409 -35.41 34.69 9.40
C GLY B 409 -34.98 33.27 9.04
N VAL B 410 -35.19 32.83 7.80
CA VAL B 410 -34.75 31.47 7.41
C VAL B 410 -33.21 31.35 7.54
N THR B 411 -32.48 32.32 7.01
CA THR B 411 -31.05 32.43 7.27
C THR B 411 -30.76 33.72 8.01
N ASP B 412 -29.93 33.64 9.05
CA ASP B 412 -29.44 34.79 9.77
C ASP B 412 -28.23 35.33 8.99
N PHE B 413 -28.54 36.07 7.95
CA PHE B 413 -27.53 36.65 7.03
C PHE B 413 -26.53 37.56 7.71
N GLU B 414 -26.96 38.32 8.71
CA GLU B 414 -26.07 39.21 9.43
C GLU B 414 -24.94 38.43 10.14
N PHE B 415 -25.25 37.24 10.64
CA PHE B 415 -24.27 36.35 11.24
C PHE B 415 -23.47 35.54 10.17
N VAL B 416 -24.16 34.99 9.18
CA VAL B 416 -23.55 34.05 8.23
C VAL B 416 -22.64 34.75 7.23
N MET B 417 -23.14 35.81 6.58
CA MET B 417 -22.40 36.48 5.47
C MET B 417 -20.97 36.88 5.79
N PRO B 418 -20.71 37.53 6.95
CA PRO B 418 -19.36 37.85 7.30
C PRO B 418 -18.41 36.65 7.51
N ARG B 419 -18.95 35.46 7.70
CA ARG B 419 -18.14 34.24 7.90
C ARG B 419 -18.09 33.34 6.68
N ALA B 420 -18.81 33.69 5.63
CA ALA B 420 -19.06 32.76 4.54
C ALA B 420 -18.00 32.78 3.43
N GLY B 421 -17.29 33.89 3.27
CA GLY B 421 -16.49 34.13 2.07
C GLY B 421 -17.36 34.23 0.83
N GLY B 422 -16.75 34.15 -0.34
CA GLY B 422 -17.49 34.29 -1.61
C GLY B 422 -17.14 33.22 -2.60
N GLY B 423 -17.80 33.27 -3.75
CA GLY B 423 -17.47 32.45 -4.91
C GLY B 423 -18.37 31.25 -5.15
N ALA B 424 -19.21 30.91 -4.19
CA ALA B 424 -19.97 29.67 -4.20
C ALA B 424 -21.44 29.96 -3.92
N PRO B 425 -22.35 29.13 -4.45
CA PRO B 425 -23.75 29.31 -4.19
C PRO B 425 -24.15 28.97 -2.77
N MET B 426 -25.31 29.48 -2.34
CA MET B 426 -25.87 29.21 -1.04
C MET B 426 -27.20 28.50 -1.20
N SER B 427 -27.42 27.55 -0.31
CA SER B 427 -28.66 26.81 -0.20
C SER B 427 -28.98 26.76 1.30
N ASN B 428 -30.21 27.08 1.70
CA ASN B 428 -30.59 27.05 3.12
C ASN B 428 -31.68 26.04 3.40
N GLY B 429 -31.85 25.10 2.49
CA GLY B 429 -32.77 24.01 2.70
C GLY B 429 -32.74 22.97 1.61
N LEU B 430 -33.39 21.83 1.84
CA LEU B 430 -33.73 20.90 0.78
C LEU B 430 -35.22 20.83 0.67
N ALA B 431 -35.71 20.50 -0.51
CA ALA B 431 -37.13 20.26 -0.73
C ALA B 431 -37.31 18.92 -1.38
N HIS B 432 -38.42 18.27 -1.06
CA HIS B 432 -38.85 17.07 -1.73
C HIS B 432 -40.21 17.36 -2.34
N LEU B 433 -40.29 17.26 -3.66
CA LEU B 433 -41.55 17.36 -4.40
C LEU B 433 -42.02 15.95 -4.80
N ASN B 434 -43.24 15.61 -4.40
CA ASN B 434 -43.98 14.48 -4.97
C ASN B 434 -44.74 15.04 -6.17
N HIS B 435 -44.41 14.60 -7.37
CA HIS B 435 -45.02 15.14 -8.59
C HIS B 435 -46.47 14.66 -8.83
N GLU B 436 -46.85 13.47 -8.33
CA GLU B 436 -48.24 12.97 -8.47
C GLU B 436 -49.20 13.80 -7.64
N THR B 437 -48.88 13.96 -6.37
CA THR B 437 -49.76 14.63 -5.41
C THR B 437 -49.52 16.14 -5.36
N GLY B 438 -48.32 16.60 -5.73
CA GLY B 438 -47.93 18.01 -5.54
C GLY B 438 -47.49 18.40 -4.13
N ASP B 439 -47.51 17.46 -3.18
CA ASP B 439 -46.97 17.76 -1.82
C ASP B 439 -45.44 18.09 -1.86
N ILE B 440 -45.05 19.08 -1.08
CA ILE B 440 -43.67 19.49 -0.95
C ILE B 440 -43.35 19.45 0.53
N GLN B 441 -42.29 18.74 0.89
CA GLN B 441 -41.72 18.86 2.22
C GLN B 441 -40.36 19.58 2.15
N ARG B 442 -40.07 20.40 3.16
CA ARG B 442 -38.84 21.14 3.22
C ARG B 442 -38.07 20.88 4.51
N TYR B 443 -36.77 20.63 4.37
CA TYR B 443 -35.83 20.52 5.47
C TYR B 443 -35.05 21.82 5.58
N LEU B 444 -35.10 22.44 6.75
CA LEU B 444 -34.35 23.64 7.07
C LEU B 444 -33.37 23.27 8.16
N PRO B 445 -32.05 23.21 7.84
CA PRO B 445 -31.11 22.85 8.90
C PRO B 445 -31.02 23.87 10.02
N GLY B 446 -31.40 25.13 9.76
CA GLY B 446 -31.36 26.14 10.80
C GLY B 446 -30.82 27.45 10.27
N PRO B 447 -30.95 28.51 11.08
CA PRO B 447 -30.63 29.85 10.61
C PRO B 447 -29.16 30.14 10.38
N ARG B 448 -28.27 29.35 10.96
CA ARG B 448 -26.83 29.56 10.81
C ARG B 448 -26.15 28.34 10.17
N LYS B 449 -26.92 27.61 9.37
CA LYS B 449 -26.43 26.51 8.57
C LYS B 449 -26.87 26.64 7.13
N LEU B 450 -26.04 26.17 6.20
CA LEU B 450 -26.35 26.05 4.78
C LEU B 450 -25.99 24.65 4.30
N THR B 451 -26.52 24.24 3.15
CA THR B 451 -26.44 22.86 2.69
C THR B 451 -25.67 22.75 1.37
N GLY B 452 -25.15 21.53 1.09
CA GLY B 452 -24.66 21.16 -0.22
C GLY B 452 -25.71 20.39 -0.98
N GLU B 453 -25.29 19.70 -2.05
CA GLU B 453 -26.14 18.83 -2.83
C GLU B 453 -26.45 17.55 -2.06
N CYS B 454 -27.70 17.10 -2.11
CA CYS B 454 -28.09 15.91 -1.36
C CYS B 454 -27.84 14.64 -2.17
N ILE B 455 -27.86 13.49 -1.49
CA ILE B 455 -27.97 12.19 -2.16
C ILE B 455 -29.23 11.50 -1.63
N PHE B 456 -29.78 10.65 -2.46
CA PHE B 456 -30.88 9.79 -2.11
C PHE B 456 -30.42 8.33 -2.09
N ILE B 457 -30.86 7.60 -1.06
CA ILE B 457 -30.51 6.21 -0.84
C ILE B 457 -31.82 5.40 -0.70
N PRO B 458 -32.09 4.45 -1.63
CA PRO B 458 -33.27 3.58 -1.46
C PRO B 458 -33.27 2.89 -0.10
N ARG B 459 -34.43 2.78 0.53
CA ARG B 459 -34.51 2.09 1.83
C ARG B 459 -33.91 0.68 1.82
N ASN B 460 -34.16 -0.02 0.73
CA ASN B 460 -33.70 -1.40 0.52
C ASN B 460 -34.03 -1.70 -0.91
N SER B 461 -33.69 -2.88 -1.40
CA SER B 461 -33.91 -3.17 -2.82
C SER B 461 -35.37 -3.31 -3.28
N GLU B 462 -36.32 -3.39 -2.35
CA GLU B 462 -37.76 -3.45 -2.66
C GLU B 462 -38.47 -2.13 -2.44
N ALA B 463 -37.75 -1.09 -2.03
CA ALA B 463 -38.39 0.20 -1.73
C ALA B 463 -39.05 0.82 -2.95
N ALA B 464 -40.16 1.52 -2.70
CA ALA B 464 -40.87 2.29 -3.72
C ALA B 464 -39.95 3.46 -4.17
N GLU B 465 -40.27 4.00 -5.34
CA GLU B 465 -39.55 5.16 -5.84
C GLU B 465 -39.54 6.26 -4.79
N GLY B 466 -38.36 6.79 -4.49
CA GLY B 466 -38.23 7.92 -3.59
C GLY B 466 -38.40 7.61 -2.12
N ASP B 467 -38.49 6.34 -1.77
CA ASP B 467 -38.62 5.94 -0.36
C ASP B 467 -37.26 5.49 0.18
N GLY B 468 -36.76 6.20 1.18
CA GLY B 468 -35.53 5.80 1.84
C GLY B 468 -34.92 6.95 2.61
N TYR B 469 -33.63 7.23 2.35
CA TYR B 469 -32.89 8.22 3.12
C TYR B 469 -32.27 9.28 2.24
N VAL B 470 -32.12 10.46 2.81
CA VAL B 470 -31.47 11.58 2.15
C VAL B 470 -30.33 11.99 3.06
N MET B 471 -29.14 12.18 2.47
CA MET B 471 -28.03 12.76 3.18
C MET B 471 -27.60 14.05 2.54
N VAL B 472 -27.07 14.95 3.36
CA VAL B 472 -26.64 16.22 2.88
C VAL B 472 -25.60 16.80 3.82
N LEU B 473 -24.54 17.37 3.24
CA LEU B 473 -23.50 17.99 4.05
C LEU B 473 -23.94 19.40 4.40
N LEU B 474 -23.78 19.76 5.67
CA LEU B 474 -24.10 21.09 6.13
C LEU B 474 -22.85 21.85 6.49
N ALA B 475 -22.88 23.15 6.22
CA ALA B 475 -21.89 24.09 6.75
C ALA B 475 -22.51 24.75 7.97
N ASN B 476 -21.91 24.55 9.13
CA ASN B 476 -22.36 25.19 10.37
C ASN B 476 -21.50 26.40 10.65
N TYR B 477 -22.06 27.59 10.43
CA TYR B 477 -21.29 28.83 10.58
C TYR B 477 -21.07 29.22 12.03
N GLU B 478 -21.86 28.69 12.96
CA GLU B 478 -21.61 28.95 14.39
C GLU B 478 -20.34 28.25 14.86
N ASP B 479 -20.21 26.97 14.55
CA ASP B 479 -19.03 26.18 14.94
C ASP B 479 -17.89 26.29 13.96
N MET B 480 -18.16 26.78 12.74
CA MET B 480 -17.23 26.71 11.61
C MET B 480 -16.74 25.28 11.40
N CYS B 481 -17.69 24.36 11.42
CA CYS B 481 -17.48 22.93 11.17
C CYS B 481 -18.50 22.45 10.18
N SER B 482 -18.23 21.30 9.61
CA SER B 482 -19.23 20.64 8.77
C SER B 482 -19.96 19.54 9.54
N GLU B 483 -21.14 19.21 9.06
CA GLU B 483 -21.97 18.13 9.59
C GLU B 483 -22.59 17.37 8.47
N LEU B 484 -22.85 16.10 8.66
CA LEU B 484 -23.54 15.32 7.65
C LEU B 484 -24.91 14.87 8.24
N ALA B 485 -26.00 15.39 7.67
CA ALA B 485 -27.34 15.11 8.12
C ALA B 485 -27.89 13.92 7.38
N VAL B 486 -28.58 13.05 8.11
CA VAL B 486 -29.28 11.91 7.55
C VAL B 486 -30.77 12.09 7.88
N LEU B 487 -31.59 11.98 6.85
CA LEU B 487 -33.03 12.24 6.90
C LEU B 487 -33.76 11.04 6.34
N ASP B 488 -34.98 10.80 6.84
CA ASP B 488 -35.85 9.75 6.30
C ASP B 488 -36.85 10.45 5.39
N THR B 489 -37.07 9.94 4.20
CA THR B 489 -38.04 10.57 3.27
C THR B 489 -39.49 10.57 3.79
N LYS B 490 -39.82 9.72 4.76
CA LYS B 490 -41.14 9.80 5.39
C LYS B 490 -41.37 11.09 6.13
N ASP B 491 -40.31 11.73 6.63
CA ASP B 491 -40.39 13.06 7.23
C ASP B 491 -39.08 13.82 7.06
N LEU B 492 -39.00 14.58 6.00
CA LEU B 492 -37.79 15.27 5.61
C LEU B 492 -37.43 16.42 6.55
N THR B 493 -38.38 16.90 7.35
CA THR B 493 -38.11 17.96 8.31
C THR B 493 -37.31 17.56 9.53
N ASN B 494 -37.20 16.26 9.80
CA ASN B 494 -36.51 15.75 11.00
C ASN B 494 -35.20 15.03 10.62
N GLU B 495 -34.12 15.41 11.28
CA GLU B 495 -32.85 14.71 11.20
C GLU B 495 -32.93 13.46 12.01
N VAL B 496 -32.77 12.32 11.35
CA VAL B 496 -32.60 11.06 12.07
C VAL B 496 -31.22 11.00 12.74
N ALA B 497 -30.20 11.54 12.09
CA ALA B 497 -28.86 11.56 12.64
C ALA B 497 -28.12 12.80 12.17
N LEU B 498 -27.21 13.29 12.98
CA LEU B 498 -26.39 14.40 12.59
C LEU B 498 -24.97 14.00 12.92
N ILE B 499 -24.17 13.83 11.89
CA ILE B 499 -22.78 13.40 12.05
C ILE B 499 -21.91 14.67 12.14
N LYS B 500 -21.15 14.80 13.22
CA LYS B 500 -20.50 16.06 13.56
C LYS B 500 -19.02 16.01 13.26
N LEU B 501 -18.61 16.64 12.17
CA LEU B 501 -17.19 16.69 11.80
C LEU B 501 -16.51 17.80 12.60
N PRO B 502 -15.27 17.57 13.02
CA PRO B 502 -14.54 18.61 13.77
C PRO B 502 -13.68 19.51 12.86
N VAL B 503 -13.82 19.33 11.56
CA VAL B 503 -13.13 20.11 10.56
C VAL B 503 -14.17 20.68 9.58
N ARG B 504 -13.73 21.63 8.76
CA ARG B 504 -14.57 22.10 7.66
C ARG B 504 -14.26 21.30 6.44
N LEU B 505 -15.33 20.91 5.76
CA LEU B 505 -15.30 20.56 4.36
C LEU B 505 -15.86 21.78 3.66
N ARG B 506 -14.97 22.42 2.93
CA ARG B 506 -15.29 23.57 2.13
C ARG B 506 -16.43 23.26 1.16
N PRO B 507 -17.30 24.24 0.90
CA PRO B 507 -18.37 23.99 -0.05
C PRO B 507 -17.91 23.31 -1.32
N GLY B 508 -18.68 22.33 -1.74
CA GLY B 508 -18.31 21.42 -2.80
C GLY B 508 -19.33 21.33 -3.89
N LEU B 509 -19.10 20.38 -4.77
CA LEU B 509 -19.95 20.20 -5.93
C LEU B 509 -20.67 18.88 -5.77
N HIS B 510 -20.54 17.95 -6.69
CA HIS B 510 -21.46 16.82 -6.77
C HIS B 510 -20.97 15.60 -5.96
N GLY B 511 -21.90 14.71 -5.70
CA GLY B 511 -21.67 13.55 -4.89
C GLY B 511 -22.65 12.45 -5.25
N ASN B 512 -22.29 11.22 -4.87
CA ASN B 512 -23.06 10.03 -5.23
C ASN B 512 -22.96 8.98 -4.11
N TRP B 513 -24.03 8.20 -4.00
CA TRP B 513 -24.09 7.05 -3.12
C TRP B 513 -23.72 5.81 -3.91
N VAL B 514 -22.86 4.99 -3.32
CA VAL B 514 -22.53 3.68 -3.86
C VAL B 514 -22.95 2.66 -2.80
N ASP B 515 -24.07 1.99 -3.06
CA ASP B 515 -24.66 1.09 -2.09
C ASP B 515 -23.90 -0.23 -2.10
N LYS B 516 -23.62 -0.76 -0.92
CA LYS B 516 -22.89 -2.03 -0.81
C LYS B 516 -23.59 -3.20 -1.48
N SER B 517 -24.92 -3.19 -1.54
CA SER B 517 -25.65 -4.29 -2.16
C SER B 517 -25.72 -4.26 -3.70
N ASP B 518 -25.17 -3.23 -4.33
CA ASP B 518 -25.22 -3.12 -5.80
C ASP B 518 -23.88 -3.55 -6.39
N VAL B 519 -23.88 -4.70 -7.07
CA VAL B 519 -22.64 -5.25 -7.57
C VAL B 519 -21.87 -4.28 -8.50
N ASP B 520 -22.58 -3.62 -9.42
CA ASP B 520 -21.91 -2.65 -10.33
C ASP B 520 -21.94 -1.20 -9.78
N GLY B 521 -22.37 -1.04 -8.55
CA GLY B 521 -22.32 0.25 -7.83
C GLY B 521 -23.52 1.15 -8.08
N HIS B 522 -24.43 0.74 -8.95
CA HIS B 522 -25.63 1.54 -9.27
C HIS B 522 -26.90 0.74 -8.95
N PRO B 523 -27.98 1.43 -8.54
CA PRO B 523 -29.15 0.70 -8.10
C PRO B 523 -29.94 0.00 -9.23
N ALA B 524 -30.69 -1.03 -8.87
CA ALA B 524 -31.46 -1.84 -9.83
C ALA B 524 -32.70 -1.08 -10.31
N PRO B 525 -33.17 -1.34 -11.54
CA PRO B 525 -34.36 -0.61 -12.02
C PRO B 525 -35.60 -1.03 -11.24
N LEU B 526 -36.53 -0.10 -11.08
CA LEU B 526 -37.77 -0.40 -10.33
C LEU B 526 -38.58 -1.52 -10.99
N PRO C 27 -29.29 -8.68 28.35
CA PRO C 27 -29.44 -9.24 29.70
C PRO C 27 -28.27 -8.98 30.70
N GLU C 28 -27.05 -8.75 30.18
CA GLU C 28 -25.75 -8.69 30.92
C GLU C 28 -24.73 -7.78 30.18
N GLU C 29 -24.96 -6.46 30.21
CA GLU C 29 -24.32 -5.50 29.26
C GLU C 29 -22.98 -4.89 29.73
N LEU C 30 -22.25 -4.26 28.80
CA LEU C 30 -21.08 -3.39 29.11
C LEU C 30 -21.57 -1.94 29.42
N PRO C 31 -20.79 -1.13 30.20
CA PRO C 31 -21.18 0.30 30.41
C PRO C 31 -21.32 1.03 29.05
N PRO C 32 -22.42 1.80 28.86
CA PRO C 32 -22.75 2.20 27.47
C PRO C 32 -21.67 3.08 26.86
N ALA C 33 -21.43 2.89 25.55
CA ALA C 33 -20.39 3.63 24.82
C ALA C 33 -21.03 4.91 24.26
N PRO C 34 -20.71 6.10 24.81
CA PRO C 34 -21.28 7.31 24.14
C PRO C 34 -20.78 7.47 22.67
N ARG C 35 -21.60 8.06 21.82
CA ARG C 35 -21.30 8.24 20.38
C ARG C 35 -20.88 9.70 19.99
N TYR C 36 -20.87 10.61 20.96
CA TYR C 36 -20.24 11.92 20.83
C TYR C 36 -19.62 12.34 22.16
N PHE C 37 -18.68 13.28 22.13
CA PHE C 37 -17.94 13.67 23.32
C PHE C 37 -18.79 14.62 24.15
N GLN C 38 -18.77 14.42 25.46
CA GLN C 38 -19.50 15.20 26.46
C GLN C 38 -18.62 15.46 27.65
N GLY C 39 -18.87 16.56 28.36
CA GLY C 39 -18.07 16.96 29.49
C GLY C 39 -17.03 18.01 29.13
N GLU C 40 -16.65 18.78 30.14
CA GLU C 40 -15.75 19.90 30.04
C GLU C 40 -14.36 19.50 29.43
N ASN C 41 -13.86 18.31 29.72
CA ASN C 41 -12.54 17.90 29.26
C ASN C 41 -12.46 17.61 27.76
N THR C 42 -13.59 17.58 27.09
CA THR C 42 -13.65 17.42 25.65
C THR C 42 -14.51 18.50 25.01
N ALA C 43 -14.69 19.65 25.69
CA ALA C 43 -15.49 20.75 25.13
C ALA C 43 -14.53 21.84 24.58
N GLY C 44 -15.07 22.67 23.68
CA GLY C 44 -14.36 23.83 23.18
C GLY C 44 -13.08 23.43 22.44
N PHE C 45 -12.00 24.13 22.73
CA PHE C 45 -10.73 23.86 22.11
C PHE C 45 -10.24 22.44 22.51
N MET C 46 -10.77 21.87 23.59
CA MET C 46 -10.40 20.50 23.99
C MET C 46 -11.16 19.39 23.23
N ARG C 47 -12.10 19.74 22.39
CA ARG C 47 -12.83 18.75 21.61
C ARG C 47 -11.86 17.97 20.68
N PRO C 48 -11.85 16.62 20.83
CA PRO C 48 -10.95 15.85 19.94
C PRO C 48 -11.28 16.05 18.48
N VAL C 49 -10.24 16.14 17.66
CA VAL C 49 -10.41 16.22 16.21
C VAL C 49 -10.23 14.83 15.61
N ARG C 50 -9.12 14.19 15.99
CA ARG C 50 -8.91 12.75 15.75
C ARG C 50 -8.56 12.46 14.28
N PHE C 51 -7.91 13.43 13.64
CA PHE C 51 -7.54 13.26 12.28
C PHE C 51 -6.12 12.68 12.22
N GLU C 52 -5.89 11.83 11.22
CA GLU C 52 -4.57 11.32 10.87
C GLU C 52 -4.37 11.55 9.39
N GLY C 53 -3.17 11.95 9.00
CA GLY C 53 -2.83 12.10 7.58
C GLY C 53 -1.87 13.27 7.40
N ASP C 54 -2.06 14.08 6.35
CA ASP C 54 -1.07 15.10 5.93
C ASP C 54 -1.74 16.39 5.56
N ILE C 55 -1.05 17.48 5.86
CA ILE C 55 -1.37 18.80 5.31
C ILE C 55 -0.02 19.35 4.90
N THR C 56 0.26 19.38 3.60
CA THR C 56 1.55 19.88 3.11
C THR C 56 1.48 21.37 2.83
N ASN C 57 2.65 22.01 2.76
CA ASN C 57 2.75 23.41 2.36
C ASN C 57 1.88 24.29 3.22
N LEU C 58 2.13 24.25 4.52
CA LEU C 58 1.31 25.04 5.43
C LEU C 58 1.44 26.53 5.09
N GLU C 59 0.36 27.25 5.30
CA GLU C 59 0.29 28.68 5.11
C GLU C 59 1.22 29.33 6.11
N VAL C 60 1.96 30.33 5.63
CA VAL C 60 2.93 31.02 6.45
C VAL C 60 2.80 32.53 6.29
N VAL C 61 2.71 33.23 7.42
CA VAL C 61 2.76 34.70 7.48
C VAL C 61 4.14 35.02 7.98
N GLY C 62 4.83 35.98 7.31
CA GLY C 62 6.23 36.24 7.57
C GLY C 62 7.07 35.26 6.73
N GLU C 63 8.19 34.82 7.29
CA GLU C 63 9.14 34.03 6.57
C GLU C 63 9.91 33.10 7.49
N ILE C 64 9.83 31.79 7.21
CA ILE C 64 10.59 30.82 7.98
C ILE C 64 12.04 30.94 7.53
N PRO C 65 12.99 31.14 8.47
CA PRO C 65 14.41 31.15 8.09
C PRO C 65 14.77 29.93 7.25
N LYS C 66 15.34 30.20 6.08
CA LYS C 66 15.59 29.16 5.08
C LYS C 66 16.62 28.13 5.49
N SER C 67 17.48 28.47 6.45
CA SER C 67 18.48 27.52 6.89
C SER C 67 17.94 26.52 7.94
N ILE C 68 16.76 26.73 8.50
CA ILE C 68 16.18 25.74 9.43
C ILE C 68 15.86 24.49 8.64
N GLU C 69 16.40 23.34 9.09
CA GLU C 69 16.09 22.07 8.45
C GLU C 69 16.01 20.95 9.48
N GLY C 70 14.84 20.31 9.55
CA GLY C 70 14.60 19.26 10.55
C GLY C 70 13.12 19.09 10.81
N THR C 71 12.82 18.41 11.90
CA THR C 71 11.43 18.07 12.24
C THR C 71 11.12 18.34 13.70
N PHE C 72 10.00 19.02 13.93
CA PHE C 72 9.43 19.23 15.26
C PHE C 72 8.39 18.14 15.46
N TYR C 73 8.67 17.22 16.38
CA TYR C 73 7.69 16.19 16.75
C TYR C 73 7.05 16.60 18.08
N ARG C 74 5.72 16.45 18.18
CA ARG C 74 5.02 16.71 19.44
C ARG C 74 3.94 15.61 19.59
N VAL C 75 3.56 15.34 20.83
CA VAL C 75 2.49 14.39 21.11
C VAL C 75 1.41 15.08 21.91
N MET C 76 0.17 14.75 21.57
CA MET C 76 -0.98 15.21 22.36
C MET C 76 -1.81 14.00 22.77
N PRO C 77 -2.35 14.02 24.00
CA PRO C 77 -3.44 13.12 24.30
C PRO C 77 -4.65 13.54 23.49
N GLU C 78 -5.29 12.59 22.82
CA GLU C 78 -6.47 12.86 22.04
C GLU C 78 -7.37 11.64 21.92
N PRO C 79 -8.37 11.54 22.79
CA PRO C 79 -9.19 10.33 22.81
C PRO C 79 -9.74 9.98 21.44
N HIS C 80 -9.47 8.78 20.96
CA HIS C 80 -9.97 8.37 19.67
C HIS C 80 -11.47 8.03 19.71
N LEU C 81 -11.94 7.59 20.87
CA LEU C 81 -13.34 7.22 21.10
C LEU C 81 -13.83 7.79 22.40
N PRO C 82 -15.11 8.17 22.48
CA PRO C 82 -15.61 8.68 23.76
C PRO C 82 -15.43 7.67 24.87
N SER C 83 -14.90 8.15 25.99
CA SER C 83 -14.63 7.28 27.14
C SER C 83 -15.94 6.90 27.82
N PHE C 84 -15.99 5.71 28.41
CA PHE C 84 -17.09 5.36 29.32
C PHE C 84 -16.88 5.87 30.74
N ILE C 85 -15.72 6.47 31.02
CA ILE C 85 -15.40 7.09 32.30
C ILE C 85 -15.76 8.59 32.23
N PRO C 86 -16.67 9.07 33.10
CA PRO C 86 -16.94 10.52 33.08
C PRO C 86 -15.73 11.33 33.53
N ASN C 87 -15.53 12.50 32.91
CA ASN C 87 -14.43 13.41 33.25
C ASN C 87 -13.06 12.72 33.31
N ASP C 88 -12.80 11.85 32.33
CA ASP C 88 -11.55 11.11 32.23
C ASP C 88 -10.46 12.19 32.11
N PRO C 89 -9.41 12.11 32.92
CA PRO C 89 -8.39 13.15 32.85
C PRO C 89 -7.66 13.25 31.51
N TRP C 90 -7.14 14.44 31.26
CA TRP C 90 -6.40 14.76 30.04
C TRP C 90 -5.26 13.76 29.77
N PHE C 91 -4.55 13.38 30.84
CA PHE C 91 -3.44 12.42 30.75
C PHE C 91 -3.85 11.02 30.26
N ASN C 92 -5.12 10.71 30.19
CA ASN C 92 -5.52 9.36 29.81
C ASN C 92 -5.90 9.23 28.32
N GLY C 93 -5.66 10.26 27.51
CA GLY C 93 -6.04 10.21 26.09
C GLY C 93 -4.99 9.57 25.16
N ASP C 94 -5.47 8.90 24.12
CA ASP C 94 -4.62 8.21 23.13
C ASP C 94 -3.59 9.20 22.54
N GLY C 95 -2.32 8.78 22.51
CA GLY C 95 -1.27 9.57 21.95
C GLY C 95 -1.38 9.74 20.43
N ASN C 96 -1.45 11.00 19.96
CA ASN C 96 -1.45 11.35 18.54
C ASN C 96 -0.19 12.20 18.27
N ILE C 97 0.64 11.75 17.32
CA ILE C 97 1.94 12.36 17.03
C ILE C 97 1.81 13.32 15.85
N SER C 98 2.29 14.56 16.02
CA SER C 98 2.43 15.53 14.93
C SER C 98 3.89 15.68 14.61
N GLY C 99 4.21 15.72 13.32
CA GLY C 99 5.54 16.05 12.84
C GLY C 99 5.45 17.24 11.89
N PHE C 100 6.22 18.29 12.19
CA PHE C 100 6.34 19.44 11.30
C PHE C 100 7.71 19.38 10.66
N TYR C 101 7.71 19.12 9.37
CA TYR C 101 8.94 18.84 8.60
C TYR C 101 9.31 20.14 7.86
N PHE C 102 10.46 20.73 8.21
CA PHE C 102 10.95 22.01 7.71
C PHE C 102 12.11 21.84 6.73
N LYS C 103 12.02 22.54 5.59
CA LYS C 103 13.12 22.61 4.63
C LYS C 103 12.96 23.83 3.72
N ASP C 104 14.03 24.60 3.55
CA ASP C 104 14.08 25.72 2.60
C ASP C 104 12.93 26.70 2.79
N GLY C 105 12.51 26.91 4.04
CA GLY C 105 11.42 27.86 4.33
C GLY C 105 10.01 27.36 4.09
N HIS C 106 9.89 26.08 3.74
CA HIS C 106 8.59 25.38 3.55
C HIS C 106 8.40 24.40 4.72
N VAL C 107 7.14 24.15 5.07
CA VAL C 107 6.84 23.21 6.17
C VAL C 107 5.59 22.39 5.83
N ASP C 108 5.67 21.09 6.12
CA ASP C 108 4.57 20.15 5.96
C ASP C 108 4.20 19.53 7.34
N LEU C 109 2.93 19.21 7.52
CA LEU C 109 2.45 18.49 8.70
C LEU C 109 2.14 17.04 8.35
N LYS C 110 2.62 16.12 9.17
CA LYS C 110 2.14 14.76 9.15
C LYS C 110 1.63 14.41 10.54
N GLN C 111 0.51 13.71 10.61
N GLN C 111 0.52 13.69 10.61
CA GLN C 111 -0.11 13.40 11.89
CA GLN C 111 -0.10 13.39 11.90
C GLN C 111 -0.62 11.96 11.94
C GLN C 111 -0.62 11.96 11.94
N ARG C 112 -0.35 11.26 13.04
CA ARG C 112 -0.80 9.85 13.17
C ARG C 112 -0.83 9.39 14.62
N TYR C 113 -1.88 8.66 14.97
CA TYR C 113 -1.98 7.98 16.28
C TYR C 113 -0.96 6.87 16.44
N VAL C 114 -0.43 6.74 17.68
CA VAL C 114 0.39 5.59 18.04
C VAL C 114 -0.52 4.36 18.05
N ARG C 115 -0.08 3.26 17.42
CA ARG C 115 -0.86 2.04 17.41
C ARG C 115 -0.58 1.23 18.67
N THR C 116 -1.02 1.76 19.80
CA THR C 116 -0.90 1.05 21.06
C THR C 116 -1.89 -0.13 21.06
N GLU C 117 -1.71 -1.03 22.00
CA GLU C 117 -2.68 -2.12 22.18
C GLU C 117 -4.07 -1.57 22.43
N LYS C 118 -4.15 -0.56 23.28
CA LYS C 118 -5.41 0.12 23.55
C LYS C 118 -6.03 0.66 22.26
N PHE C 119 -5.23 1.43 21.51
CA PHE C 119 -5.78 2.06 20.29
C PHE C 119 -6.34 1.00 19.34
N VAL C 120 -5.56 -0.03 19.11
CA VAL C 120 -5.89 -1.08 18.13
C VAL C 120 -7.11 -1.90 18.58
N ARG C 121 -7.15 -2.33 19.83
CA ARG C 121 -8.32 -3.10 20.33
C ARG C 121 -9.59 -2.26 20.36
N GLU C 122 -9.46 -1.00 20.76
CA GLU C 122 -10.64 -0.14 20.76
C GLU C 122 -11.12 0.21 19.33
N ALA C 123 -10.19 0.43 18.42
CA ALA C 123 -10.55 0.64 17.00
C ALA C 123 -11.28 -0.56 16.41
N GLU C 124 -10.81 -1.77 16.75
CA GLU C 124 -11.46 -2.99 16.29
C GLU C 124 -12.89 -3.07 16.86
N ALA C 125 -13.06 -2.73 18.13
CA ALA C 125 -14.39 -2.84 18.76
C ALA C 125 -15.28 -1.65 18.47
N ARG C 126 -14.70 -0.54 17.98
CA ARG C 126 -15.39 0.72 17.79
C ARG C 126 -16.04 1.23 19.08
N ARG C 127 -15.36 1.02 20.20
CA ARG C 127 -15.79 1.56 21.48
C ARG C 127 -14.65 1.54 22.49
N SER C 128 -14.76 2.41 23.49
N SER C 128 -14.74 2.41 23.50
CA SER C 128 -13.79 2.41 24.59
CA SER C 128 -13.75 2.46 24.59
C SER C 128 -13.84 1.12 25.42
C SER C 128 -13.82 1.14 25.41
N LEU C 129 -12.65 0.66 25.80
CA LEU C 129 -12.46 -0.58 26.57
C LEU C 129 -11.58 -0.36 27.79
N LEU C 130 -10.54 0.47 27.66
CA LEU C 130 -9.71 0.83 28.80
C LEU C 130 -10.44 1.81 29.67
N GLY C 131 -10.32 1.64 30.99
CA GLY C 131 -11.11 2.43 31.94
C GLY C 131 -10.34 3.60 32.55
N LYS C 132 -10.34 3.67 33.87
CA LYS C 132 -9.71 4.80 34.57
C LYS C 132 -8.23 4.81 34.39
N TYR C 133 -7.67 6.01 34.47
CA TYR C 133 -6.26 6.27 34.42
C TYR C 133 -5.50 5.33 35.37
N ARG C 134 -4.63 4.50 34.80
CA ARG C 134 -3.79 3.59 35.53
C ARG C 134 -4.52 2.66 36.52
N ASN C 135 -5.76 2.30 36.21
CA ASN C 135 -6.48 1.34 37.05
C ASN C 135 -7.07 0.21 36.20
N ARG C 136 -6.30 -0.85 36.07
CA ARG C 136 -6.67 -2.01 35.26
C ARG C 136 -7.92 -2.72 35.79
N TYR C 137 -8.28 -2.49 37.07
CA TYR C 137 -9.47 -3.14 37.63
C TYR C 137 -10.74 -2.55 37.07
N THR C 138 -10.65 -1.42 36.35
CA THR C 138 -11.80 -0.85 35.67
C THR C 138 -11.89 -1.09 34.15
N ASP C 139 -10.94 -1.82 33.60
CA ASP C 139 -10.92 -2.14 32.15
C ASP C 139 -11.98 -3.15 31.81
N LEU C 140 -12.56 -3.04 30.63
CA LEU C 140 -13.59 -3.98 30.21
C LEU C 140 -12.99 -5.23 29.61
N VAL C 141 -11.70 -5.21 29.27
CA VAL C 141 -11.01 -6.39 28.79
C VAL C 141 -9.66 -6.35 29.45
N GLU C 142 -8.95 -7.46 29.37
CA GLU C 142 -7.65 -7.54 29.95
C GLU C 142 -6.60 -7.07 28.95
N PHE C 143 -5.86 -6.01 29.30
CA PHE C 143 -4.76 -5.48 28.49
C PHE C 143 -3.45 -6.02 28.99
N LYS C 144 -2.58 -6.39 28.05
CA LYS C 144 -1.19 -6.64 28.35
C LYS C 144 -0.44 -5.33 28.59
N ILE C 145 -0.61 -4.37 27.69
CA ILE C 145 0.03 -3.07 27.77
C ILE C 145 -1.05 -2.01 27.78
N ARG C 146 -1.02 -1.12 28.77
CA ARG C 146 -2.10 -0.10 28.89
C ARG C 146 -1.70 1.30 28.39
N SER C 147 -0.52 1.41 27.79
CA SER C 147 0.02 2.68 27.35
C SER C 147 -0.93 3.38 26.38
N THR C 148 -1.05 4.68 26.58
CA THR C 148 -1.57 5.60 25.58
C THR C 148 -0.43 6.29 24.82
N ALA C 149 0.82 6.05 25.20
CA ALA C 149 2.02 6.61 24.54
C ALA C 149 1.85 8.09 24.21
N ASN C 150 1.41 8.86 25.21
CA ASN C 150 0.86 10.20 24.94
C ASN C 150 1.64 11.33 25.55
N THR C 151 2.81 11.05 26.11
CA THR C 151 3.49 12.04 26.97
C THR C 151 4.73 12.70 26.36
N ASN C 152 5.60 11.93 25.75
CA ASN C 152 6.74 12.48 25.08
C ASN C 152 7.05 11.65 23.84
N ILE C 153 7.81 12.24 22.93
CA ILE C 153 8.15 11.60 21.68
C ILE C 153 9.60 12.01 21.41
N VAL C 154 10.51 11.04 21.51
CA VAL C 154 11.93 11.34 21.41
C VAL C 154 12.53 10.54 20.29
N TYR C 155 13.75 10.94 19.89
CA TYR C 155 14.49 10.27 18.80
C TYR C 155 15.57 9.41 19.40
N TRP C 156 15.65 8.16 19.00
CA TRP C 156 16.74 7.30 19.44
C TRP C 156 17.10 6.26 18.41
N ARG C 157 18.35 6.31 17.95
CA ARG C 157 18.91 5.32 17.02
C ARG C 157 17.99 5.03 15.85
N GLY C 158 17.59 6.10 15.18
CA GLY C 158 16.83 5.99 13.93
C GLY C 158 15.34 5.73 14.05
N GLN C 159 14.81 5.70 15.28
CA GLN C 159 13.35 5.56 15.49
C GLN C 159 12.85 6.66 16.38
N LEU C 160 11.56 6.87 16.36
CA LEU C 160 10.90 7.68 17.43
C LEU C 160 10.49 6.72 18.52
N LEU C 161 10.54 7.18 19.77
CA LEU C 161 10.03 6.43 20.89
C LEU C 161 8.91 7.27 21.51
N ALA C 162 7.70 6.73 21.52
CA ALA C 162 6.56 7.38 22.07
C ALA C 162 6.39 6.85 23.48
N LEU C 163 6.41 7.76 24.46
CA LEU C 163 6.69 7.39 25.84
C LEU C 163 5.45 7.59 26.71
N LYS C 164 5.26 6.67 27.64
CA LYS C 164 4.24 6.82 28.67
C LYS C 164 4.78 6.07 29.91
N GLU C 165 4.81 6.75 31.05
CA GLU C 165 5.55 6.28 32.23
C GLU C 165 5.04 5.01 32.90
N ASP C 166 3.89 4.46 32.47
CA ASP C 166 3.39 3.20 33.01
C ASP C 166 3.77 1.99 32.13
N SER C 167 4.61 2.21 31.12
CA SER C 167 4.80 1.23 30.04
C SER C 167 6.16 1.36 29.38
N PRO C 168 6.56 0.34 28.61
CA PRO C 168 7.69 0.52 27.71
C PRO C 168 7.34 1.53 26.61
N PRO C 169 8.35 2.02 25.90
CA PRO C 169 8.05 2.84 24.74
C PRO C 169 7.41 2.09 23.58
N TYR C 170 6.75 2.83 22.69
CA TYR C 170 6.36 2.35 21.36
C TYR C 170 7.30 2.98 20.31
N ALA C 171 7.90 2.14 19.49
CA ALA C 171 8.83 2.59 18.47
C ALA C 171 8.04 2.95 17.20
N MET C 172 8.45 4.03 16.55
CA MET C 172 7.79 4.56 15.36
C MET C 172 8.82 5.02 14.31
N ASP C 173 8.37 5.06 13.06
CA ASP C 173 9.16 5.55 11.93
C ASP C 173 9.15 7.09 11.90
N PRO C 174 10.32 7.74 11.94
CA PRO C 174 10.34 9.22 11.92
C PRO C 174 9.77 9.89 10.64
N GLU C 175 9.80 9.16 9.53
CA GLU C 175 9.36 9.67 8.23
C GLU C 175 7.87 9.51 8.01
N THR C 176 7.33 8.33 8.29
CA THR C 176 5.93 8.01 8.01
C THR C 176 5.03 7.99 9.25
N LEU C 177 5.64 8.00 10.44
CA LEU C 177 4.90 7.87 11.70
C LEU C 177 4.18 6.53 11.88
N GLU C 178 4.56 5.54 11.09
CA GLU C 178 4.07 4.18 11.26
C GLU C 178 4.56 3.72 12.63
N THR C 179 3.75 2.94 13.34
CA THR C 179 4.15 2.35 14.60
C THR C 179 4.72 0.95 14.33
N PHE C 180 5.95 0.69 14.78
CA PHE C 180 6.54 -0.65 14.66
C PHE C 180 6.02 -1.56 15.78
N GLY C 181 5.85 -1.04 16.98
CA GLY C 181 5.31 -1.83 18.10
C GLY C 181 5.98 -1.48 19.40
N VAL C 182 5.55 -2.12 20.47
CA VAL C 182 6.16 -1.92 21.77
C VAL C 182 7.63 -2.28 21.68
N TYR C 183 8.50 -1.46 22.27
CA TYR C 183 9.92 -1.57 22.09
C TYR C 183 10.64 -2.03 23.38
N ASP C 184 11.48 -3.04 23.29
CA ASP C 184 12.22 -3.55 24.48
C ASP C 184 13.74 -3.54 24.35
N PHE C 185 14.27 -2.73 23.44
CA PHE C 185 15.71 -2.53 23.31
C PHE C 185 16.45 -3.85 23.07
N ASP C 186 15.98 -4.60 22.09
CA ASP C 186 16.55 -5.89 21.69
C ASP C 186 16.52 -6.88 22.88
N GLY C 187 15.44 -6.87 23.67
CA GLY C 187 15.31 -7.74 24.83
C GLY C 187 16.11 -7.33 26.07
N GLN C 188 16.72 -6.15 26.06
CA GLN C 188 17.49 -5.64 27.18
C GLN C 188 16.70 -4.82 28.22
N LEU C 189 15.49 -4.39 27.90
CA LEU C 189 14.75 -3.53 28.82
C LEU C 189 14.48 -4.30 30.12
N PRO C 190 15.03 -3.82 31.25
CA PRO C 190 14.88 -4.62 32.48
C PRO C 190 13.63 -4.26 33.32
N SER C 191 12.88 -3.23 32.93
CA SER C 191 11.82 -2.65 33.70
C SER C 191 10.48 -2.80 32.96
N LEU C 192 9.39 -2.91 33.71
CA LEU C 192 8.06 -2.77 33.13
C LEU C 192 7.74 -1.36 32.64
N THR C 193 8.47 -0.37 33.13
CA THR C 193 8.11 1.02 32.93
C THR C 193 9.30 1.81 32.41
N PHE C 194 9.02 2.78 31.55
CA PHE C 194 10.08 3.60 30.96
C PHE C 194 9.61 5.04 31.10
N THR C 195 10.39 5.87 31.79
CA THR C 195 10.04 7.28 32.01
C THR C 195 9.73 8.04 30.71
N ALA C 196 8.86 9.03 30.82
CA ALA C 196 8.65 9.96 29.72
C ALA C 196 9.76 11.02 29.58
N HIS C 197 10.69 11.06 30.53
CA HIS C 197 11.74 12.06 30.54
C HIS C 197 13.15 11.49 30.62
N PRO C 198 13.53 10.66 29.64
CA PRO C 198 14.93 10.25 29.58
C PRO C 198 15.80 11.46 29.28
N LYS C 199 17.08 11.42 29.66
CA LYS C 199 18.01 12.49 29.33
C LYS C 199 19.05 12.01 28.35
N PHE C 200 19.45 12.90 27.44
CA PHE C 200 20.47 12.57 26.45
C PHE C 200 21.74 13.32 26.80
N ASP C 201 22.78 12.57 27.15
CA ASP C 201 24.03 13.17 27.54
C ASP C 201 24.75 13.61 26.26
N PRO C 202 24.98 14.92 26.10
CA PRO C 202 25.58 15.38 24.85
C PRO C 202 27.06 14.99 24.65
N VAL C 203 27.78 14.61 25.71
CA VAL C 203 29.18 14.23 25.59
C VAL C 203 29.31 12.72 25.37
N THR C 204 28.66 11.90 26.19
CA THR C 204 28.79 10.46 26.07
C THR C 204 27.83 9.85 25.06
N ARG C 205 26.82 10.61 24.64
CA ARG C 205 25.76 10.16 23.74
C ARG C 205 24.90 9.02 24.33
N GLU C 206 24.89 8.88 25.65
CA GLU C 206 24.03 7.91 26.32
C GLU C 206 22.61 8.44 26.44
N MET C 207 21.65 7.53 26.42
CA MET C 207 20.29 7.82 26.88
C MET C 207 20.16 7.28 28.29
N VAL C 208 19.87 8.18 29.23
CA VAL C 208 19.81 7.83 30.66
C VAL C 208 18.33 7.81 31.05
N CYS C 209 17.91 6.68 31.63
CA CYS C 209 16.54 6.36 31.84
C CYS C 209 16.25 5.83 33.24
N PHE C 210 14.97 5.75 33.54
CA PHE C 210 14.49 4.95 34.66
C PHE C 210 13.05 4.60 34.45
N GLY C 211 12.55 3.76 35.34
CA GLY C 211 11.11 3.52 35.48
C GLY C 211 10.76 3.38 36.97
N TYR C 212 9.64 3.94 37.42
CA TYR C 212 9.14 3.73 38.80
C TYR C 212 7.93 2.79 38.69
N GLU C 213 7.43 2.31 39.82
CA GLU C 213 6.50 1.16 39.83
C GLU C 213 6.99 0.07 38.88
N ALA C 214 8.28 -0.16 38.92
CA ALA C 214 8.98 -0.92 37.89
C ALA C 214 8.72 -2.41 37.96
N LYS C 215 8.10 -2.90 39.04
CA LYS C 215 7.63 -4.28 39.13
C LYS C 215 6.12 -4.42 39.16
N GLY C 216 5.39 -3.38 38.80
CA GLY C 216 3.94 -3.48 38.76
C GLY C 216 3.27 -2.44 39.61
N ASP C 217 1.93 -2.46 39.54
CA ASP C 217 1.08 -1.53 40.27
C ASP C 217 1.43 -1.50 41.75
N GLY C 218 1.64 -0.28 42.27
CA GLY C 218 1.87 -0.11 43.67
C GLY C 218 3.26 -0.46 44.18
N THR C 219 4.15 -0.97 43.34
CA THR C 219 5.48 -1.31 43.79
C THR C 219 6.34 -0.06 44.01
N ARG C 220 7.25 -0.14 44.99
CA ARG C 220 8.18 0.92 45.30
C ARG C 220 9.51 0.75 44.55
N ASP C 221 9.57 -0.21 43.66
CA ASP C 221 10.78 -0.46 42.88
C ASP C 221 10.98 0.59 41.80
N ILE C 222 12.16 1.19 41.80
CA ILE C 222 12.64 2.04 40.75
C ILE C 222 13.79 1.29 40.08
N CYS C 223 13.76 1.19 38.75
CA CYS C 223 14.88 0.64 37.99
C CYS C 223 15.54 1.79 37.24
N TYR C 224 16.81 2.06 37.56
CA TYR C 224 17.65 3.07 36.89
C TYR C 224 18.46 2.32 35.85
N TYR C 225 18.42 2.78 34.62
CA TYR C 225 19.16 2.11 33.54
C TYR C 225 19.50 3.09 32.43
N SER C 226 20.53 2.71 31.67
CA SER C 226 21.06 3.59 30.61
C SER C 226 21.48 2.78 29.39
N PHE C 227 21.51 3.44 28.23
CA PHE C 227 21.95 2.80 26.98
C PHE C 227 23.05 3.65 26.36
N GLY C 228 24.10 2.98 25.89
CA GLY C 228 25.15 3.67 25.16
C GLY C 228 24.66 3.98 23.75
N PRO C 229 25.39 4.85 23.03
CA PRO C 229 25.00 5.23 21.66
C PRO C 229 24.92 4.06 20.66
N ASP C 230 25.63 2.97 20.93
CA ASP C 230 25.52 1.74 20.13
C ASP C 230 24.29 0.89 20.48
N GLY C 231 23.46 1.33 21.43
CA GLY C 231 22.26 0.59 21.78
C GLY C 231 22.38 -0.43 22.93
N LYS C 232 23.59 -0.66 23.43
CA LYS C 232 23.81 -1.66 24.49
C LYS C 232 23.49 -1.06 25.82
N ILE C 233 22.79 -1.83 26.67
CA ILE C 233 22.51 -1.40 28.03
C ILE C 233 23.84 -1.23 28.79
N ALA C 234 23.96 -0.17 29.58
CA ALA C 234 25.15 0.12 30.38
C ALA C 234 24.79 -0.08 31.87
N GLU C 235 24.15 0.90 32.49
CA GLU C 235 23.74 0.78 33.89
C GLU C 235 22.44 -0.03 34.00
N THR C 236 22.32 -0.72 35.12
CA THR C 236 21.02 -1.20 35.60
C THR C 236 21.11 -1.35 37.12
N VAL C 237 20.40 -0.49 37.85
CA VAL C 237 20.40 -0.50 39.32
C VAL C 237 18.97 -0.50 39.81
N TRP C 238 18.63 -1.45 40.68
CA TRP C 238 17.32 -1.53 41.32
C TRP C 238 17.37 -0.85 42.68
N LEU C 239 16.46 0.09 42.92
CA LEU C 239 16.39 0.79 44.19
C LEU C 239 14.94 0.84 44.66
N VAL C 240 14.77 1.34 45.90
CA VAL C 240 13.48 1.34 46.59
C VAL C 240 13.16 2.79 46.99
N SER C 241 11.98 3.19 46.59
CA SER C 241 11.42 4.49 46.88
C SER C 241 10.87 4.41 48.32
N PRO C 242 10.97 5.50 49.13
CA PRO C 242 10.39 5.41 50.49
C PRO C 242 8.85 5.28 50.52
N VAL C 243 8.17 5.74 49.46
CA VAL C 243 6.74 5.55 49.27
C VAL C 243 6.51 5.19 47.81
N CYS C 244 5.35 4.64 47.47
CA CYS C 244 4.97 4.44 46.07
C CYS C 244 4.42 5.74 45.55
N GLY C 245 5.34 6.63 45.19
CA GLY C 245 4.99 7.98 44.78
C GLY C 245 5.33 8.20 43.31
N MET C 246 4.68 9.17 42.71
CA MET C 246 4.84 9.48 41.30
C MET C 246 6.19 10.17 41.04
N ILE C 247 7.02 9.55 40.20
CA ILE C 247 8.31 10.15 39.83
C ILE C 247 8.23 10.43 38.34
N HIS C 248 7.68 11.60 38.02
CA HIS C 248 7.38 11.94 36.63
C HIS C 248 8.64 12.31 35.82
N ASP C 249 9.57 13.01 36.48
CA ASP C 249 10.75 13.55 35.81
C ASP C 249 11.94 13.19 36.69
N PHE C 250 13.15 13.33 36.14
CA PHE C 250 14.35 13.13 36.94
C PHE C 250 15.45 13.98 36.38
N ALA C 251 16.59 13.96 37.03
CA ALA C 251 17.71 14.81 36.62
C ALA C 251 18.97 14.01 36.61
N VAL C 252 19.90 14.41 35.74
CA VAL C 252 21.14 13.68 35.50
C VAL C 252 22.26 14.69 35.47
N THR C 253 23.32 14.43 36.24
CA THR C 253 24.52 15.28 36.24
C THR C 253 25.68 14.40 35.82
N GLU C 254 26.89 14.94 35.82
CA GLU C 254 28.06 14.14 35.43
C GLU C 254 28.20 12.86 36.22
N ASN C 255 28.00 12.93 37.55
CA ASN C 255 28.23 11.80 38.47
C ASN C 255 27.02 11.32 39.25
N PHE C 256 25.85 11.95 39.07
CA PHE C 256 24.67 11.55 39.83
C PHE C 256 23.41 11.50 38.98
N VAL C 257 22.45 10.69 39.43
CA VAL C 257 21.07 10.75 38.99
C VAL C 257 20.18 11.08 40.20
N ILE C 258 19.11 11.84 39.94
CA ILE C 258 18.31 12.48 40.97
C ILE C 258 16.83 12.25 40.70
N PHE C 259 16.11 11.70 41.68
CA PHE C 259 14.70 11.32 41.56
C PHE C 259 13.78 12.13 42.50
N PRO C 260 13.15 13.22 42.00
CA PRO C 260 12.18 13.96 42.80
C PRO C 260 10.80 13.29 42.79
N ILE C 261 10.24 13.03 43.97
CA ILE C 261 8.97 12.31 44.11
C ILE C 261 7.84 13.28 44.41
N ILE C 262 6.83 13.27 43.54
CA ILE C 262 5.62 14.04 43.76
C ILE C 262 4.85 13.30 44.86
N PRO C 263 4.30 14.05 45.86
CA PRO C 263 3.55 13.38 46.94
C PRO C 263 2.17 12.84 46.55
N LEU C 264 2.04 12.30 45.34
CA LEU C 264 0.89 11.48 44.97
C LEU C 264 1.30 10.07 45.25
N VAL C 265 0.46 9.32 45.96
CA VAL C 265 0.81 7.99 46.40
C VAL C 265 -0.22 6.98 45.93
N CYS C 266 0.26 5.77 45.60
CA CYS C 266 -0.58 4.70 45.08
C CYS C 266 -0.83 3.60 46.14
N ASP C 267 -2.11 3.22 46.28
CA ASP C 267 -2.55 2.10 47.12
C ASP C 267 -3.39 1.15 46.24
N VAL C 268 -2.91 -0.06 46.03
CA VAL C 268 -3.57 -0.97 45.13
C VAL C 268 -4.97 -1.39 45.65
N GLU C 269 -5.14 -1.41 46.98
CA GLU C 269 -6.44 -1.79 47.54
C GLU C 269 -7.49 -0.75 47.20
N ARG C 270 -7.11 0.53 47.23
CA ARG C 270 -8.00 1.58 46.78
C ARG C 270 -8.40 1.36 45.30
N MET C 271 -7.40 1.04 44.47
CA MET C 271 -7.65 0.76 43.05
C MET C 271 -8.64 -0.37 42.85
N LYS C 272 -8.49 -1.45 43.63
CA LYS C 272 -9.40 -2.63 43.48
C LYS C 272 -10.85 -2.29 43.78
N GLN C 273 -11.10 -1.29 44.61
CA GLN C 273 -12.45 -0.81 44.81
C GLN C 273 -12.93 0.22 43.81
N GLY C 274 -12.18 0.47 42.73
CA GLY C 274 -12.57 1.47 41.70
C GLY C 274 -12.00 2.86 41.92
N GLY C 275 -11.11 3.03 42.90
CA GLY C 275 -10.55 4.35 43.23
C GLY C 275 -9.39 4.74 42.35
N ASP C 276 -8.87 5.94 42.59
CA ASP C 276 -7.80 6.51 41.77
C ASP C 276 -6.47 5.85 42.05
N HIS C 277 -5.66 5.76 41.00
CA HIS C 277 -4.29 5.27 41.18
C HIS C 277 -3.50 6.22 42.15
N TRP C 278 -3.70 7.52 41.97
CA TRP C 278 -2.95 8.50 42.75
C TRP C 278 -3.85 9.26 43.71
N GLN C 279 -3.30 9.52 44.91
CA GLN C 279 -3.95 10.29 45.96
C GLN C 279 -2.91 11.12 46.68
N TRP C 280 -3.15 12.41 46.77
CA TRP C 280 -2.22 13.29 47.47
C TRP C 280 -2.09 12.94 48.95
N ASP C 281 -0.87 13.09 49.47
CA ASP C 281 -0.58 12.81 50.87
C ASP C 281 0.12 14.08 51.40
N TYR C 282 -0.63 14.86 52.21
CA TYR C 282 -0.10 16.09 52.83
C TYR C 282 0.97 15.86 53.91
N SER C 283 1.16 14.62 54.36
CA SER C 283 2.01 14.34 55.50
C SER C 283 3.46 14.05 55.17
N ILE C 284 3.83 14.01 53.88
CA ILE C 284 5.19 13.57 53.50
C ILE C 284 5.97 14.73 52.88
N PRO C 285 7.30 14.63 52.95
CA PRO C 285 8.10 15.60 52.23
C PRO C 285 8.03 15.39 50.71
N MET C 286 8.64 16.31 49.96
CA MET C 286 8.95 16.03 48.56
C MET C 286 10.30 15.34 48.59
N TYR C 287 10.31 14.02 48.54
CA TYR C 287 11.56 13.31 48.58
C TYR C 287 12.40 13.61 47.32
N ILE C 288 13.72 13.66 47.47
CA ILE C 288 14.65 13.81 46.35
C ILE C 288 15.79 12.81 46.55
N GLY C 289 15.73 11.72 45.78
CA GLY C 289 16.74 10.67 45.83
C GLY C 289 17.96 11.08 45.04
N VAL C 290 19.14 10.80 45.57
CA VAL C 290 20.37 10.98 44.80
C VAL C 290 21.11 9.65 44.81
N LEU C 291 21.49 9.19 43.63
CA LEU C 291 22.24 7.95 43.44
C LEU C 291 23.49 8.24 42.61
N PRO C 292 24.62 7.58 42.89
CA PRO C 292 25.74 7.71 41.96
C PRO C 292 25.37 7.16 40.58
N ARG C 293 25.80 7.89 39.55
CA ARG C 293 25.43 7.61 38.17
C ARG C 293 25.97 6.30 37.63
N ARG C 294 27.19 5.96 38.06
CA ARG C 294 27.89 4.75 37.57
C ARG C 294 28.35 3.83 38.71
N GLY C 295 28.10 2.54 38.53
CA GLY C 295 28.60 1.53 39.43
C GLY C 295 27.89 1.36 40.77
N ALA C 296 26.77 2.04 40.99
CA ALA C 296 26.15 2.00 42.32
C ALA C 296 25.38 0.72 42.56
N GLN C 297 25.04 0.49 43.82
CA GLN C 297 24.02 -0.47 44.24
C GLN C 297 22.80 0.30 44.72
N GLY C 298 21.69 -0.40 44.83
CA GLY C 298 20.43 0.18 45.30
C GLY C 298 20.51 0.90 46.64
N SER C 299 21.29 0.36 47.56
CA SER C 299 21.45 0.91 48.92
C SER C 299 22.28 2.21 48.96
N ASP C 300 22.96 2.54 47.86
CA ASP C 300 23.69 3.81 47.76
C ASP C 300 22.80 5.05 47.59
N VAL C 301 21.51 4.87 47.30
CA VAL C 301 20.63 6.03 47.15
C VAL C 301 20.45 6.72 48.51
N LYS C 302 20.49 8.05 48.53
CA LYS C 302 20.14 8.85 49.70
C LYS C 302 18.84 9.61 49.43
N TRP C 303 17.85 9.43 50.30
CA TRP C 303 16.55 10.08 50.14
C TRP C 303 16.48 11.37 50.94
N PHE C 304 16.91 12.46 50.30
CA PHE C 304 16.78 13.80 50.87
C PHE C 304 15.32 14.18 50.93
N GLU C 305 15.02 15.16 51.77
CA GLU C 305 13.64 15.49 52.11
C GLU C 305 13.47 16.97 51.94
N ALA C 306 12.92 17.37 50.80
CA ALA C 306 12.63 18.77 50.56
C ALA C 306 11.32 19.11 51.21
N PRO C 307 11.08 20.40 51.48
CA PRO C 307 9.78 20.78 52.02
C PRO C 307 8.65 20.32 51.12
N HIS C 308 7.55 19.91 51.75
CA HIS C 308 6.40 19.43 51.05
C HIS C 308 6.02 20.30 49.88
N GLY C 309 5.88 19.65 48.72
CA GLY C 309 5.45 20.37 47.54
C GLY C 309 5.40 19.46 46.35
N PHE C 310 5.15 20.08 45.21
CA PHE C 310 4.95 19.39 43.95
C PHE C 310 6.23 19.45 43.13
N ALA C 311 6.78 18.28 42.79
CA ALA C 311 7.95 18.17 41.91
C ALA C 311 7.53 18.34 40.46
N GLY C 312 7.75 19.54 39.92
CA GLY C 312 7.44 19.84 38.50
C GLY C 312 8.57 19.39 37.61
N HIS C 313 8.50 19.81 36.36
CA HIS C 313 9.52 19.45 35.37
C HIS C 313 10.89 20.00 35.69
N VAL C 314 11.89 19.20 35.39
CA VAL C 314 13.27 19.57 35.60
C VAL C 314 13.76 20.37 34.38
N ALA C 315 14.40 21.52 34.62
CA ALA C 315 15.06 22.25 33.55
C ALA C 315 16.33 21.50 33.22
N ASN C 316 17.19 21.35 34.21
CA ASN C 316 18.47 20.67 34.07
C ASN C 316 19.08 20.59 35.47
N ALA C 317 20.02 19.68 35.64
CA ALA C 317 20.85 19.68 36.85
C ALA C 317 22.32 19.58 36.46
N PHE C 318 23.19 20.08 37.35
CA PHE C 318 24.62 20.01 37.15
C PHE C 318 25.38 20.07 38.46
N GLU C 319 26.62 19.58 38.46
CA GLU C 319 27.53 19.73 39.59
C GLU C 319 28.33 21.03 39.48
N ASP C 320 28.38 21.82 40.57
CA ASP C 320 29.20 23.04 40.63
C ASP C 320 30.65 22.70 40.99
N ASP C 321 31.49 23.73 41.21
CA ASP C 321 32.93 23.54 41.60
C ASP C 321 33.13 22.61 42.78
N LYS C 322 32.25 22.70 43.79
CA LYS C 322 32.33 21.85 44.99
C LYS C 322 31.81 20.42 44.85
N GLY C 323 31.29 20.06 43.68
CA GLY C 323 30.65 18.75 43.48
C GLY C 323 29.22 18.65 44.04
N HIS C 324 28.64 19.79 44.43
CA HIS C 324 27.26 19.86 44.90
C HIS C 324 26.32 19.95 43.69
N ILE C 325 25.17 19.29 43.79
CA ILE C 325 24.19 19.27 42.72
C ILE C 325 23.35 20.54 42.79
N GLN C 326 23.29 21.28 41.68
CA GLN C 326 22.34 22.36 41.51
C GLN C 326 21.20 21.80 40.64
N LEU C 327 20.01 21.64 41.22
CA LEU C 327 18.85 21.01 40.57
C LEU C 327 17.83 22.09 40.33
N GLN C 328 17.59 22.43 39.07
CA GLN C 328 16.69 23.53 38.73
C GLN C 328 15.44 22.96 38.10
N MET C 329 14.29 23.28 38.69
CA MET C 329 13.02 22.63 38.38
C MET C 329 11.86 23.49 38.81
N ALA C 330 10.72 23.26 38.17
CA ALA C 330 9.48 23.87 38.60
C ALA C 330 9.05 23.19 39.90
N TYR C 331 8.53 24.00 40.83
CA TYR C 331 8.23 23.56 42.18
C TYR C 331 7.06 24.36 42.70
N ALA C 332 6.01 23.66 43.13
CA ALA C 332 4.85 24.30 43.72
C ALA C 332 4.70 23.82 45.14
N LYS C 333 3.87 24.55 45.89
CA LYS C 333 3.64 24.28 47.32
C LYS C 333 2.41 23.44 47.59
N ASP C 334 1.64 23.13 46.56
CA ASP C 334 0.48 22.30 46.73
C ASP C 334 0.31 21.45 45.46
N ASN C 335 -0.73 20.64 45.47
CA ASN C 335 -1.02 19.67 44.43
C ASN C 335 -1.49 20.33 43.12
N VAL C 336 -0.59 20.35 42.15
CA VAL C 336 -0.87 20.83 40.79
C VAL C 336 -1.96 19.96 40.14
N PHE C 337 -1.96 18.66 40.42
CA PHE C 337 -2.96 17.75 39.86
C PHE C 337 -4.16 17.67 40.81
N PHE C 338 -4.90 18.77 40.84
CA PHE C 338 -6.02 19.00 41.79
C PHE C 338 -7.16 17.98 41.69
N TRP C 339 -7.33 17.34 40.53
CA TRP C 339 -8.33 16.29 40.31
C TRP C 339 -8.00 14.97 41.02
N TRP C 340 -6.78 14.85 41.56
CA TRP C 340 -6.38 13.73 42.43
C TRP C 340 -6.04 14.28 43.80
N PRO C 341 -7.10 14.62 44.59
CA PRO C 341 -6.92 15.25 45.88
C PRO C 341 -6.52 14.23 46.95
N ASP C 342 -6.51 14.65 48.22
CA ASP C 342 -6.12 13.72 49.29
C ASP C 342 -7.31 12.80 49.64
N ALA C 343 -7.12 11.96 50.66
CA ALA C 343 -8.11 10.97 51.07
C ALA C 343 -9.50 11.56 51.43
N ASN C 344 -9.52 12.79 51.93
CA ASN C 344 -10.76 13.50 52.26
C ASN C 344 -11.27 14.44 51.18
N GLY C 345 -10.74 14.30 49.94
CA GLY C 345 -11.14 15.17 48.87
C GLY C 345 -10.55 16.58 48.94
N LYS C 346 -9.56 16.78 49.79
CA LYS C 346 -8.99 18.09 50.00
C LYS C 346 -7.90 18.39 48.97
N GLY C 347 -7.95 19.59 48.43
CA GLY C 347 -6.90 20.09 47.58
C GLY C 347 -7.35 21.39 46.93
N PRO C 348 -6.45 22.00 46.15
CA PRO C 348 -6.72 23.28 45.55
C PRO C 348 -7.75 23.27 44.44
N ARG C 349 -8.14 24.46 44.00
CA ARG C 349 -9.02 24.66 42.83
C ARG C 349 -8.22 24.89 41.57
N PRO C 350 -8.88 24.78 40.39
CA PRO C 350 -8.19 25.06 39.11
C PRO C 350 -7.61 26.48 39.09
N GLY C 351 -6.39 26.65 38.59
CA GLY C 351 -5.76 27.98 38.51
C GLY C 351 -5.31 28.65 39.80
N GLU C 352 -5.36 27.95 40.91
CA GLU C 352 -4.95 28.48 42.20
C GLU C 352 -3.48 28.20 42.50
N VAL C 353 -2.97 27.02 42.15
CA VAL C 353 -1.59 26.67 42.47
C VAL C 353 -0.63 27.25 41.43
N GLU C 354 0.39 27.99 41.89
CA GLU C 354 1.48 28.44 41.02
C GLU C 354 2.70 27.58 41.23
N ALA C 355 3.44 27.29 40.14
CA ALA C 355 4.75 26.64 40.23
C ALA C 355 5.82 27.66 39.91
N HIS C 356 6.94 27.60 40.62
CA HIS C 356 8.01 28.54 40.42
C HIS C 356 9.33 27.85 40.13
N PHE C 357 10.22 28.60 39.48
CA PHE C 357 11.48 28.06 39.02
C PHE C 357 12.46 28.04 40.17
N ALA C 358 12.68 26.85 40.71
CA ALA C 358 13.40 26.66 41.95
C ALA C 358 14.79 26.09 41.70
N ASN C 359 15.70 26.40 42.62
CA ASN C 359 17.04 25.81 42.65
C ASN C 359 17.21 25.13 44.00
N PHE C 360 17.37 23.82 44.01
CA PHE C 360 17.70 23.03 45.19
C PHE C 360 19.17 22.69 45.14
N VAL C 361 19.83 22.73 46.30
CA VAL C 361 21.24 22.36 46.41
C VAL C 361 21.31 21.05 47.15
N LEU C 362 22.00 20.06 46.57
CA LEU C 362 22.11 18.77 47.19
C LEU C 362 23.57 18.36 47.23
N ASP C 363 23.94 17.73 48.34
CA ASP C 363 25.30 17.27 48.55
C ASP C 363 25.18 15.79 48.89
N TYR C 364 25.59 14.92 47.97
CA TYR C 364 25.52 13.49 48.19
C TYR C 364 26.27 13.03 49.47
N GLN C 365 27.35 13.73 49.82
N GLN C 365 27.35 13.73 49.82
CA GLN C 365 28.16 13.38 51.01
CA GLN C 365 28.14 13.34 51.00
C GLN C 365 27.46 13.72 52.33
C GLN C 365 27.46 13.72 52.34
N SER C 366 26.55 14.70 52.32
CA SER C 366 25.81 15.09 53.52
C SER C 366 24.95 13.94 54.08
N ASP C 367 24.88 13.86 55.41
CA ASP C 367 24.00 12.94 56.11
C ASP C 367 22.79 13.65 56.69
N LYS C 368 22.73 14.96 56.51
CA LYS C 368 21.56 15.77 56.87
C LYS C 368 20.47 15.57 55.80
N LEU C 369 19.40 14.84 56.12
CA LEU C 369 18.38 14.54 55.10
C LEU C 369 17.42 15.69 54.76
N PRO C 370 16.92 16.44 55.77
CA PRO C 370 16.12 17.63 55.42
C PRO C 370 16.89 18.70 54.63
N LEU C 371 16.22 19.32 53.64
CA LEU C 371 16.78 20.33 52.77
C LEU C 371 16.11 21.65 53.03
N ALA C 372 16.84 22.75 52.81
CA ALA C 372 16.25 24.07 52.97
C ALA C 372 15.29 24.36 51.85
N GLU C 373 14.41 25.33 52.08
CA GLU C 373 13.58 25.89 51.04
C GLU C 373 14.52 26.26 49.88
N PRO C 374 14.08 26.02 48.63
CA PRO C 374 14.92 26.38 47.49
C PRO C 374 14.97 27.90 47.29
N THR C 375 15.96 28.37 46.55
CA THR C 375 15.91 29.72 46.00
C THR C 375 15.14 29.72 44.68
N TYR C 376 14.66 30.88 44.27
CA TYR C 376 13.83 30.98 43.08
C TYR C 376 14.50 31.89 42.07
N LEU C 377 14.52 31.47 40.81
CA LEU C 377 15.28 32.17 39.77
C LEU C 377 14.50 33.32 39.16
N VAL C 378 13.18 33.21 39.13
CA VAL C 378 12.31 34.27 38.64
C VAL C 378 11.04 34.23 39.48
N ASP C 379 10.23 35.29 39.34
CA ASP C 379 8.92 35.38 39.98
C ASP C 379 7.77 34.69 39.27
N ASP C 380 7.90 34.44 37.97
CA ASP C 380 6.73 34.01 37.16
C ASP C 380 6.18 32.66 37.60
N ASP C 381 4.86 32.51 37.48
CA ASP C 381 4.21 31.21 37.50
C ASP C 381 4.63 30.53 36.17
N MET C 382 5.33 29.42 36.28
CA MET C 382 5.96 28.83 35.11
C MET C 382 5.91 27.31 35.11
N GLU C 383 6.25 26.73 33.97
CA GLU C 383 6.38 25.26 33.79
C GLU C 383 6.97 24.99 32.40
N PHE C 384 7.18 23.70 32.12
CA PHE C 384 7.72 23.23 30.83
C PHE C 384 9.05 23.90 30.45
N PRO C 385 10.04 23.84 31.33
CA PRO C 385 11.30 24.47 31.02
C PRO C 385 12.08 23.63 30.00
N ARG C 386 12.75 24.32 29.09
CA ARG C 386 13.72 23.73 28.18
C ARG C 386 15.05 24.48 28.28
N ILE C 387 16.12 23.75 28.05
CA ILE C 387 17.45 24.36 27.93
C ILE C 387 18.01 24.03 26.54
N ASP C 388 19.21 24.54 26.29
CA ASP C 388 19.98 24.15 25.13
C ASP C 388 20.55 22.80 25.49
N ASP C 389 20.05 21.76 24.83
CA ASP C 389 20.39 20.39 25.24
C ASP C 389 21.81 20.00 24.92
N ARG C 390 22.54 20.89 24.23
CA ARG C 390 23.98 20.73 24.08
C ARG C 390 24.75 20.86 25.41
N VAL C 391 24.11 21.42 26.45
CA VAL C 391 24.70 21.42 27.78
C VAL C 391 23.94 20.60 28.83
N ALA C 392 22.98 19.80 28.41
CA ALA C 392 22.27 18.90 29.34
C ALA C 392 23.26 18.11 30.20
N THR C 393 22.97 18.06 31.50
CA THR C 393 23.79 17.40 32.53
C THR C 393 25.00 18.20 33.00
N ARG C 394 25.27 19.35 32.35
CA ARG C 394 26.38 20.26 32.68
C ARG C 394 25.77 21.63 32.99
N LYS C 395 26.60 22.58 33.39
CA LYS C 395 26.14 23.92 33.70
C LYS C 395 25.48 24.59 32.49
N HIS C 396 24.28 25.08 32.70
CA HIS C 396 23.54 25.78 31.65
C HIS C 396 23.32 27.19 32.11
N LYS C 397 23.15 28.11 31.17
CA LYS C 397 22.90 29.51 31.53
C LYS C 397 21.76 30.13 30.76
N HIS C 398 20.97 29.33 30.03
CA HIS C 398 19.77 29.79 29.37
C HIS C 398 18.67 28.78 29.65
N THR C 399 17.49 29.27 30.05
CA THR C 399 16.29 28.46 30.15
C THR C 399 15.15 29.17 29.46
N PHE C 400 14.36 28.40 28.71
CA PHE C 400 13.14 28.88 28.07
C PHE C 400 11.96 28.16 28.75
N PHE C 401 10.88 28.87 29.05
CA PHE C 401 9.78 28.23 29.76
C PHE C 401 8.46 28.90 29.51
N CYS C 402 7.41 28.12 29.72
CA CYS C 402 6.05 28.64 29.70
C CYS C 402 5.83 29.47 30.95
N ILE C 403 5.02 30.51 30.83
CA ILE C 403 4.59 31.34 31.93
C ILE C 403 3.08 31.52 31.83
N PHE C 404 2.47 31.74 32.99
CA PHE C 404 1.07 32.09 33.08
C PHE C 404 0.96 33.36 33.93
N ASP C 405 0.66 34.46 33.26
CA ASP C 405 0.61 35.78 33.88
C ASP C 405 -0.88 36.17 34.11
N ARG C 406 -1.25 36.32 35.39
CA ARG C 406 -2.60 36.71 35.78
C ARG C 406 -2.80 38.25 35.80
N LYS C 407 -1.74 39.03 35.56
CA LYS C 407 -1.87 40.49 35.43
C LYS C 407 -3.04 40.84 34.50
N PRO C 408 -3.92 41.78 34.90
CA PRO C 408 -5.11 42.04 34.08
C PRO C 408 -4.83 42.37 32.63
N GLY C 409 -5.60 41.74 31.72
CA GLY C 409 -5.48 41.99 30.30
C GLY C 409 -4.47 41.19 29.48
N VAL C 410 -3.52 40.50 30.10
CA VAL C 410 -2.58 39.65 29.34
C VAL C 410 -3.39 38.53 28.62
N THR C 411 -4.31 37.86 29.32
CA THR C 411 -5.29 37.00 28.69
C THR C 411 -6.70 37.60 28.87
N ASP C 412 -7.46 37.59 27.79
CA ASP C 412 -8.86 37.98 27.82
C ASP C 412 -9.66 36.76 28.25
N PHE C 413 -9.69 36.55 29.56
CA PHE C 413 -10.35 35.39 30.17
C PHE C 413 -11.84 35.28 29.87
N GLU C 414 -12.52 36.42 29.79
CA GLU C 414 -13.94 36.43 29.49
C GLU C 414 -14.22 35.85 28.10
N PHE C 415 -13.33 36.08 27.15
CA PHE C 415 -13.42 35.49 25.80
C PHE C 415 -12.90 34.04 25.77
N VAL C 416 -11.75 33.78 26.39
CA VAL C 416 -11.03 32.50 26.22
C VAL C 416 -11.71 31.39 27.02
N MET C 417 -12.00 31.64 28.30
CA MET C 417 -12.52 30.56 29.20
C MET C 417 -13.74 29.80 28.70
N PRO C 418 -14.77 30.51 28.20
CA PRO C 418 -15.91 29.75 27.67
C PRO C 418 -15.61 28.90 26.42
N ARG C 419 -14.48 29.14 25.74
CA ARG C 419 -14.09 28.37 24.55
C ARG C 419 -13.00 27.33 24.82
N ALA C 420 -12.46 27.31 26.04
CA ALA C 420 -11.26 26.57 26.31
C ALA C 420 -11.47 25.11 26.70
N GLY C 421 -12.62 24.76 27.25
CA GLY C 421 -12.79 23.47 27.94
C GLY C 421 -11.88 23.35 29.16
N GLY C 422 -11.76 22.17 29.72
CA GLY C 422 -10.99 21.97 30.95
C GLY C 422 -10.00 20.79 30.85
N GLY C 423 -9.25 20.60 31.91
CA GLY C 423 -8.40 19.42 32.09
C GLY C 423 -6.92 19.67 31.90
N ALA C 424 -6.54 20.82 31.31
CA ALA C 424 -5.19 21.06 30.88
C ALA C 424 -4.67 22.39 31.42
N PRO C 425 -3.35 22.51 31.57
CA PRO C 425 -2.77 23.76 32.02
C PRO C 425 -2.86 24.88 30.97
N MET C 426 -2.74 26.12 31.45
CA MET C 426 -2.73 27.28 30.59
C MET C 426 -1.41 28.00 30.69
N SER C 427 -0.93 28.44 29.54
CA SER C 427 0.29 29.21 29.42
C SER C 427 -0.03 30.35 28.47
N ASN C 428 0.27 31.60 28.87
CA ASN C 428 -0.02 32.76 28.00
C ASN C 428 1.23 33.49 27.55
N GLY C 429 2.36 32.81 27.68
CA GLY C 429 3.62 33.35 27.17
C GLY C 429 4.75 32.36 27.30
N LEU C 430 5.89 32.71 26.69
CA LEU C 430 7.15 32.06 26.96
C LEU C 430 8.07 33.10 27.55
N ALA C 431 9.02 32.65 28.36
CA ALA C 431 10.07 33.48 28.87
C ALA C 431 11.42 32.87 28.54
N HIS C 432 12.41 33.72 28.32
CA HIS C 432 13.79 33.31 28.20
C HIS C 432 14.56 34.02 29.32
N LEU C 433 15.15 33.23 30.21
CA LEU C 433 16.04 33.73 31.25
C LEU C 433 17.50 33.48 30.84
N ASN C 434 18.30 34.55 30.81
CA ASN C 434 19.75 34.45 30.76
C ASN C 434 20.20 34.42 32.22
N HIS C 435 20.80 33.32 32.65
CA HIS C 435 21.18 33.15 34.05
C HIS C 435 22.44 33.96 34.45
N GLU C 436 23.34 34.26 33.51
CA GLU C 436 24.54 35.07 33.81
C GLU C 436 24.16 36.52 34.10
N THR C 437 23.38 37.11 33.21
CA THR C 437 23.02 38.52 33.30
C THR C 437 21.75 38.76 34.11
N GLY C 438 20.88 37.75 34.21
CA GLY C 438 19.54 37.94 34.80
C GLY C 438 18.49 38.59 33.90
N ASP C 439 18.83 38.95 32.68
CA ASP C 439 17.82 39.45 31.71
C ASP C 439 16.75 38.38 31.39
N ILE C 440 15.50 38.82 31.31
CA ILE C 440 14.38 37.99 30.95
C ILE C 440 13.70 38.65 29.77
N GLN C 441 13.52 37.90 28.68
CA GLN C 441 12.67 38.33 27.60
C GLN C 441 11.40 37.49 27.55
N ARG C 442 10.27 38.13 27.21
CA ARG C 442 8.97 37.46 27.22
C ARG C 442 8.28 37.59 25.88
N TYR C 443 7.77 36.46 25.37
CA TYR C 443 6.93 36.41 24.19
C TYR C 443 5.49 36.23 24.63
N LEU C 444 4.61 37.16 24.28
CA LEU C 444 3.20 37.06 24.55
C LEU C 444 2.47 36.96 23.23
N PRO C 445 1.91 35.78 22.88
CA PRO C 445 1.26 35.68 21.56
C PRO C 445 0.03 36.55 21.39
N GLY C 446 -0.60 36.97 22.49
CA GLY C 446 -1.77 37.83 22.38
C GLY C 446 -2.82 37.46 23.40
N PRO C 447 -3.83 38.33 23.57
CA PRO C 447 -4.82 38.14 24.61
C PRO C 447 -5.78 36.97 24.41
N ARG C 448 -5.91 36.48 23.19
CA ARG C 448 -6.81 35.38 22.90
C ARG C 448 -6.06 34.15 22.34
N LYS C 449 -4.80 34.05 22.72
CA LYS C 449 -3.97 32.90 22.38
C LYS C 449 -3.26 32.37 23.62
N LEU C 450 -3.07 31.05 23.65
CA LEU C 450 -2.28 30.36 24.69
C LEU C 450 -1.26 29.44 24.00
N THR C 451 -0.26 29.01 24.74
CA THR C 451 0.92 28.32 24.18
C THR C 451 1.06 26.91 24.73
N GLY C 452 1.77 26.05 23.98
CA GLY C 452 2.26 24.78 24.47
C GLY C 452 3.72 24.90 24.91
N GLU C 453 4.38 23.75 25.05
CA GLU C 453 5.79 23.69 25.40
C GLU C 453 6.62 24.05 24.16
N CYS C 454 7.68 24.84 24.36
CA CYS C 454 8.49 25.29 23.25
C CYS C 454 9.60 24.27 22.94
N ILE C 455 10.21 24.42 21.77
CA ILE C 455 11.48 23.76 21.45
C ILE C 455 12.51 24.83 21.14
N PHE C 456 13.77 24.50 21.40
CA PHE C 456 14.91 25.33 21.04
C PHE C 456 15.72 24.63 19.94
N ILE C 457 16.11 25.39 18.94
CA ILE C 457 16.88 24.92 17.79
C ILE C 457 18.16 25.77 17.68
N PRO C 458 19.36 25.16 17.84
CA PRO C 458 20.61 25.91 17.62
C PRO C 458 20.63 26.58 16.25
N ARG C 459 21.12 27.81 16.18
CA ARG C 459 21.18 28.50 14.87
C ARG C 459 21.91 27.68 13.78
N ASN C 460 22.98 27.02 14.20
CA ASN C 460 23.83 26.20 13.34
C ASN C 460 24.75 25.48 14.28
N SER C 461 25.63 24.63 13.79
CA SER C 461 26.47 23.83 14.71
C SER C 461 27.57 24.62 15.43
N GLU C 462 27.81 25.88 15.07
CA GLU C 462 28.79 26.75 15.76
C GLU C 462 28.12 27.76 16.68
N ALA C 463 26.80 27.74 16.80
CA ALA C 463 26.10 28.73 17.61
C ALA C 463 26.47 28.65 19.10
N ALA C 464 26.47 29.82 19.74
CA ALA C 464 26.63 29.90 21.18
C ALA C 464 25.44 29.25 21.89
N GLU C 465 25.63 28.90 23.16
CA GLU C 465 24.55 28.33 23.95
C GLU C 465 23.33 29.24 23.87
N GLY C 466 22.18 28.68 23.58
CA GLY C 466 20.93 29.44 23.60
C GLY C 466 20.71 30.38 22.43
N ASP C 467 21.59 30.35 21.43
CA ASP C 467 21.44 31.21 20.26
C ASP C 467 20.81 30.41 19.11
N GLY C 468 19.64 30.83 18.67
CA GLY C 468 19.00 30.20 17.53
C GLY C 468 17.53 30.52 17.45
N TYR C 469 16.70 29.48 17.34
CA TYR C 469 15.26 29.66 17.16
C TYR C 469 14.46 28.92 18.21
N VAL C 470 13.28 29.46 18.49
CA VAL C 470 12.33 28.84 19.38
C VAL C 470 11.05 28.67 18.58
N MET C 471 10.45 27.48 18.70
CA MET C 471 9.13 27.24 18.14
C MET C 471 8.15 26.84 19.21
N VAL C 472 6.89 27.20 19.01
CA VAL C 472 5.87 26.90 19.98
C VAL C 472 4.51 26.89 19.30
N LEU C 473 3.70 25.90 19.66
CA LEU C 473 2.38 25.79 19.12
C LEU C 473 1.45 26.68 19.93
N LEU C 474 0.62 27.44 19.21
CA LEU C 474 -0.37 28.30 19.83
C LEU C 474 -1.77 27.78 19.60
N ALA C 475 -2.61 27.95 20.60
CA ALA C 475 -4.06 27.81 20.46
C ALA C 475 -4.64 29.20 20.26
N ASN C 476 -5.26 29.43 19.11
CA ASN C 476 -5.92 30.69 18.81
C ASN C 476 -7.42 30.53 19.06
N TYR C 477 -7.90 31.12 20.15
CA TYR C 477 -9.30 30.95 20.53
C TYR C 477 -10.25 31.82 19.69
N GLU C 478 -9.72 32.85 19.02
CA GLU C 478 -10.56 33.63 18.10
C GLU C 478 -10.93 32.82 16.86
N ASP C 479 -9.94 32.20 16.23
CA ASP C 479 -10.15 31.39 15.03
C ASP C 479 -10.55 29.94 15.35
N MET C 480 -10.34 29.51 16.58
CA MET C 480 -10.40 28.09 16.99
C MET C 480 -9.52 27.22 16.05
N CYS C 481 -8.30 27.71 15.83
CA CYS C 481 -7.29 27.02 15.04
C CYS C 481 -5.99 27.05 15.80
N SER C 482 -5.06 26.20 15.39
CA SER C 482 -3.73 26.23 15.93
C SER C 482 -2.75 26.95 14.99
N GLU C 483 -1.67 27.42 15.57
CA GLU C 483 -0.61 28.11 14.82
C GLU C 483 0.72 27.69 15.38
N LEU C 484 1.73 27.70 14.54
CA LEU C 484 3.07 27.39 14.98
C LEU C 484 3.96 28.64 14.78
N ALA C 485 4.42 29.20 15.89
CA ALA C 485 5.20 30.43 15.90
C ALA C 485 6.65 30.09 15.87
N VAL C 486 7.41 30.85 15.08
CA VAL C 486 8.86 30.71 15.01
C VAL C 486 9.46 32.03 15.45
N LEU C 487 10.36 31.95 16.41
CA LEU C 487 10.96 33.11 17.08
C LEU C 487 12.48 33.00 16.99
N ASP C 488 13.15 34.14 16.91
CA ASP C 488 14.61 34.20 16.97
C ASP C 488 14.98 34.59 18.39
N THR C 489 15.93 33.87 18.99
CA THR C 489 16.35 34.17 20.37
C THR C 489 16.95 35.58 20.55
N LYS C 490 17.42 36.21 19.48
CA LYS C 490 17.88 37.60 19.56
C LYS C 490 16.75 38.56 19.91
N ASP C 491 15.51 38.23 19.57
CA ASP C 491 14.35 39.02 19.98
C ASP C 491 13.12 38.11 20.08
N LEU C 492 12.90 37.61 21.29
CA LEU C 492 11.86 36.64 21.54
C LEU C 492 10.46 37.22 21.42
N THR C 493 10.32 38.54 21.48
CA THR C 493 9.01 39.19 21.37
C THR C 493 8.43 39.22 19.99
N ASN C 494 9.24 38.98 18.95
CA ASN C 494 8.79 39.10 17.55
C ASN C 494 8.72 37.72 16.90
N GLU C 495 7.57 37.44 16.27
CA GLU C 495 7.39 36.26 15.48
C GLU C 495 8.06 36.49 14.16
N VAL C 496 9.08 35.70 13.85
CA VAL C 496 9.65 35.72 12.54
C VAL C 496 8.70 35.10 11.52
N ALA C 497 7.99 34.06 11.93
CA ALA C 497 6.99 33.44 11.06
C ALA C 497 5.84 32.95 11.92
N LEU C 498 4.65 32.88 11.32
CA LEU C 498 3.52 32.32 12.01
C LEU C 498 2.90 31.38 11.02
N ILE C 499 2.95 30.11 11.35
CA ILE C 499 2.43 29.07 10.46
C ILE C 499 0.99 28.81 10.88
N LYS C 500 0.06 28.94 9.95
CA LYS C 500 -1.37 28.99 10.27
C LYS C 500 -2.02 27.68 9.89
N LEU C 501 -2.32 26.85 10.88
CA LEU C 501 -3.04 25.60 10.63
C LEU C 501 -4.52 25.87 10.51
N PRO C 502 -5.21 25.15 9.63
CA PRO C 502 -6.67 25.36 9.47
C PRO C 502 -7.49 24.39 10.35
N VAL C 503 -6.81 23.64 11.19
CA VAL C 503 -7.42 22.71 12.11
C VAL C 503 -6.89 23.02 13.51
N ARG C 504 -7.54 22.43 14.53
CA ARG C 504 -7.03 22.50 15.89
C ARG C 504 -6.17 21.30 16.13
N LEU C 505 -5.02 21.57 16.75
CA LEU C 505 -4.27 20.61 17.48
C LEU C 505 -4.59 20.87 18.93
N ARG C 506 -5.29 19.90 19.50
CA ARG C 506 -5.66 19.93 20.89
C ARG C 506 -4.43 20.09 21.79
N PRO C 507 -4.56 20.82 22.89
CA PRO C 507 -3.44 20.96 23.80
C PRO C 507 -2.73 19.64 24.09
N GLY C 508 -1.40 19.70 24.05
CA GLY C 508 -0.56 18.55 24.08
C GLY C 508 0.48 18.60 25.15
N LEU C 509 1.38 17.63 25.11
CA LEU C 509 2.41 17.48 26.10
C LEU C 509 3.75 17.79 25.45
N HIS C 510 4.71 16.87 25.47
CA HIS C 510 6.08 17.24 25.14
C HIS C 510 6.39 17.07 23.65
N GLY C 511 7.49 17.71 23.26
CA GLY C 511 7.93 17.71 21.89
C GLY C 511 9.42 17.97 21.81
N ASN C 512 9.99 17.63 20.65
CA ASN C 512 11.43 17.66 20.43
C ASN C 512 11.75 18.02 18.98
N TRP C 513 12.90 18.68 18.83
CA TRP C 513 13.47 18.99 17.53
C TRP C 513 14.46 17.92 17.16
N VAL C 514 14.37 17.44 15.92
CA VAL C 514 15.36 16.54 15.36
C VAL C 514 15.96 17.27 14.15
N ASP C 515 17.18 17.75 14.33
CA ASP C 515 17.82 18.59 13.29
C ASP C 515 18.35 17.69 12.18
N LYS C 516 18.16 18.09 10.94
CA LYS C 516 18.62 17.32 9.80
C LYS C 516 20.17 17.13 9.78
N SER C 517 20.91 18.09 10.33
CA SER C 517 22.37 18.00 10.33
C SER C 517 22.95 17.13 11.47
N ASP C 518 22.11 16.61 12.36
CA ASP C 518 22.57 15.72 13.44
C ASP C 518 22.26 14.29 13.03
N VAL C 519 23.29 13.54 12.66
CA VAL C 519 23.04 12.23 12.08
C VAL C 519 22.30 11.30 13.08
N ASP C 520 22.69 11.33 14.37
CA ASP C 520 22.01 10.54 15.40
C ASP C 520 20.76 11.24 16.04
N GLY C 521 20.39 12.40 15.49
CA GLY C 521 19.18 13.09 15.88
C GLY C 521 19.32 14.04 17.04
N HIS C 522 20.47 14.06 17.69
CA HIS C 522 20.71 14.92 18.87
C HIS C 522 21.89 15.87 18.63
N PRO C 523 21.85 17.07 19.21
CA PRO C 523 22.89 18.06 18.88
C PRO C 523 24.27 17.74 19.50
N ALA C 524 25.31 18.28 18.88
CA ALA C 524 26.70 18.02 19.34
C ALA C 524 27.01 18.85 20.58
N PRO C 525 27.89 18.35 21.48
CA PRO C 525 28.19 19.11 22.69
C PRO C 525 28.90 20.40 22.38
N LEU C 526 28.70 21.37 23.29
CA LEU C 526 29.36 22.68 23.19
C LEU C 526 30.83 22.53 23.62
N LEU D 30 7.92 -0.37 -37.44
CA LEU D 30 8.92 -0.61 -36.34
C LEU D 30 9.56 -2.01 -36.55
N PRO D 31 10.85 -2.23 -36.10
CA PRO D 31 11.42 -3.61 -36.13
C PRO D 31 10.53 -4.58 -35.33
N PRO D 32 10.23 -5.78 -35.90
CA PRO D 32 9.15 -6.58 -35.30
C PRO D 32 9.51 -7.03 -33.85
N ALA D 33 8.50 -7.08 -32.99
CA ALA D 33 8.68 -7.44 -31.58
C ALA D 33 8.54 -8.96 -31.44
N PRO D 34 9.64 -9.70 -31.20
CA PRO D 34 9.44 -11.16 -31.01
C PRO D 34 8.58 -11.47 -29.73
N ARG D 35 7.85 -12.57 -29.76
CA ARG D 35 6.94 -13.00 -28.67
C ARG D 35 7.46 -14.11 -27.74
N TYR D 36 8.64 -14.63 -28.06
CA TYR D 36 9.40 -15.51 -27.15
C TYR D 36 10.88 -15.24 -27.31
N PHE D 37 11.66 -15.63 -26.31
CA PHE D 37 13.09 -15.36 -26.29
C PHE D 37 13.81 -16.34 -27.20
N GLN D 38 14.76 -15.83 -27.96
CA GLN D 38 15.60 -16.58 -28.91
C GLN D 38 17.02 -16.07 -28.80
N GLY D 39 17.98 -16.92 -29.13
CA GLY D 39 19.40 -16.56 -29.02
C GLY D 39 20.01 -17.16 -27.77
N GLU D 40 21.31 -17.36 -27.85
CA GLU D 40 22.09 -17.98 -26.79
C GLU D 40 22.03 -17.19 -25.44
N ASN D 41 21.93 -15.87 -25.50
CA ASN D 41 21.91 -15.04 -24.30
C ASN D 41 20.65 -15.16 -23.47
N THR D 42 19.62 -15.80 -24.00
CA THR D 42 18.40 -16.05 -23.28
C THR D 42 18.03 -17.53 -23.33
N ALA D 43 19.02 -18.43 -23.57
CA ALA D 43 18.74 -19.88 -23.57
C ALA D 43 19.20 -20.52 -22.26
N GLY D 44 18.66 -21.68 -21.96
CA GLY D 44 19.04 -22.47 -20.81
C GLY D 44 18.81 -21.74 -19.50
N PHE D 45 19.83 -21.75 -18.62
CA PHE D 45 19.75 -21.09 -17.36
C PHE D 45 19.61 -19.57 -17.55
N MET D 46 19.98 -19.05 -18.72
CA MET D 46 19.82 -17.62 -19.01
C MET D 46 18.43 -17.22 -19.47
N ARG D 47 17.52 -18.16 -19.65
CA ARG D 47 16.16 -17.83 -20.04
C ARG D 47 15.49 -16.96 -18.97
N PRO D 48 15.01 -15.75 -19.36
CA PRO D 48 14.38 -14.90 -18.35
C PRO D 48 13.17 -15.60 -17.72
N VAL D 49 13.00 -15.39 -16.42
CA VAL D 49 11.83 -15.90 -15.72
C VAL D 49 10.78 -14.77 -15.61
N ARG D 50 11.25 -13.63 -15.14
CA ARG D 50 10.51 -12.35 -15.19
C ARG D 50 9.39 -12.32 -14.15
N PHE D 51 9.62 -13.01 -13.03
CA PHE D 51 8.62 -13.04 -12.01
C PHE D 51 8.88 -11.92 -11.01
N GLU D 52 7.81 -11.36 -10.47
CA GLU D 52 7.87 -10.40 -9.36
C GLU D 52 6.88 -10.87 -8.32
N GLY D 53 7.24 -10.76 -7.07
CA GLY D 53 6.32 -11.05 -5.94
C GLY D 53 7.10 -11.65 -4.78
N ASP D 54 6.56 -12.66 -4.14
CA ASP D 54 7.09 -13.19 -2.85
C ASP D 54 7.10 -14.71 -2.85
N ILE D 55 8.11 -15.26 -2.21
CA ILE D 55 8.16 -16.67 -1.84
C ILE D 55 8.65 -16.63 -0.38
N THR D 56 7.76 -16.85 0.58
CA THR D 56 8.12 -16.79 2.00
C THR D 56 8.53 -18.18 2.48
N ASN D 57 9.26 -18.21 3.59
CA ASN D 57 9.60 -19.47 4.26
C ASN D 57 10.30 -20.40 3.31
N LEU D 58 11.42 -19.94 2.75
CA LEU D 58 12.15 -20.78 1.80
C LEU D 58 12.59 -22.07 2.49
N GLU D 59 12.62 -23.15 1.72
CA GLU D 59 13.13 -24.42 2.15
C GLU D 59 14.59 -24.29 2.50
N VAL D 60 14.99 -24.92 3.59
CA VAL D 60 16.36 -24.89 4.06
C VAL D 60 16.86 -26.27 4.42
N VAL D 61 18.02 -26.66 3.88
CA VAL D 61 18.77 -27.86 4.26
C VAL D 61 19.89 -27.38 5.16
N GLY D 62 20.08 -28.03 6.30
CA GLY D 62 20.99 -27.56 7.35
C GLY D 62 20.26 -26.55 8.23
N GLU D 63 21.00 -25.54 8.68
CA GLU D 63 20.48 -24.61 9.67
C GLU D 63 21.09 -23.22 9.48
N ILE D 64 20.23 -22.23 9.24
CA ILE D 64 20.69 -20.86 9.15
C ILE D 64 21.00 -20.41 10.57
N PRO D 65 22.23 -19.89 10.85
CA PRO D 65 22.52 -19.35 12.17
C PRO D 65 21.45 -18.37 12.62
N LYS D 66 20.91 -18.62 13.81
CA LYS D 66 19.72 -17.89 14.28
C LYS D 66 19.98 -16.42 14.61
N SER D 67 21.23 -16.08 14.83
CA SER D 67 21.59 -14.71 15.13
C SER D 67 21.73 -13.84 13.87
N ILE D 68 21.79 -14.41 12.68
CA ILE D 68 21.83 -13.59 11.45
C ILE D 68 20.51 -12.85 11.32
N GLU D 69 20.57 -11.53 11.22
CA GLU D 69 19.37 -10.73 11.02
C GLU D 69 19.65 -9.55 10.09
N GLY D 70 18.95 -9.51 8.95
CA GLY D 70 19.15 -8.49 7.94
C GLY D 70 18.65 -8.96 6.59
N THR D 71 19.08 -8.25 5.56
CA THR D 71 18.61 -8.53 4.20
C THR D 71 19.77 -8.53 3.20
N PHE D 72 19.78 -9.55 2.35
CA PHE D 72 20.69 -9.66 1.22
C PHE D 72 19.93 -9.16 0.02
N TYR D 73 20.36 -8.03 -0.54
CA TYR D 73 19.78 -7.52 -1.79
C TYR D 73 20.73 -7.83 -2.92
N ARG D 74 20.20 -8.28 -4.06
CA ARG D 74 21.02 -8.50 -5.26
C ARG D 74 20.21 -8.01 -6.46
N VAL D 75 20.91 -7.65 -7.54
CA VAL D 75 20.24 -7.25 -8.78
C VAL D 75 20.70 -8.13 -9.90
N MET D 76 19.79 -8.48 -10.80
CA MET D 76 20.13 -9.20 -12.01
C MET D 76 19.57 -8.47 -13.21
N PRO D 77 20.31 -8.47 -14.33
CA PRO D 77 19.68 -8.06 -15.59
C PRO D 77 18.74 -9.15 -15.99
N GLU D 78 17.53 -8.80 -16.35
CA GLU D 78 16.52 -9.79 -16.76
C GLU D 78 15.51 -9.18 -17.71
N PRO D 79 15.75 -9.31 -19.02
CA PRO D 79 14.88 -8.65 -19.97
C PRO D 79 13.40 -8.93 -19.73
N HIS D 80 12.59 -7.89 -19.56
CA HIS D 80 11.18 -8.09 -19.33
C HIS D 80 10.43 -8.46 -20.61
N LEU D 81 10.95 -8.03 -21.74
CA LEU D 81 10.36 -8.28 -23.08
C LEU D 81 11.47 -8.66 -24.05
N PRO D 82 11.18 -9.54 -25.01
CA PRO D 82 12.20 -9.87 -25.99
C PRO D 82 12.69 -8.61 -26.74
N SER D 83 14.00 -8.49 -26.83
CA SER D 83 14.63 -7.36 -27.47
C SER D 83 14.45 -7.43 -28.99
N PHE D 84 14.35 -6.27 -29.64
CA PHE D 84 14.44 -6.23 -31.12
C PHE D 84 15.89 -6.22 -31.63
N ILE D 85 16.86 -6.15 -30.73
CA ILE D 85 18.28 -6.20 -31.05
C ILE D 85 18.75 -7.66 -30.94
N PRO D 86 19.28 -8.24 -32.02
CA PRO D 86 19.80 -9.62 -31.87
C PRO D 86 21.02 -9.69 -30.95
N ASN D 87 21.10 -10.76 -30.17
CA ASN D 87 22.24 -10.96 -29.23
C ASN D 87 22.55 -9.75 -28.37
N ASP D 88 21.47 -9.14 -27.83
CA ASP D 88 21.59 -7.99 -26.94
C ASP D 88 22.41 -8.47 -25.74
N PRO D 89 23.48 -7.73 -25.37
CA PRO D 89 24.29 -8.21 -24.27
C PRO D 89 23.55 -8.29 -22.93
N TRP D 90 24.11 -9.14 -22.08
CA TRP D 90 23.59 -9.35 -20.73
C TRP D 90 23.47 -8.06 -19.95
N PHE D 91 24.47 -7.17 -20.07
CA PHE D 91 24.48 -5.86 -19.41
C PHE D 91 23.30 -4.94 -19.81
N ASN D 92 22.56 -5.26 -20.87
CA ASN D 92 21.49 -4.39 -21.29
C ASN D 92 20.09 -4.79 -20.76
N GLY D 93 20.00 -5.78 -19.89
CA GLY D 93 18.69 -6.27 -19.40
C GLY D 93 18.11 -5.49 -18.20
N ASP D 94 16.78 -5.40 -18.17
CA ASP D 94 16.06 -4.68 -17.09
C ASP D 94 16.46 -5.19 -15.72
N GLY D 95 16.77 -4.28 -14.81
CA GLY D 95 17.16 -4.64 -13.46
C GLY D 95 15.99 -5.19 -12.64
N ASN D 96 16.17 -6.42 -12.12
CA ASN D 96 15.18 -7.05 -11.19
C ASN D 96 15.87 -7.27 -9.83
N ILE D 97 15.28 -6.73 -8.76
CA ILE D 97 15.86 -6.74 -7.42
C ILE D 97 15.33 -7.94 -6.62
N SER D 98 16.24 -8.74 -6.05
CA SER D 98 15.86 -9.79 -5.05
C SER D 98 16.27 -9.31 -3.69
N GLY D 99 15.39 -9.47 -2.71
CA GLY D 99 15.74 -9.30 -1.29
C GLY D 99 15.49 -10.63 -0.55
N PHE D 100 16.50 -11.10 0.16
CA PHE D 100 16.38 -12.25 1.05
C PHE D 100 16.41 -11.71 2.47
N TYR D 101 15.28 -11.81 3.15
CA TYR D 101 15.07 -11.21 4.47
C TYR D 101 15.22 -12.34 5.51
N PHE D 102 16.25 -12.21 6.36
CA PHE D 102 16.61 -13.22 7.37
C PHE D 102 16.24 -12.79 8.78
N LYS D 103 15.59 -13.69 9.53
CA LYS D 103 15.37 -13.50 10.96
C LYS D 103 15.11 -14.85 11.65
N ASP D 104 15.79 -15.07 12.79
CA ASP D 104 15.58 -16.25 13.64
C ASP D 104 15.68 -17.55 12.88
N GLY D 105 16.58 -17.60 11.90
CA GLY D 105 16.82 -18.85 11.14
C GLY D 105 15.81 -19.12 10.02
N HIS D 106 14.91 -18.16 9.78
CA HIS D 106 13.94 -18.23 8.69
C HIS D 106 14.33 -17.18 7.63
N VAL D 107 13.95 -17.44 6.38
CA VAL D 107 14.24 -16.51 5.29
C VAL D 107 13.09 -16.47 4.28
N ASP D 108 12.76 -15.26 3.85
CA ASP D 108 11.75 -14.97 2.84
C ASP D 108 12.39 -14.25 1.64
N LEU D 109 11.86 -14.50 0.45
CA LEU D 109 12.28 -13.83 -0.78
C LEU D 109 11.21 -12.83 -1.20
N LYS D 110 11.64 -11.61 -1.50
CA LYS D 110 10.81 -10.68 -2.23
C LYS D 110 11.54 -10.28 -3.52
N GLN D 111 10.82 -10.17 -4.62
CA GLN D 111 11.42 -9.85 -5.89
CA GLN D 111 11.42 -9.82 -5.89
C GLN D 111 10.60 -8.84 -6.68
N ARG D 112 11.28 -7.84 -7.25
CA ARG D 112 10.56 -6.81 -8.03
C ARG D 112 11.48 -6.05 -8.99
N TYR D 113 11.00 -5.84 -10.20
CA TYR D 113 11.66 -4.98 -11.20
C TYR D 113 11.72 -3.52 -10.78
N VAL D 114 12.84 -2.86 -11.07
CA VAL D 114 12.94 -1.42 -10.89
C VAL D 114 12.03 -0.78 -11.94
N ARG D 115 11.22 0.20 -11.52
CA ARG D 115 10.31 0.88 -12.44
C ARG D 115 11.06 2.03 -13.13
N THR D 116 12.01 1.67 -13.97
CA THR D 116 12.72 2.63 -14.76
C THR D 116 11.79 3.21 -15.84
N GLU D 117 12.20 4.31 -16.46
CA GLU D 117 11.44 4.84 -17.59
C GLU D 117 11.30 3.80 -18.68
N LYS D 118 12.40 3.11 -18.98
CA LYS D 118 12.39 2.02 -19.95
C LYS D 118 11.35 0.95 -19.56
N PHE D 119 11.44 0.47 -18.31
CA PHE D 119 10.54 -0.62 -17.91
C PHE D 119 9.06 -0.21 -18.07
N VAL D 120 8.75 0.98 -17.58
CA VAL D 120 7.38 1.47 -17.58
C VAL D 120 6.84 1.71 -18.97
N ARG D 121 7.62 2.41 -19.82
CA ARG D 121 7.15 2.64 -21.20
C ARG D 121 7.04 1.37 -22.01
N GLU D 122 7.98 0.46 -21.84
CA GLU D 122 7.88 -0.83 -22.55
C GLU D 122 6.72 -1.72 -22.05
N ALA D 123 6.47 -1.70 -20.74
CA ALA D 123 5.33 -2.44 -20.17
C ALA D 123 4.00 -1.89 -20.72
N GLU D 124 3.91 -0.56 -20.83
CA GLU D 124 2.72 0.07 -21.41
C GLU D 124 2.54 -0.34 -22.86
N ALA D 125 3.63 -0.37 -23.63
CA ALA D 125 3.54 -0.71 -25.05
C ALA D 125 3.49 -2.20 -25.32
N ARG D 126 3.83 -3.00 -24.32
CA ARG D 126 3.96 -4.46 -24.46
C ARG D 126 4.95 -4.85 -25.56
N ARG D 127 6.03 -4.08 -25.67
CA ARG D 127 7.11 -4.43 -26.59
C ARG D 127 8.37 -3.66 -26.27
N SER D 128 9.51 -4.18 -26.70
CA SER D 128 10.80 -3.47 -26.52
C SER D 128 10.84 -2.17 -27.37
N LEU D 129 11.40 -1.14 -26.79
CA LEU D 129 11.50 0.20 -27.39
C LEU D 129 12.94 0.74 -27.31
N LEU D 130 13.66 0.46 -26.22
CA LEU D 130 15.05 0.81 -26.09
C LEU D 130 15.89 -0.12 -26.91
N GLY D 131 16.89 0.42 -27.59
CA GLY D 131 17.68 -0.36 -28.56
C GLY D 131 19.00 -0.87 -28.04
N LYS D 132 20.08 -0.60 -28.77
CA LYS D 132 21.40 -1.10 -28.39
C LYS D 132 21.89 -0.49 -27.10
N TYR D 133 22.74 -1.26 -26.43
CA TYR D 133 23.42 -0.86 -25.22
C TYR D 133 24.04 0.51 -25.37
N ARG D 134 23.59 1.45 -24.52
CA ARG D 134 24.12 2.80 -24.47
C ARG D 134 24.17 3.54 -25.82
N ASN D 135 23.22 3.24 -26.70
CA ASN D 135 23.11 3.99 -27.95
C ASN D 135 21.70 4.49 -28.20
N ARG D 136 21.43 5.71 -27.76
CA ARG D 136 20.09 6.33 -27.90
C ARG D 136 19.66 6.53 -29.34
N TYR D 137 20.61 6.51 -30.27
CA TYR D 137 20.29 6.71 -31.71
C TYR D 137 19.63 5.49 -32.27
N THR D 138 19.59 4.37 -31.54
CA THR D 138 18.87 3.18 -31.98
C THR D 138 17.51 2.96 -31.28
N ASP D 139 17.12 3.86 -30.37
CA ASP D 139 15.85 3.71 -29.64
C ASP D 139 14.66 3.99 -30.55
N LEU D 140 13.55 3.33 -30.34
CA LEU D 140 12.36 3.56 -31.12
C LEU D 140 11.55 4.73 -30.61
N VAL D 141 11.83 5.20 -29.41
CA VAL D 141 11.22 6.42 -28.89
C VAL D 141 12.31 7.15 -28.18
N GLU D 142 12.05 8.40 -27.88
CA GLU D 142 12.99 9.21 -27.18
C GLU D 142 12.86 9.04 -25.67
N PHE D 143 13.92 8.54 -25.04
CA PHE D 143 13.99 8.39 -23.59
C PHE D 143 14.69 9.55 -22.95
N LYS D 144 14.16 10.01 -21.84
CA LYS D 144 14.85 10.93 -20.97
C LYS D 144 15.93 10.23 -20.18
N ILE D 145 15.60 9.09 -19.58
CA ILE D 145 16.57 8.29 -18.80
C ILE D 145 16.58 6.89 -19.41
N ARG D 146 17.77 6.38 -19.70
CA ARG D 146 17.90 5.05 -20.35
C ARG D 146 18.29 3.92 -19.41
N SER D 147 18.37 4.21 -18.12
CA SER D 147 18.82 3.25 -17.14
C SER D 147 18.00 1.96 -17.18
N THR D 148 18.68 0.85 -17.08
CA THR D 148 18.07 -0.42 -16.72
C THR D 148 18.25 -0.70 -15.20
N ALA D 149 19.01 0.15 -14.50
CA ALA D 149 19.21 0.03 -13.04
C ALA D 149 19.55 -1.40 -12.63
N ASN D 150 20.50 -2.00 -13.35
CA ASN D 150 20.68 -3.46 -13.31
C ASN D 150 22.02 -3.89 -12.75
N THR D 151 22.81 -2.97 -12.20
CA THR D 151 24.21 -3.29 -11.88
C THR D 151 24.55 -3.44 -10.42
N ASN D 152 24.08 -2.55 -9.56
CA ASN D 152 24.28 -2.69 -8.15
C ASN D 152 23.03 -2.17 -7.41
N ILE D 153 22.91 -2.53 -6.16
CA ILE D 153 21.79 -2.16 -5.31
C ILE D 153 22.36 -1.90 -3.93
N VAL D 154 22.39 -0.64 -3.52
CA VAL D 154 23.03 -0.27 -2.27
C VAL D 154 22.03 0.42 -1.36
N TYR D 155 22.41 0.51 -0.09
CA TYR D 155 21.57 1.14 0.94
C TYR D 155 22.14 2.52 1.25
N TRP D 156 21.29 3.55 1.22
CA TRP D 156 21.70 4.87 1.64
C TRP D 156 20.56 5.65 2.25
N ARG D 157 20.75 6.03 3.51
CA ARG D 157 19.81 6.91 4.25
C ARG D 157 18.37 6.47 4.10
N GLY D 158 18.14 5.20 4.41
CA GLY D 158 16.79 4.64 4.48
C GLY D 158 16.15 4.24 3.16
N GLN D 159 16.88 4.33 2.04
CA GLN D 159 16.38 3.87 0.74
C GLN D 159 17.38 2.92 0.12
N LEU D 160 16.91 2.15 -0.86
CA LEU D 160 17.83 1.42 -1.74
C LEU D 160 18.09 2.32 -2.95
N LEU D 161 19.31 2.23 -3.49
CA LEU D 161 19.63 2.93 -4.73
C LEU D 161 20.04 1.86 -5.73
N ALA D 162 19.29 1.78 -6.82
CA ALA D 162 19.54 0.83 -7.87
C ALA D 162 20.33 1.56 -8.94
N LEU D 163 21.52 1.02 -9.25
CA LEU D 163 22.57 1.80 -9.90
C LEU D 163 22.84 1.29 -11.31
N LYS D 164 23.12 2.21 -12.21
CA LYS D 164 23.52 1.90 -13.57
C LYS D 164 24.38 3.12 -14.02
N GLU D 165 25.60 2.85 -14.47
CA GLU D 165 26.63 3.88 -14.65
C GLU D 165 26.37 4.94 -15.71
N ASP D 166 25.34 4.78 -16.54
CA ASP D 166 24.97 5.78 -17.55
C ASP D 166 23.88 6.73 -17.07
N SER D 167 23.53 6.67 -15.79
CA SER D 167 22.31 7.32 -15.29
C SER D 167 22.42 7.67 -13.81
N PRO D 168 21.49 8.51 -13.31
CA PRO D 168 21.36 8.64 -11.89
C PRO D 168 20.80 7.34 -11.29
N PRO D 169 20.88 7.20 -9.97
CA PRO D 169 20.25 6.07 -9.34
C PRO D 169 18.71 6.13 -9.38
N TYR D 170 18.06 4.98 -9.21
CA TYR D 170 16.62 4.88 -8.90
C TYR D 170 16.48 4.48 -7.42
N ALA D 171 15.71 5.28 -6.68
CA ALA D 171 15.50 5.07 -5.27
C ALA D 171 14.31 4.09 -5.10
N MET D 172 14.46 3.19 -4.14
CA MET D 172 13.48 2.16 -3.85
C MET D 172 13.30 1.98 -2.32
N ASP D 173 12.13 1.43 -1.97
CA ASP D 173 11.82 1.10 -0.58
C ASP D 173 12.48 -0.24 -0.19
N PRO D 174 13.29 -0.25 0.89
CA PRO D 174 13.96 -1.51 1.30
C PRO D 174 13.00 -2.66 1.71
N GLU D 175 11.82 -2.30 2.19
CA GLU D 175 10.84 -3.25 2.71
C GLU D 175 9.96 -3.85 1.61
N THR D 176 9.43 -3.01 0.73
CA THR D 176 8.47 -3.45 -0.29
C THR D 176 9.07 -3.52 -1.68
N LEU D 177 10.26 -2.96 -1.89
CA LEU D 177 10.88 -2.88 -3.22
C LEU D 177 10.11 -2.01 -4.22
N GLU D 178 9.21 -1.16 -3.70
CA GLU D 178 8.50 -0.20 -4.54
C GLU D 178 9.61 0.77 -5.07
N THR D 179 9.45 1.22 -6.30
CA THR D 179 10.35 2.23 -6.86
C THR D 179 9.75 3.62 -6.62
N PHE D 180 10.51 4.51 -5.97
CA PHE D 180 10.09 5.88 -5.78
C PHE D 180 10.34 6.70 -7.04
N GLY D 181 11.44 6.46 -7.74
CA GLY D 181 11.74 7.17 -8.99
C GLY D 181 13.21 7.49 -9.08
N VAL D 182 13.60 8.12 -10.19
N VAL D 182 13.61 8.08 -10.21
CA VAL D 182 14.97 8.52 -10.39
CA VAL D 182 14.94 8.66 -10.40
C VAL D 182 15.35 9.49 -9.27
C VAL D 182 15.34 9.53 -9.22
N TYR D 183 16.54 9.32 -8.70
CA TYR D 183 16.94 10.02 -7.48
C TYR D 183 18.04 11.05 -7.75
N ASP D 184 17.83 12.30 -7.31
CA ASP D 184 18.84 13.36 -7.50
C ASP D 184 19.37 14.00 -6.21
N PHE D 185 19.26 13.31 -5.10
CA PHE D 185 19.84 13.76 -3.84
C PHE D 185 19.34 15.15 -3.41
N ASP D 186 18.03 15.30 -3.41
CA ASP D 186 17.38 16.57 -3.09
C ASP D 186 17.82 17.71 -4.03
N GLY D 187 17.99 17.42 -5.30
CA GLY D 187 18.45 18.42 -6.29
C GLY D 187 19.94 18.71 -6.27
N GLN D 188 20.73 17.98 -5.48
CA GLN D 188 22.16 18.20 -5.38
C GLN D 188 23.04 17.42 -6.36
N LEU D 189 22.50 16.40 -7.02
CA LEU D 189 23.30 15.57 -7.90
C LEU D 189 23.89 16.44 -9.02
N PRO D 190 25.22 16.56 -9.09
CA PRO D 190 25.79 17.50 -10.10
C PRO D 190 26.10 16.86 -11.47
N SER D 191 25.92 15.55 -11.60
CA SER D 191 26.35 14.78 -12.74
C SER D 191 25.15 14.11 -13.42
N LEU D 192 25.24 13.88 -14.72
CA LEU D 192 24.27 13.04 -15.41
C LEU D 192 24.40 11.54 -15.03
N THR D 193 25.55 11.15 -14.44
CA THR D 193 25.87 9.75 -14.30
C THR D 193 26.33 9.48 -12.88
N PHE D 194 25.93 8.31 -12.37
CA PHE D 194 26.30 7.91 -11.03
C PHE D 194 26.86 6.50 -11.13
N THR D 195 28.10 6.31 -10.71
CA THR D 195 28.78 5.00 -10.77
C THR D 195 27.97 3.88 -10.08
N ALA D 196 28.14 2.66 -10.58
CA ALA D 196 27.60 1.50 -9.89
C ALA D 196 28.43 1.06 -8.68
N HIS D 197 29.60 1.69 -8.46
CA HIS D 197 30.48 1.32 -7.38
C HIS D 197 30.86 2.46 -6.46
N PRO D 198 29.86 3.12 -5.82
CA PRO D 198 30.21 4.08 -4.79
C PRO D 198 30.88 3.36 -3.62
N LYS D 199 31.68 4.05 -2.82
CA LYS D 199 32.31 3.46 -1.64
C LYS D 199 31.77 4.12 -0.39
N PHE D 200 31.64 3.34 0.67
CA PHE D 200 31.15 3.83 1.96
C PHE D 200 32.29 3.85 2.95
N ASP D 201 32.66 5.04 3.38
CA ASP D 201 33.75 5.20 4.33
C ASP D 201 33.23 4.81 5.71
N PRO D 202 33.80 3.75 6.30
CA PRO D 202 33.30 3.31 7.60
C PRO D 202 33.57 4.24 8.77
N VAL D 203 34.55 5.14 8.67
CA VAL D 203 34.83 6.10 9.76
C VAL D 203 34.02 7.39 9.60
N THR D 204 34.02 8.00 8.43
CA THR D 204 33.33 9.26 8.24
C THR D 204 31.85 9.09 7.90
N ARG D 205 31.46 7.87 7.50
CA ARG D 205 30.09 7.55 7.04
C ARG D 205 29.69 8.28 5.77
N GLU D 206 30.67 8.77 4.99
CA GLU D 206 30.40 9.37 3.70
C GLU D 206 30.15 8.32 2.63
N MET D 207 29.33 8.66 1.65
CA MET D 207 29.25 7.90 0.40
C MET D 207 30.07 8.66 -0.63
N VAL D 208 31.09 8.00 -1.17
CA VAL D 208 32.04 8.62 -2.11
C VAL D 208 31.71 8.06 -3.49
N CYS D 209 31.47 8.97 -4.44
CA CYS D 209 30.92 8.67 -5.72
C CYS D 209 31.65 9.35 -6.87
N PHE D 210 31.30 8.94 -8.07
CA PHE D 210 31.63 9.67 -9.26
C PHE D 210 30.72 9.29 -10.39
N GLY D 211 30.86 10.01 -11.47
CA GLY D 211 30.26 9.61 -12.75
C GLY D 211 31.23 9.93 -13.90
N TYR D 212 31.37 9.07 -14.91
CA TYR D 212 32.15 9.37 -16.11
C TYR D 212 31.13 9.59 -17.23
N GLU D 213 31.61 10.08 -18.38
CA GLU D 213 30.72 10.65 -19.42
C GLU D 213 29.66 11.56 -18.76
N ALA D 214 30.13 12.34 -17.82
CA ALA D 214 29.28 13.06 -16.89
C ALA D 214 28.54 14.23 -17.49
N LYS D 215 28.91 14.65 -18.71
CA LYS D 215 28.18 15.65 -19.46
C LYS D 215 27.51 15.12 -20.71
N GLY D 216 27.39 13.81 -20.85
CA GLY D 216 26.71 13.25 -21.99
C GLY D 216 27.58 12.27 -22.74
N ASP D 217 26.97 11.65 -23.74
CA ASP D 217 27.60 10.65 -24.58
C ASP D 217 28.95 11.14 -25.13
N GLY D 218 29.98 10.33 -24.92
CA GLY D 218 31.29 10.61 -25.46
C GLY D 218 32.09 11.67 -24.75
N THR D 219 31.56 12.30 -23.70
CA THR D 219 32.32 13.31 -23.00
C THR D 219 33.41 12.71 -22.13
N ARG D 220 34.53 13.41 -22.00
CA ARG D 220 35.65 13.01 -21.18
C ARG D 220 35.54 13.57 -19.76
N ASP D 221 34.42 14.22 -19.46
CA ASP D 221 34.18 14.76 -18.14
C ASP D 221 33.88 13.65 -17.12
N ILE D 222 34.63 13.67 -16.04
CA ILE D 222 34.39 12.88 -14.85
C ILE D 222 34.01 13.85 -13.75
N CYS D 223 32.90 13.60 -13.06
CA CYS D 223 32.52 14.37 -11.89
C CYS D 223 32.72 13.49 -10.66
N TYR D 224 33.63 13.92 -9.78
CA TYR D 224 33.91 13.27 -8.50
C TYR D 224 33.08 14.02 -7.46
N TYR D 225 32.29 13.27 -6.68
CA TYR D 225 31.46 13.90 -5.67
C TYR D 225 31.15 12.97 -4.53
N SER D 226 30.82 13.55 -3.38
CA SER D 226 30.61 12.80 -2.17
C SER D 226 29.43 13.37 -1.37
N PHE D 227 28.83 12.52 -0.52
CA PHE D 227 27.76 12.96 0.37
C PHE D 227 28.10 12.59 1.79
N GLY D 228 27.86 13.51 2.71
CA GLY D 228 28.05 13.22 4.13
C GLY D 228 26.86 12.39 4.63
N PRO D 229 27.00 11.80 5.83
CA PRO D 229 25.94 10.96 6.39
C PRO D 229 24.58 11.68 6.61
N ASP D 230 24.60 13.00 6.72
CA ASP D 230 23.37 13.80 6.75
C ASP D 230 22.73 14.05 5.40
N GLY D 231 23.33 13.54 4.31
CA GLY D 231 22.76 13.71 2.98
C GLY D 231 23.24 14.91 2.18
N LYS D 232 24.02 15.80 2.79
CA LYS D 232 24.51 17.01 2.10
C LYS D 232 25.71 16.65 1.26
N ILE D 233 25.74 17.21 0.05
CA ILE D 233 26.90 17.06 -0.83
C ILE D 233 28.14 17.70 -0.16
N ALA D 234 29.28 17.04 -0.24
CA ALA D 234 30.56 17.54 0.30
C ALA D 234 31.47 17.92 -0.87
N GLU D 235 32.16 16.95 -1.47
CA GLU D 235 33.01 17.22 -2.62
C GLU D 235 32.21 17.35 -3.90
N THR D 236 32.72 18.17 -4.79
CA THR D 236 32.31 18.14 -6.19
C THR D 236 33.49 18.69 -7.01
N VAL D 237 34.18 17.80 -7.76
CA VAL D 237 35.32 18.19 -8.57
C VAL D 237 35.11 17.67 -9.98
N TRP D 238 35.25 18.56 -10.97
CA TRP D 238 35.16 18.19 -12.38
C TRP D 238 36.57 17.96 -12.92
N LEU D 239 36.81 16.80 -13.54
CA LEU D 239 38.09 16.51 -14.13
C LEU D 239 37.89 15.92 -15.51
N VAL D 240 39.03 15.74 -16.21
CA VAL D 240 39.02 15.36 -17.63
C VAL D 240 39.88 14.11 -17.76
N SER D 241 39.26 13.10 -18.34
CA SER D 241 39.87 11.84 -18.65
C SER D 241 40.75 12.03 -19.90
N PRO D 242 41.91 11.36 -20.02
CA PRO D 242 42.70 11.53 -21.26
C PRO D 242 42.06 10.95 -22.52
N VAL D 243 41.16 9.97 -22.35
CA VAL D 243 40.33 9.45 -23.44
C VAL D 243 38.92 9.24 -22.87
N CYS D 244 37.91 9.13 -23.71
CA CYS D 244 36.57 8.78 -23.25
C CYS D 244 36.52 7.27 -23.09
N GLY D 245 37.04 6.81 -21.96
CA GLY D 245 37.14 5.40 -21.66
C GLY D 245 36.21 4.99 -20.52
N MET D 246 35.92 3.69 -20.47
CA MET D 246 35.01 3.16 -19.45
C MET D 246 35.65 3.11 -18.09
N ILE D 247 35.06 3.80 -17.12
CA ILE D 247 35.56 3.78 -15.74
C ILE D 247 34.46 3.10 -14.91
N HIS D 248 34.53 1.79 -14.87
CA HIS D 248 33.47 0.98 -14.26
C HIS D 248 33.53 1.02 -12.72
N ASP D 249 34.75 1.00 -12.17
CA ASP D 249 34.95 0.93 -10.74
C ASP D 249 35.96 2.01 -10.37
N PHE D 250 36.10 2.29 -9.09
CA PHE D 250 37.10 3.23 -8.62
C PHE D 250 37.48 2.86 -7.22
N ALA D 251 38.46 3.55 -6.67
CA ALA D 251 38.98 3.21 -5.37
C ALA D 251 39.12 4.46 -4.56
N VAL D 252 39.00 4.30 -3.24
CA VAL D 252 39.02 5.43 -2.29
C VAL D 252 39.92 5.06 -1.14
N THR D 253 40.85 5.96 -0.79
CA THR D 253 41.71 5.77 0.37
C THR D 253 41.46 6.93 1.29
N GLU D 254 42.20 7.01 2.40
CA GLU D 254 42.02 8.10 3.34
C GLU D 254 42.12 9.48 2.70
N ASN D 255 43.12 9.66 1.82
CA ASN D 255 43.44 10.96 1.23
C ASN D 255 43.35 11.04 -0.29
N PHE D 256 43.01 9.95 -0.97
CA PHE D 256 42.94 9.95 -2.43
C PHE D 256 41.73 9.21 -2.97
N VAL D 257 41.31 9.60 -4.17
N VAL D 257 41.40 9.54 -4.20
CA VAL D 257 40.43 8.80 -5.01
CA VAL D 257 40.45 8.83 -5.01
C VAL D 257 41.15 8.44 -6.31
C VAL D 257 41.14 8.45 -6.32
N ILE D 258 40.85 7.24 -6.81
CA ILE D 258 41.63 6.60 -7.87
C ILE D 258 40.68 6.07 -8.95
N PHE D 259 40.92 6.46 -10.20
CA PHE D 259 40.07 6.11 -11.35
C PHE D 259 40.82 5.25 -12.39
N PRO D 260 40.65 3.92 -12.35
CA PRO D 260 41.25 3.07 -13.39
C PRO D 260 40.36 3.00 -14.64
N ILE D 261 40.95 3.26 -15.80
CA ILE D 261 40.20 3.31 -17.07
C ILE D 261 40.42 2.06 -17.88
N ILE D 262 39.31 1.39 -18.21
CA ILE D 262 39.32 0.27 -19.11
C ILE D 262 39.57 0.84 -20.51
N PRO D 263 40.46 0.22 -21.32
CA PRO D 263 40.70 0.72 -22.69
C PRO D 263 39.59 0.48 -23.70
N LEU D 264 38.33 0.57 -23.26
CA LEU D 264 37.20 0.66 -24.17
C LEU D 264 36.95 2.13 -24.35
N VAL D 265 36.80 2.59 -25.59
CA VAL D 265 36.70 4.00 -25.88
C VAL D 265 35.42 4.28 -26.68
N CYS D 266 34.81 5.43 -26.39
CA CYS D 266 33.55 5.86 -26.99
C CYS D 266 33.78 6.97 -28.04
N ASP D 267 33.18 6.78 -29.20
CA ASP D 267 33.11 7.78 -30.27
C ASP D 267 31.62 8.00 -30.61
N VAL D 268 31.13 9.18 -30.30
CA VAL D 268 29.72 9.48 -30.49
C VAL D 268 29.30 9.46 -31.96
N GLU D 269 30.24 9.75 -32.85
CA GLU D 269 29.95 9.72 -34.28
C GLU D 269 29.70 8.32 -34.76
N ARG D 270 30.45 7.38 -34.25
CA ARG D 270 30.22 5.95 -34.51
C ARG D 270 28.80 5.58 -34.04
N MET D 271 28.45 6.02 -32.82
CA MET D 271 27.10 5.73 -32.28
C MET D 271 26.00 6.30 -33.16
N LYS D 272 26.17 7.51 -33.68
CA LYS D 272 25.15 8.13 -34.57
C LYS D 272 24.89 7.34 -35.82
N GLN D 273 25.87 6.59 -36.29
CA GLN D 273 25.64 5.66 -37.40
C GLN D 273 25.12 4.30 -37.00
N GLY D 274 24.74 4.07 -35.74
CA GLY D 274 24.26 2.73 -35.30
C GLY D 274 25.31 1.82 -34.71
N GLY D 275 26.54 2.31 -34.53
CA GLY D 275 27.64 1.51 -34.00
C GLY D 275 27.66 1.37 -32.50
N ASP D 276 28.64 0.61 -32.00
CA ASP D 276 28.76 0.33 -30.58
C ASP D 276 29.23 1.52 -29.79
N HIS D 277 28.74 1.64 -28.56
CA HIS D 277 29.21 2.67 -27.67
C HIS D 277 30.70 2.46 -27.37
N TRP D 278 31.10 1.21 -27.15
CA TRP D 278 32.47 0.93 -26.75
C TRP D 278 33.24 0.15 -27.82
N GLN D 279 34.53 0.49 -27.97
CA GLN D 279 35.46 -0.16 -28.91
C GLN D 279 36.82 -0.22 -28.25
N TRP D 280 37.42 -1.40 -28.20
CA TRP D 280 38.73 -1.58 -27.60
C TRP D 280 39.81 -0.78 -28.38
N ASP D 281 40.79 -0.27 -27.66
CA ASP D 281 41.92 0.42 -28.26
C ASP D 281 43.18 -0.21 -27.71
N TYR D 282 43.85 -1.00 -28.55
CA TYR D 282 45.14 -1.67 -28.17
C TYR D 282 46.33 -0.72 -27.98
N SER D 283 46.21 0.54 -28.38
CA SER D 283 47.35 1.46 -28.40
C SER D 283 47.52 2.29 -27.14
N ILE D 284 46.62 2.14 -26.15
CA ILE D 284 46.68 2.98 -24.95
C ILE D 284 47.03 2.18 -23.73
N PRO D 285 47.59 2.84 -22.72
CA PRO D 285 47.77 2.18 -21.46
C PRO D 285 46.43 1.94 -20.72
N MET D 286 46.50 1.25 -19.60
CA MET D 286 45.40 1.30 -18.64
C MET D 286 45.68 2.51 -17.76
N TYR D 287 45.03 3.62 -18.06
CA TYR D 287 45.24 4.81 -17.26
C TYR D 287 44.73 4.60 -15.82
N ILE D 288 45.42 5.19 -14.84
CA ILE D 288 44.98 5.21 -13.45
C ILE D 288 45.13 6.61 -12.91
N GLY D 289 44.01 7.33 -12.80
CA GLY D 289 44.01 8.69 -12.29
C GLY D 289 44.05 8.69 -10.78
N VAL D 290 44.85 9.58 -10.19
CA VAL D 290 44.84 9.78 -8.76
C VAL D 290 44.56 11.25 -8.50
N LEU D 291 43.57 11.52 -7.65
CA LEU D 291 43.18 12.85 -7.26
C LEU D 291 43.16 12.95 -5.74
N PRO D 292 43.57 14.11 -5.17
CA PRO D 292 43.36 14.25 -3.73
C PRO D 292 41.87 14.22 -3.38
N ARG D 293 41.58 13.55 -2.27
CA ARG D 293 40.18 13.24 -1.89
C ARG D 293 39.39 14.50 -1.50
N ARG D 294 40.07 15.45 -0.85
CA ARG D 294 39.44 16.67 -0.35
C ARG D 294 40.10 17.95 -0.85
N GLY D 295 39.29 18.90 -1.28
CA GLY D 295 39.76 20.23 -1.61
C GLY D 295 40.44 20.39 -2.96
N ALA D 296 40.45 19.36 -3.81
CA ALA D 296 41.23 19.43 -5.04
C ALA D 296 40.51 20.22 -6.10
N GLN D 297 41.26 20.58 -7.14
CA GLN D 297 40.73 21.06 -8.42
C GLN D 297 40.96 19.98 -9.46
N GLY D 298 40.25 20.10 -10.57
CA GLY D 298 40.37 19.16 -11.68
C GLY D 298 41.79 18.90 -12.17
N SER D 299 42.59 19.95 -12.23
CA SER D 299 43.98 19.89 -12.72
C SER D 299 44.94 19.20 -11.74
N ASP D 300 44.51 18.94 -10.51
CA ASP D 300 45.31 18.15 -9.55
C ASP D 300 45.39 16.64 -9.86
N VAL D 301 44.55 16.14 -10.77
CA VAL D 301 44.59 14.72 -11.08
C VAL D 301 45.90 14.39 -11.81
N LYS D 302 46.52 13.28 -11.46
CA LYS D 302 47.67 12.72 -12.19
C LYS D 302 47.24 11.42 -12.87
N TRP D 303 47.41 11.34 -14.18
CA TRP D 303 47.04 10.18 -14.97
C TRP D 303 48.24 9.24 -15.15
N PHE D 304 48.43 8.36 -14.17
CA PHE D 304 49.43 7.30 -14.25
C PHE D 304 49.06 6.32 -15.34
N GLU D 305 50.06 5.58 -15.82
CA GLU D 305 49.92 4.76 -17.02
C GLU D 305 50.35 3.36 -16.69
N ALA D 306 49.40 2.50 -16.39
CA ALA D 306 49.71 1.10 -16.13
C ALA D 306 49.85 0.38 -17.44
N PRO D 307 50.54 -0.76 -17.46
CA PRO D 307 50.62 -1.53 -18.69
C PRO D 307 49.22 -1.88 -19.23
N HIS D 308 49.11 -1.87 -20.53
CA HIS D 308 47.87 -2.13 -21.19
C HIS D 308 47.16 -3.35 -20.64
N GLY D 309 45.89 -3.14 -20.30
CA GLY D 309 45.10 -4.23 -19.78
C GLY D 309 43.72 -3.79 -19.40
N PHE D 310 42.98 -4.73 -18.83
CA PHE D 310 41.59 -4.51 -18.47
C PHE D 310 41.48 -4.23 -16.98
N ALA D 311 40.92 -3.07 -16.64
CA ALA D 311 40.66 -2.69 -15.24
C ALA D 311 39.41 -3.41 -14.72
N GLY D 312 39.60 -4.48 -13.97
CA GLY D 312 38.50 -5.20 -13.33
C GLY D 312 38.06 -4.54 -12.04
N HIS D 313 37.22 -5.24 -11.29
CA HIS D 313 36.70 -4.72 -10.03
C HIS D 313 37.78 -4.52 -8.97
N VAL D 314 37.63 -3.46 -8.22
CA VAL D 314 38.50 -3.13 -7.12
C VAL D 314 38.09 -3.91 -5.86
N ALA D 315 39.05 -4.56 -5.21
CA ALA D 315 38.81 -5.14 -3.89
C ALA D 315 38.74 -4.01 -2.89
N ASN D 316 39.82 -3.25 -2.80
CA ASN D 316 39.94 -2.15 -1.88
C ASN D 316 41.27 -1.44 -2.18
N ALA D 317 41.38 -0.19 -1.76
CA ALA D 317 42.68 0.49 -1.77
C ALA D 317 42.93 1.14 -0.42
N PHE D 318 44.21 1.35 -0.10
CA PHE D 318 44.62 1.99 1.14
C PHE D 318 46.00 2.62 1.00
N GLU D 319 46.28 3.58 1.86
CA GLU D 319 47.64 4.16 1.97
C GLU D 319 48.46 3.38 3.02
N ASP D 320 49.68 2.98 2.64
CA ASP D 320 50.61 2.32 3.56
C ASP D 320 51.35 3.36 4.44
N ASP D 321 52.32 2.90 5.24
CA ASP D 321 53.14 3.80 6.11
C ASP D 321 53.78 4.97 5.38
N LYS D 322 54.25 4.74 4.16
CA LYS D 322 54.85 5.80 3.32
C LYS D 322 53.89 6.78 2.64
N GLY D 323 52.58 6.57 2.80
CA GLY D 323 51.59 7.37 2.04
C GLY D 323 51.39 6.94 0.59
N HIS D 324 51.96 5.80 0.20
CA HIS D 324 51.79 5.24 -1.14
C HIS D 324 50.49 4.44 -1.20
N ILE D 325 49.79 4.52 -2.34
CA ILE D 325 48.52 3.83 -2.52
C ILE D 325 48.78 2.38 -2.90
N GLN D 326 48.23 1.44 -2.13
CA GLN D 326 48.17 0.04 -2.52
C GLN D 326 46.76 -0.21 -3.09
N LEU D 327 46.66 -0.47 -4.40
CA LEU D 327 45.38 -0.61 -5.10
C LEU D 327 45.26 -2.07 -5.51
N GLN D 328 44.31 -2.79 -4.91
CA GLN D 328 44.15 -4.21 -5.19
C GLN D 328 42.88 -4.44 -5.96
N MET D 329 43.03 -5.07 -7.13
CA MET D 329 41.97 -5.14 -8.13
C MET D 329 42.22 -6.29 -9.08
N ALA D 330 41.14 -6.76 -9.70
CA ALA D 330 41.23 -7.72 -10.75
C ALA D 330 41.78 -6.99 -11.99
N TYR D 331 42.65 -7.69 -12.72
CA TYR D 331 43.41 -7.11 -13.83
C TYR D 331 43.68 -8.18 -14.85
N ALA D 332 43.28 -7.94 -16.08
CA ALA D 332 43.56 -8.85 -17.19
C ALA D 332 44.43 -8.15 -18.22
N LYS D 333 45.00 -8.95 -19.12
CA LYS D 333 45.93 -8.46 -20.14
C LYS D 333 45.30 -8.20 -21.49
N ASP D 334 44.03 -8.51 -21.62
CA ASP D 334 43.32 -8.31 -22.87
C ASP D 334 41.85 -7.99 -22.50
N ASN D 335 41.07 -7.76 -23.55
CA ASN D 335 39.70 -7.33 -23.48
C ASN D 335 38.76 -8.43 -22.98
N VAL D 336 38.37 -8.30 -21.70
CA VAL D 336 37.39 -9.17 -21.08
C VAL D 336 36.05 -9.09 -21.82
N PHE D 337 35.67 -7.89 -22.29
CA PHE D 337 34.43 -7.71 -23.00
C PHE D 337 34.67 -7.90 -24.50
N PHE D 338 34.92 -9.16 -24.87
CA PHE D 338 35.35 -9.56 -26.22
C PHE D 338 34.37 -9.22 -27.34
N TRP D 339 33.08 -9.09 -27.01
CA TRP D 339 32.03 -8.71 -27.96
C TRP D 339 32.13 -7.24 -28.42
N TRP D 340 32.96 -6.44 -27.76
CA TRP D 340 33.32 -5.08 -28.18
C TRP D 340 34.79 -5.00 -28.55
N PRO D 341 35.13 -5.53 -29.74
CA PRO D 341 36.55 -5.66 -30.14
C PRO D 341 37.09 -4.31 -30.64
N ASP D 342 38.31 -4.30 -31.20
CA ASP D 342 38.88 -3.03 -31.66
C ASP D 342 38.29 -2.59 -33.00
N ALA D 343 38.81 -1.50 -33.56
CA ALA D 343 38.28 -0.93 -34.81
C ALA D 343 38.23 -1.89 -35.99
N ASN D 344 39.21 -2.81 -36.04
CA ASN D 344 39.30 -3.82 -37.10
C ASN D 344 38.72 -5.17 -36.71
N GLY D 345 37.89 -5.22 -35.66
CA GLY D 345 37.27 -6.46 -35.19
C GLY D 345 38.19 -7.40 -34.46
N LYS D 346 39.35 -6.92 -34.05
CA LYS D 346 40.35 -7.77 -33.41
C LYS D 346 40.10 -7.89 -31.91
N GLY D 347 40.19 -9.12 -31.40
CA GLY D 347 40.13 -9.33 -29.94
C GLY D 347 40.06 -10.80 -29.60
N PRO D 348 40.01 -11.13 -28.32
CA PRO D 348 40.03 -12.54 -27.90
C PRO D 348 38.72 -13.27 -28.18
N ARG D 349 38.73 -14.58 -27.96
CA ARG D 349 37.52 -15.43 -28.00
C ARG D 349 36.93 -15.62 -26.61
N PRO D 350 35.68 -16.13 -26.52
CA PRO D 350 35.06 -16.46 -25.24
C PRO D 350 35.89 -17.39 -24.39
N GLY D 351 36.00 -17.12 -23.10
CA GLY D 351 36.74 -17.98 -22.15
C GLY D 351 38.26 -18.02 -22.26
N GLU D 352 38.85 -17.15 -23.06
CA GLU D 352 40.29 -17.10 -23.26
C GLU D 352 40.97 -16.15 -22.26
N VAL D 353 40.34 -15.01 -21.94
CA VAL D 353 40.99 -14.02 -21.09
C VAL D 353 40.78 -14.35 -19.62
N GLU D 354 41.87 -14.42 -18.84
CA GLU D 354 41.81 -14.58 -17.38
C GLU D 354 42.10 -13.23 -16.74
N ALA D 355 41.46 -12.95 -15.61
CA ALA D 355 41.80 -11.79 -14.79
C ALA D 355 42.42 -12.27 -13.48
N HIS D 356 43.41 -11.53 -12.99
CA HIS D 356 44.13 -11.93 -11.80
C HIS D 356 44.15 -10.83 -10.75
N PHE D 357 44.37 -11.25 -9.51
CA PHE D 357 44.28 -10.35 -8.38
C PHE D 357 45.57 -9.58 -8.23
N ALA D 358 45.57 -8.33 -8.66
CA ALA D 358 46.76 -7.52 -8.81
C ALA D 358 46.88 -6.50 -7.71
N ASN D 359 48.11 -6.11 -7.40
CA ASN D 359 48.43 -5.02 -6.51
C ASN D 359 49.28 -4.01 -7.29
N PHE D 360 48.74 -2.81 -7.50
CA PHE D 360 49.47 -1.69 -8.08
C PHE D 360 49.90 -0.76 -6.98
N VAL D 361 51.11 -0.21 -7.08
CA VAL D 361 51.60 0.76 -6.11
C VAL D 361 51.63 2.13 -6.79
N LEU D 362 51.02 3.13 -6.18
CA LEU D 362 50.97 4.45 -6.76
C LEU D 362 51.41 5.48 -5.76
N ASP D 363 52.17 6.46 -6.24
CA ASP D 363 52.69 7.52 -5.38
C ASP D 363 52.25 8.82 -6.00
N TYR D 364 51.29 9.51 -5.39
CA TYR D 364 50.80 10.77 -5.92
C TYR D 364 51.91 11.83 -6.11
N GLN D 365 52.94 11.79 -5.27
CA GLN D 365 54.06 12.75 -5.36
C GLN D 365 54.98 12.50 -6.57
N SER D 366 55.03 11.26 -7.05
CA SER D 366 55.85 10.93 -8.22
C SER D 366 55.41 11.67 -9.49
N ASP D 367 56.39 12.06 -10.30
CA ASP D 367 56.14 12.65 -11.62
C ASP D 367 56.39 11.66 -12.74
N LYS D 368 56.84 10.45 -12.37
CA LYS D 368 57.01 9.36 -13.30
C LYS D 368 55.61 8.75 -13.58
N LEU D 369 55.09 8.95 -14.79
CA LEU D 369 53.76 8.47 -15.12
C LEU D 369 53.66 6.94 -15.37
N PRO D 370 54.59 6.34 -16.13
CA PRO D 370 54.49 4.87 -16.30
C PRO D 370 54.67 4.09 -14.98
N LEU D 371 53.89 3.02 -14.82
CA LEU D 371 53.88 2.18 -13.62
C LEU D 371 54.40 0.80 -13.97
N ALA D 372 55.01 0.13 -13.00
CA ALA D 372 55.50 -1.22 -13.24
C ALA D 372 54.33 -2.18 -13.32
N GLU D 373 54.59 -3.35 -13.92
CA GLU D 373 53.68 -4.46 -13.87
C GLU D 373 53.32 -4.67 -12.40
N PRO D 374 52.04 -4.98 -12.13
CA PRO D 374 51.65 -5.21 -10.74
C PRO D 374 52.19 -6.54 -10.20
N THR D 375 52.24 -6.69 -8.88
CA THR D 375 52.39 -8.02 -8.29
C THR D 375 51.00 -8.68 -8.17
N TYR D 376 50.99 -10.00 -8.02
CA TYR D 376 49.77 -10.77 -8.00
C TYR D 376 49.65 -11.50 -6.69
N LEU D 377 48.47 -11.44 -6.09
CA LEU D 377 48.29 -11.95 -4.72
C LEU D 377 48.01 -13.44 -4.71
N VAL D 378 47.41 -13.97 -5.76
CA VAL D 378 47.15 -15.40 -5.92
C VAL D 378 47.25 -15.71 -7.40
N ASP D 379 47.27 -16.98 -7.74
CA ASP D 379 47.28 -17.48 -9.13
C ASP D 379 45.92 -17.54 -9.81
N ASP D 380 44.83 -17.60 -9.05
CA ASP D 380 43.51 -18.01 -9.65
C ASP D 380 43.00 -17.00 -10.66
N ASP D 381 42.29 -17.49 -11.68
CA ASP D 381 41.43 -16.66 -12.54
C ASP D 381 40.26 -16.21 -11.64
N MET D 382 40.16 -14.91 -11.40
CA MET D 382 39.25 -14.42 -10.39
C MET D 382 38.52 -13.14 -10.80
N GLU D 383 37.50 -12.80 -10.04
CA GLU D 383 36.76 -11.53 -10.18
C GLU D 383 35.80 -11.38 -8.99
N PHE D 384 35.07 -10.27 -8.99
CA PHE D 384 34.07 -9.95 -7.95
C PHE D 384 34.61 -10.02 -6.53
N PRO D 385 35.70 -9.30 -6.25
CA PRO D 385 36.24 -9.35 -4.92
C PRO D 385 35.40 -8.53 -3.94
N ARG D 386 35.29 -9.05 -2.72
CA ARG D 386 34.71 -8.34 -1.58
C ARG D 386 35.66 -8.39 -0.41
N ILE D 387 35.59 -7.37 0.42
CA ILE D 387 36.32 -7.32 1.69
C ILE D 387 35.33 -7.14 2.82
N ASP D 388 35.85 -7.09 4.03
CA ASP D 388 35.06 -6.70 5.19
C ASP D 388 34.99 -5.19 5.10
N ASP D 389 33.80 -4.68 4.79
CA ASP D 389 33.64 -3.28 4.48
C ASP D 389 33.80 -2.37 5.69
N ARG D 390 33.95 -2.97 6.87
CA ARG D 390 34.37 -2.22 8.07
C ARG D 390 35.79 -1.65 7.96
N VAL D 391 36.59 -2.15 7.00
CA VAL D 391 37.90 -1.55 6.73
C VAL D 391 38.04 -0.95 5.33
N ALA D 392 36.93 -0.78 4.61
CA ALA D 392 36.96 -0.12 3.31
C ALA D 392 37.69 1.23 3.40
N THR D 393 38.57 1.47 2.43
CA THR D 393 39.41 2.67 2.35
C THR D 393 40.66 2.66 3.26
N ARG D 394 40.77 1.63 4.12
CA ARG D 394 41.88 1.42 5.05
C ARG D 394 42.51 0.07 4.75
N LYS D 395 43.60 -0.24 5.44
CA LYS D 395 44.28 -1.51 5.23
C LYS D 395 43.36 -2.68 5.53
N HIS D 396 43.27 -3.60 4.59
CA HIS D 396 42.45 -4.80 4.77
C HIS D 396 43.37 -5.99 4.70
N LYS D 397 42.97 -7.10 5.32
CA LYS D 397 43.76 -8.33 5.26
C LYS D 397 42.95 -9.57 4.94
N HIS D 398 41.69 -9.40 4.51
CA HIS D 398 40.88 -10.52 4.05
C HIS D 398 40.18 -10.07 2.76
N THR D 399 40.23 -10.91 1.74
CA THR D 399 39.45 -10.75 0.52
C THR D 399 38.73 -12.05 0.20
N PHE D 400 37.48 -11.95 -0.21
CA PHE D 400 36.70 -13.06 -0.71
C PHE D 400 36.42 -12.80 -2.19
N PHE D 401 36.52 -13.81 -3.04
CA PHE D 401 36.31 -13.56 -4.46
C PHE D 401 35.90 -14.78 -5.20
N CYS D 402 35.27 -14.56 -6.35
CA CYS D 402 34.91 -15.60 -7.27
C CYS D 402 36.17 -16.09 -7.96
N ILE D 403 36.19 -17.38 -8.27
CA ILE D 403 37.25 -17.99 -9.07
C ILE D 403 36.62 -18.83 -10.14
N PHE D 404 37.36 -18.99 -11.24
CA PHE D 404 36.97 -19.89 -12.30
C PHE D 404 38.15 -20.82 -12.58
N ASP D 405 37.98 -22.05 -12.17
CA ASP D 405 39.04 -23.05 -12.19
C ASP D 405 38.81 -24.05 -13.29
N ARG D 406 39.70 -24.08 -14.29
CA ARG D 406 39.63 -25.07 -15.38
C ARG D 406 40.28 -26.44 -15.03
N LYS D 407 40.85 -26.58 -13.84
CA LYS D 407 41.36 -27.88 -13.36
C LYS D 407 40.35 -28.99 -13.63
N PRO D 408 40.80 -30.12 -14.21
CA PRO D 408 39.79 -31.13 -14.63
C PRO D 408 38.87 -31.62 -13.52
N GLY D 409 37.56 -31.67 -13.81
CA GLY D 409 36.55 -32.10 -12.88
C GLY D 409 35.97 -31.13 -11.85
N VAL D 410 36.53 -29.95 -11.68
CA VAL D 410 35.87 -28.93 -10.82
C VAL D 410 34.48 -28.58 -11.39
N THR D 411 34.39 -28.31 -12.68
CA THR D 411 33.09 -28.18 -13.35
C THR D 411 32.95 -29.28 -14.39
N ASP D 412 31.79 -29.93 -14.40
CA ASP D 412 31.44 -30.90 -15.42
C ASP D 412 30.88 -30.10 -16.60
N PHE D 413 31.80 -29.60 -17.39
CA PHE D 413 31.48 -28.75 -18.55
C PHE D 413 30.58 -29.41 -19.59
N GLU D 414 30.77 -30.71 -19.79
CA GLU D 414 29.97 -31.45 -20.75
C GLU D 414 28.47 -31.43 -20.36
N PHE D 415 28.19 -31.46 -19.06
CA PHE D 415 26.81 -31.37 -18.55
C PHE D 415 26.34 -29.89 -18.48
N VAL D 416 27.18 -28.99 -17.97
CA VAL D 416 26.76 -27.61 -17.67
C VAL D 416 26.60 -26.78 -18.94
N MET D 417 27.61 -26.79 -19.81
CA MET D 417 27.62 -25.90 -21.00
C MET D 417 26.37 -25.93 -21.88
N PRO D 418 25.87 -27.13 -22.22
CA PRO D 418 24.64 -27.18 -23.01
C PRO D 418 23.39 -26.60 -22.32
N ARG D 419 23.42 -26.42 -21.00
CA ARG D 419 22.28 -25.88 -20.24
C ARG D 419 22.48 -24.43 -19.81
N ALA D 420 23.65 -23.88 -20.06
CA ALA D 420 24.04 -22.62 -19.46
C ALA D 420 23.61 -21.37 -20.22
N GLY D 421 23.40 -21.46 -21.52
CA GLY D 421 23.29 -20.26 -22.38
C GLY D 421 24.58 -19.47 -22.41
N GLY D 422 24.53 -18.25 -22.90
CA GLY D 422 25.73 -17.41 -23.03
C GLY D 422 25.55 -16.02 -22.51
N GLY D 423 26.61 -15.22 -22.57
CA GLY D 423 26.56 -13.79 -22.30
C GLY D 423 27.07 -13.33 -20.97
N ALA D 424 27.28 -14.27 -20.05
CA ALA D 424 27.62 -13.95 -18.67
C ALA D 424 28.86 -14.71 -18.23
N PRO D 425 29.61 -14.15 -17.29
CA PRO D 425 30.79 -14.86 -16.79
C PRO D 425 30.42 -16.05 -15.90
N MET D 426 31.35 -16.97 -15.75
CA MET D 426 31.19 -18.16 -14.94
C MET D 426 32.18 -18.14 -13.79
N SER D 427 31.67 -18.55 -12.64
CA SER D 427 32.44 -18.74 -11.44
C SER D 427 32.11 -20.12 -10.88
N ASN D 428 33.11 -20.93 -10.55
CA ASN D 428 32.85 -22.28 -10.01
C ASN D 428 33.41 -22.44 -8.60
N GLY D 429 33.65 -21.32 -7.96
CA GLY D 429 34.03 -21.34 -6.55
C GLY D 429 34.18 -19.96 -5.98
N LEU D 430 34.30 -19.90 -4.66
CA LEU D 430 34.75 -18.69 -3.97
C LEU D 430 36.04 -19.02 -3.30
N ALA D 431 36.89 -18.01 -3.15
CA ALA D 431 38.13 -18.13 -2.42
C ALA D 431 38.17 -17.09 -1.35
N HIS D 432 38.79 -17.45 -0.22
CA HIS D 432 39.06 -16.51 0.84
C HIS D 432 40.60 -16.48 0.99
N LEU D 433 41.19 -15.31 0.78
CA LEU D 433 42.60 -15.07 1.01
C LEU D 433 42.78 -14.33 2.34
N ASN D 434 43.59 -14.90 3.24
CA ASN D 434 44.10 -14.16 4.40
C ASN D 434 45.42 -13.55 3.93
N HIS D 435 45.50 -12.23 3.89
CA HIS D 435 46.69 -11.55 3.37
C HIS D 435 47.89 -11.58 4.33
N GLU D 436 47.67 -11.68 5.64
CA GLU D 436 48.78 -11.77 6.63
C GLU D 436 49.50 -13.08 6.48
N THR D 437 48.75 -14.19 6.51
CA THR D 437 49.32 -15.53 6.49
C THR D 437 49.54 -16.08 5.09
N GLY D 438 48.80 -15.57 4.11
CA GLY D 438 48.77 -16.15 2.74
C GLY D 438 47.92 -17.42 2.57
N ASP D 439 47.28 -17.91 3.63
CA ASP D 439 46.35 -19.07 3.51
C ASP D 439 45.14 -18.71 2.58
N ILE D 440 44.76 -19.66 1.74
CA ILE D 440 43.62 -19.54 0.87
C ILE D 440 42.71 -20.72 1.17
N GLN D 441 41.45 -20.43 1.47
CA GLN D 441 40.43 -21.49 1.49
C GLN D 441 39.48 -21.31 0.28
N ARG D 442 39.04 -22.42 -0.28
CA ARG D 442 38.17 -22.44 -1.44
C ARG D 442 36.88 -23.22 -1.14
N TYR D 443 35.75 -22.60 -1.50
CA TYR D 443 34.44 -23.22 -1.48
C TYR D 443 34.10 -23.62 -2.91
N LEU D 444 33.84 -24.90 -3.14
CA LEU D 444 33.45 -25.42 -4.42
C LEU D 444 32.03 -25.96 -4.28
N PRO D 445 31.02 -25.28 -4.84
CA PRO D 445 29.66 -25.79 -4.64
C PRO D 445 29.37 -27.14 -5.26
N GLY D 446 30.15 -27.54 -6.27
CA GLY D 446 30.01 -28.86 -6.85
C GLY D 446 30.14 -28.80 -8.36
N PRO D 447 30.23 -29.97 -9.01
CA PRO D 447 30.56 -30.01 -10.43
C PRO D 447 29.49 -29.51 -11.36
N ARG D 448 28.25 -29.43 -10.91
CA ARG D 448 27.15 -28.96 -11.75
C ARG D 448 26.49 -27.70 -11.17
N LYS D 449 27.26 -26.95 -10.41
CA LYS D 449 26.84 -25.66 -9.87
C LYS D 449 27.88 -24.58 -10.17
N LEU D 450 27.40 -23.36 -10.36
CA LEU D 450 28.22 -22.15 -10.49
C LEU D 450 27.69 -21.07 -9.55
N THR D 451 28.49 -20.04 -9.28
CA THR D 451 28.21 -19.07 -8.22
C THR D 451 28.06 -17.66 -8.78
N GLY D 452 27.39 -16.79 -7.99
CA GLY D 452 27.42 -15.36 -8.20
C GLY D 452 28.47 -14.69 -7.31
N GLU D 453 28.37 -13.37 -7.17
CA GLU D 453 29.18 -12.59 -6.25
C GLU D 453 28.73 -12.83 -4.82
N CYS D 454 29.69 -12.97 -3.91
CA CYS D 454 29.34 -13.27 -2.52
C CYS D 454 29.12 -11.98 -1.72
N ILE D 455 28.49 -12.13 -0.54
CA ILE D 455 28.48 -11.07 0.47
C ILE D 455 29.13 -11.60 1.74
N PHE D 456 29.67 -10.69 2.52
CA PHE D 456 30.23 -10.97 3.82
C PHE D 456 29.40 -10.29 4.91
N ILE D 457 29.14 -11.03 5.99
CA ILE D 457 28.36 -10.58 7.12
C ILE D 457 29.18 -10.75 8.40
N PRO D 458 29.51 -9.64 9.10
CA PRO D 458 30.22 -9.77 10.40
C PRO D 458 29.46 -10.68 11.36
N ARG D 459 30.16 -11.52 12.09
CA ARG D 459 29.47 -12.41 13.05
C ARG D 459 28.56 -11.66 14.04
N ASN D 460 29.04 -10.52 14.48
CA ASN D 460 28.34 -9.64 15.43
C ASN D 460 29.15 -8.36 15.43
N SER D 461 28.75 -7.35 16.19
CA SER D 461 29.47 -6.07 16.13
C SER D 461 30.88 -6.07 16.77
N GLU D 462 31.26 -7.12 17.48
CA GLU D 462 32.61 -7.26 18.06
C GLU D 462 33.49 -8.22 17.29
N ALA D 463 33.00 -8.77 16.19
CA ALA D 463 33.78 -9.72 15.41
C ALA D 463 35.07 -9.09 14.82
N ALA D 464 36.11 -9.93 14.75
CA ALA D 464 37.36 -9.55 14.09
C ALA D 464 37.10 -9.38 12.60
N GLU D 465 38.02 -8.68 11.94
CA GLU D 465 37.93 -8.49 10.49
C GLU D 465 37.78 -9.84 9.81
N GLY D 466 36.80 -9.94 8.92
CA GLY D 466 36.65 -11.14 8.12
C GLY D 466 36.07 -12.34 8.84
N ASP D 467 35.63 -12.17 10.08
CA ASP D 467 35.05 -13.26 10.85
C ASP D 467 33.52 -13.15 10.83
N GLY D 468 32.86 -14.16 10.26
CA GLY D 468 31.41 -14.20 10.25
C GLY D 468 30.90 -15.15 9.20
N TYR D 469 29.97 -14.65 8.37
CA TYR D 469 29.32 -15.50 7.37
C TYR D 469 29.47 -14.98 5.97
N VAL D 470 29.43 -15.90 5.02
CA VAL D 470 29.48 -15.58 3.60
C VAL D 470 28.23 -16.20 3.00
N MET D 471 27.53 -15.42 2.17
CA MET D 471 26.43 -15.95 1.39
C MET D 471 26.72 -15.80 -0.09
N VAL D 472 26.20 -16.74 -0.87
CA VAL D 472 26.39 -16.69 -2.28
C VAL D 472 25.28 -17.47 -2.96
N LEU D 473 24.77 -16.90 -4.05
CA LEU D 473 23.74 -17.53 -4.83
C LEU D 473 24.37 -18.49 -5.80
N LEU D 474 23.82 -19.70 -5.85
CA LEU D 474 24.29 -20.74 -6.76
C LEU D 474 23.28 -20.99 -7.85
N ALA D 475 23.77 -21.26 -9.05
CA ALA D 475 22.98 -21.83 -10.13
C ALA D 475 23.22 -23.32 -10.13
N ASN D 476 22.15 -24.10 -9.92
CA ASN D 476 22.22 -25.55 -9.98
C ASN D 476 21.72 -26.05 -11.30
N TYR D 477 22.64 -26.49 -12.16
CA TYR D 477 22.28 -26.89 -13.53
C TYR D 477 21.63 -28.26 -13.57
N GLU D 478 21.77 -29.07 -12.52
CA GLU D 478 21.05 -30.37 -12.47
C GLU D 478 19.55 -30.15 -12.28
N ASP D 479 19.19 -29.31 -11.31
CA ASP D 479 17.79 -29.00 -11.00
C ASP D 479 17.22 -27.88 -11.85
N MET D 480 18.09 -27.09 -12.50
CA MET D 480 17.74 -25.82 -13.14
C MET D 480 16.98 -24.93 -12.13
N CYS D 481 17.51 -24.84 -10.93
CA CYS D 481 17.00 -23.97 -9.85
C CYS D 481 18.16 -23.22 -9.25
N SER D 482 17.85 -22.18 -8.49
CA SER D 482 18.86 -21.47 -7.74
C SER D 482 18.85 -21.88 -6.27
N GLU D 483 19.98 -21.66 -5.61
CA GLU D 483 20.15 -21.95 -4.20
C GLU D 483 20.94 -20.85 -3.56
N LEU D 484 20.73 -20.60 -2.28
CA LEU D 484 21.50 -19.62 -1.55
C LEU D 484 22.26 -20.35 -0.44
N ALA D 485 23.59 -20.36 -0.56
CA ALA D 485 24.48 -21.03 0.38
C ALA D 485 24.89 -20.07 1.44
N VAL D 486 24.92 -20.54 2.68
CA VAL D 486 25.42 -19.80 3.81
C VAL D 486 26.62 -20.57 4.36
N LEU D 487 27.74 -19.86 4.52
CA LEU D 487 29.03 -20.41 4.89
C LEU D 487 29.56 -19.66 6.12
N ASP D 488 30.28 -20.36 6.98
CA ASP D 488 30.96 -19.75 8.12
C ASP D 488 32.41 -19.56 7.70
N THR D 489 32.96 -18.36 7.91
CA THR D 489 34.35 -18.08 7.54
C THR D 489 35.39 -18.97 8.27
N LYS D 490 35.03 -19.55 9.41
CA LYS D 490 35.92 -20.49 10.09
C LYS D 490 36.17 -21.74 9.26
N ASP D 491 35.25 -22.14 8.39
CA ASP D 491 35.50 -23.20 7.40
C ASP D 491 34.64 -22.95 6.17
N LEU D 492 35.23 -22.28 5.19
CA LEU D 492 34.54 -21.87 4.00
C LEU D 492 34.17 -23.03 3.09
N THR D 493 34.80 -24.18 3.27
CA THR D 493 34.48 -25.36 2.43
C THR D 493 33.14 -26.03 2.74
N ASN D 494 32.55 -25.73 3.91
CA ASN D 494 31.32 -26.38 4.34
C ASN D 494 30.13 -25.39 4.33
N GLU D 495 29.04 -25.80 3.71
CA GLU D 495 27.79 -25.09 3.76
C GLU D 495 27.14 -25.32 5.11
N VAL D 496 26.94 -24.27 5.87
CA VAL D 496 26.15 -24.35 7.08
C VAL D 496 24.66 -24.53 6.75
N ALA D 497 24.21 -23.88 5.69
CA ALA D 497 22.83 -24.00 5.24
C ALA D 497 22.78 -23.89 3.72
N LEU D 498 21.79 -24.51 3.12
CA LEU D 498 21.58 -24.36 1.70
C LEU D 498 20.11 -24.09 1.54
N ILE D 499 19.80 -22.89 1.08
CA ILE D 499 18.42 -22.47 0.92
C ILE D 499 18.02 -22.80 -0.52
N LYS D 500 16.93 -23.55 -0.68
CA LYS D 500 16.59 -24.17 -1.97
C LYS D 500 15.45 -23.43 -2.62
N LEU D 501 15.74 -22.62 -3.62
CA LEU D 501 14.67 -21.93 -4.36
C LEU D 501 14.08 -22.87 -5.40
N PRO D 502 12.77 -22.79 -5.63
CA PRO D 502 12.13 -23.65 -6.64
C PRO D 502 12.04 -22.97 -8.02
N VAL D 503 12.65 -21.82 -8.15
CA VAL D 503 12.73 -21.08 -9.42
C VAL D 503 14.20 -20.76 -9.69
N ARG D 504 14.47 -20.34 -10.92
CA ARG D 504 15.78 -19.81 -11.29
C ARG D 504 15.81 -18.33 -11.06
N LEU D 505 16.87 -17.88 -10.43
CA LEU D 505 17.31 -16.52 -10.48
C LEU D 505 18.48 -16.52 -11.47
N ARG D 506 18.22 -15.89 -12.59
CA ARG D 506 19.16 -15.76 -13.66
C ARG D 506 20.46 -15.10 -13.17
N PRO D 507 21.59 -15.52 -13.71
CA PRO D 507 22.85 -14.88 -13.33
C PRO D 507 22.78 -13.36 -13.26
N GLY D 508 23.33 -12.83 -12.18
CA GLY D 508 23.17 -11.44 -11.82
C GLY D 508 24.47 -10.71 -11.61
N LEU D 509 24.36 -9.50 -11.12
CA LEU D 509 25.51 -8.66 -10.89
C LEU D 509 25.71 -8.47 -9.39
N HIS D 510 25.70 -7.24 -8.88
CA HIS D 510 26.19 -7.01 -7.52
C HIS D 510 25.07 -7.11 -6.46
N GLY D 511 25.50 -7.26 -5.22
CA GLY D 511 24.61 -7.41 -4.09
C GLY D 511 25.27 -6.97 -2.82
N ASN D 512 24.45 -6.72 -1.80
CA ASN D 512 24.90 -6.14 -0.54
C ASN D 512 24.06 -6.67 0.64
N TRP D 513 24.71 -6.74 1.79
CA TRP D 513 24.06 -7.08 3.05
C TRP D 513 23.70 -5.81 3.77
N VAL D 514 22.48 -5.74 4.28
CA VAL D 514 22.05 -4.65 5.15
C VAL D 514 21.68 -5.31 6.49
N ASP D 515 22.54 -5.13 7.47
CA ASP D 515 22.37 -5.78 8.75
C ASP D 515 21.32 -5.03 9.57
N LYS D 516 20.43 -5.78 10.21
CA LYS D 516 19.38 -5.17 11.03
C LYS D 516 19.91 -4.31 12.19
N SER D 517 21.08 -4.66 12.74
CA SER D 517 21.64 -3.92 13.88
C SER D 517 22.37 -2.62 13.49
N ASP D 518 22.47 -2.30 12.21
CA ASP D 518 23.16 -1.07 11.76
C ASP D 518 22.11 -0.01 11.44
N VAL D 519 22.05 1.01 12.26
CA VAL D 519 21.05 2.05 12.12
C VAL D 519 21.04 2.69 10.69
N ASP D 520 22.19 3.02 10.14
CA ASP D 520 22.29 3.61 8.79
C ASP D 520 22.51 2.54 7.70
N GLY D 521 22.41 1.28 8.05
CA GLY D 521 22.48 0.17 7.10
C GLY D 521 23.88 -0.31 6.73
N HIS D 522 24.92 0.35 7.25
CA HIS D 522 26.31 0.00 6.99
C HIS D 522 27.04 -0.35 8.29
N PRO D 523 27.99 -1.30 8.25
CA PRO D 523 28.62 -1.72 9.49
C PRO D 523 29.55 -0.69 10.13
N ALA D 524 29.73 -0.81 11.44
CA ALA D 524 30.57 0.13 12.22
C ALA D 524 32.06 -0.13 11.94
N PRO D 525 32.91 0.92 12.03
CA PRO D 525 34.33 0.71 11.80
C PRO D 525 34.94 -0.17 12.86
N LEU D 526 35.96 -0.93 12.46
CA LEU D 526 36.81 -1.64 13.39
C LEU D 526 37.79 -0.61 13.89
#